data_6XJ9
#
_entry.id   6XJ9
#
_cell.length_a   73.240
_cell.length_b   76.260
_cell.length_c   269.860
_cell.angle_alpha   90.000
_cell.angle_beta   90.000
_cell.angle_gamma   90.000
#
_symmetry.space_group_name_H-M   'P 21 21 21'
#
loop_
_entity.id
_entity.type
_entity.pdbx_description
1 polymer Agarase
2 non-polymer 1,2-ETHANEDIOL
3 water water
#
_entity_poly.entity_id   1
_entity_poly.type   'polypeptide(L)'
_entity_poly.pdbx_seq_one_letter_code
;MGSSHHHHHHSSGLVPRGSHMASSTNTLMYLFADDTHHTATSVDYQSNSAIVKNENSVLNVQFQSKKNSYASIVFSPEKP
WDWSEFNDFNLAFELANPGTHSVQIYLDISDIDGANYTRSVNVPVGGYNTYYAKLDGHDLATPDGKENVELNFTSGLRSN
PDTWESDEVQFISMWGKKNLNLKGIAKIAISVQSTLHDKELAIKSISLRKNPQFNTAFLTKIVDEFGQNAKQEFAGKVHS
EAELLSDKKQEATQLLSKRPTNRSRFGGWAEGPKLEATGYFRTAKYNDKWSLVDPDGYLYLATGIDIIRLANSTTLTGYD
FDQALLAKPADAGVTPEDSKGLNQVNKEALKSRFVASQVRKNLFEWLPDYSDTLGKHFGYRKSAHSGPLEHGETYSFYAA
NLERKYGQNNADYMQKWREVTLDRMITWGFSSLGNWTDPSYYDNQKVPYFANGWIIGDFKTVSSGNDFWGAMPDVFDPEF
TVRANETVSVVAKEVKNSPWAVGVFIDNEKSFGRPDSVKSHYGIVINTLGRDAKTVPTKAEFSRLMKEKYTDVAELNKVW
HLNLASWAEFDKGVTIDIKNEEQLVDFSILLTAYADKYFSVVNAAMDKYLPNHMYLGARFPDWGMPIEVVKASAKYVDVI
SFNAYKEGLRDDKWAFLSQFDKPAIIGEFHVGSSDSGLFHPGLIHAANQQDRANMYTDYMNSVIDNPYFIGAHWFQYIDS
PITGRAYDGENYNVGFISVTDRPYIEMIEAAKAMNESMYERRFKK
;
_entity_poly.pdbx_strand_id   A,B
#
loop_
_chem_comp.id
_chem_comp.type
_chem_comp.name
_chem_comp.formula
EDO non-polymer 1,2-ETHANEDIOL 'C2 H6 O2'
#
# COMPACT_ATOMS: atom_id res chain seq x y z
N PHE A 32 26.10 -2.96 -25.70
CA PHE A 32 26.79 -1.91 -24.90
C PHE A 32 27.64 -2.54 -23.81
N ALA A 33 27.57 -3.88 -23.71
CA ALA A 33 28.27 -4.62 -22.67
C ALA A 33 29.76 -4.74 -23.01
N ASP A 34 30.61 -4.46 -22.03
CA ASP A 34 32.06 -4.47 -22.17
C ASP A 34 32.61 -5.87 -21.94
N ASP A 35 32.11 -6.52 -20.88
CA ASP A 35 32.70 -7.72 -20.33
C ASP A 35 31.69 -8.33 -19.36
N THR A 36 31.53 -9.65 -19.40
CA THR A 36 30.70 -10.37 -18.46
C THR A 36 31.58 -10.89 -17.31
N HIS A 37 31.04 -10.84 -16.08
CA HIS A 37 31.71 -11.42 -14.92
C HIS A 37 31.03 -12.71 -14.51
N HIS A 38 29.69 -12.73 -14.60
CA HIS A 38 28.91 -13.94 -14.42
C HIS A 38 27.80 -13.95 -15.45
N THR A 39 27.70 -15.06 -16.19
CA THR A 39 26.60 -15.33 -17.11
C THR A 39 26.63 -16.80 -17.53
N THR A 41 29.70 -17.55 -18.76
CA THR A 41 30.89 -17.12 -17.98
C THR A 41 30.65 -17.41 -16.50
N SER A 42 31.68 -17.94 -15.83
CA SER A 42 31.64 -18.24 -14.41
C SER A 42 32.70 -17.40 -13.67
N VAL A 43 32.49 -17.21 -12.37
CA VAL A 43 33.53 -16.60 -11.53
C VAL A 43 33.49 -17.23 -10.15
N ASP A 44 34.62 -17.17 -9.44
CA ASP A 44 34.70 -17.80 -8.14
C ASP A 44 34.04 -16.91 -7.10
N TYR A 45 33.24 -17.55 -6.24
CA TYR A 45 32.57 -16.85 -5.15
C TYR A 45 32.66 -17.69 -3.89
N GLN A 46 32.50 -17.01 -2.74
CA GLN A 46 32.39 -17.62 -1.43
C GLN A 46 31.16 -17.02 -0.74
N SER A 47 30.56 -17.81 0.15
CA SER A 47 29.36 -17.35 0.86
C SER A 47 29.63 -17.28 2.36
N ASN A 48 28.78 -16.51 3.06
CA ASN A 48 28.90 -16.26 4.48
C ASN A 48 27.50 -16.20 5.05
N SER A 49 27.11 -17.23 5.83
CA SER A 49 25.75 -17.36 6.33
C SER A 49 24.77 -17.26 5.16
N ALA A 50 25.11 -17.89 4.04
CA ALA A 50 24.27 -17.86 2.85
C ALA A 50 24.48 -19.14 2.06
N ILE A 51 23.37 -19.77 1.67
CA ILE A 51 23.41 -20.97 0.84
C ILE A 51 23.22 -20.54 -0.62
N VAL A 52 24.23 -20.84 -1.44
CA VAL A 52 24.21 -20.54 -2.87
C VAL A 52 24.10 -21.84 -3.67
N LYS A 53 23.09 -21.91 -4.53
CA LYS A 53 22.99 -23.03 -5.46
C LYS A 53 22.85 -22.51 -6.89
N ASN A 54 23.62 -23.11 -7.79
CA ASN A 54 23.65 -22.76 -9.21
C ASN A 54 22.53 -23.50 -9.92
N GLU A 55 21.29 -23.09 -9.64
CA GLU A 55 20.10 -23.67 -10.26
C GLU A 55 19.96 -23.10 -11.68
N ASN A 56 19.93 -24.01 -12.66
CA ASN A 56 20.17 -23.70 -14.06
C ASN A 56 21.47 -22.91 -14.20
N SER A 57 21.40 -21.67 -14.72
CA SER A 57 22.58 -20.84 -14.88
C SER A 57 22.54 -19.66 -13.91
N VAL A 58 21.60 -19.70 -12.95
CA VAL A 58 21.37 -18.59 -12.04
C VAL A 58 21.92 -18.96 -10.66
N LEU A 59 22.50 -17.97 -9.96
CA LEU A 59 22.88 -18.17 -8.58
C LEU A 59 21.70 -17.79 -7.69
N ASN A 60 21.09 -18.79 -7.06
CA ASN A 60 20.04 -18.53 -6.08
C ASN A 60 20.70 -18.51 -4.70
N VAL A 61 20.51 -17.40 -3.99
CA VAL A 61 21.20 -17.13 -2.75
C VAL A 61 20.14 -17.01 -1.67
N GLN A 62 20.20 -17.92 -0.68
CA GLN A 62 19.35 -17.83 0.51
C GLN A 62 20.17 -17.33 1.68
N PHE A 63 20.07 -16.03 1.95
CA PHE A 63 20.79 -15.38 3.04
C PHE A 63 20.16 -15.82 4.36
N GLN A 64 20.99 -16.33 5.27
CA GLN A 64 20.46 -16.82 6.54
C GLN A 64 20.45 -15.64 7.52
N SER A 65 19.68 -14.61 7.15
CA SER A 65 19.77 -13.29 7.76
C SER A 65 18.87 -13.18 9.00
N LYS A 66 17.97 -14.15 9.20
CA LYS A 66 17.20 -14.21 10.42
C LYS A 66 18.13 -14.46 11.61
N LYS A 67 19.04 -15.43 11.45
CA LYS A 67 19.88 -15.90 12.55
C LYS A 67 21.21 -15.14 12.56
N ASN A 68 21.59 -14.57 11.42
CA ASN A 68 22.91 -13.97 11.29
C ASN A 68 22.75 -12.54 10.79
N SER A 69 23.34 -11.59 11.53
CA SER A 69 23.13 -10.16 11.31
C SER A 69 23.93 -9.70 10.10
N TYR A 70 24.89 -10.53 9.69
CA TYR A 70 25.61 -10.32 8.44
C TYR A 70 25.60 -11.63 7.64
N ALA A 71 25.10 -11.56 6.41
CA ALA A 71 25.17 -12.66 5.45
C ALA A 71 25.64 -12.10 4.11
N SER A 72 26.35 -12.91 3.31
CA SER A 72 26.90 -12.37 2.08
C SER A 72 27.26 -13.45 1.06
N ILE A 73 27.33 -13.01 -0.21
CA ILE A 73 28.05 -13.74 -1.25
C ILE A 73 29.16 -12.81 -1.72
N VAL A 74 30.37 -13.36 -1.80
CA VAL A 74 31.55 -12.58 -2.15
C VAL A 74 32.13 -13.17 -3.43
N PHE A 75 32.19 -12.34 -4.48
CA PHE A 75 32.84 -12.71 -5.72
C PHE A 75 34.28 -12.18 -5.68
N SER A 76 35.24 -13.12 -5.80
CA SER A 76 36.65 -12.79 -5.79
C SER A 76 37.39 -13.62 -6.84
N PRO A 77 38.17 -12.99 -7.75
CA PRO A 77 38.96 -13.74 -8.73
C PRO A 77 40.28 -14.21 -8.11
N GLU A 78 41.01 -15.06 -8.84
CA GLU A 78 42.32 -15.53 -8.40
C GLU A 78 43.25 -14.34 -8.27
N LYS A 79 43.31 -13.52 -9.33
CA LYS A 79 44.05 -12.28 -9.32
C LYS A 79 43.08 -11.11 -9.38
N PRO A 80 43.34 -10.01 -8.64
CA PRO A 80 42.49 -8.82 -8.68
C PRO A 80 42.15 -8.34 -10.10
N TRP A 81 40.86 -8.07 -10.34
CA TRP A 81 40.38 -7.59 -11.63
C TRP A 81 41.10 -6.28 -11.98
N ASP A 82 41.58 -6.20 -13.22
CA ASP A 82 42.18 -4.98 -13.75
C ASP A 82 41.21 -4.41 -14.78
N TRP A 83 40.63 -3.25 -14.46
CA TRP A 83 39.62 -2.64 -15.30
C TRP A 83 40.07 -1.26 -15.75
N SER A 84 41.37 -0.98 -15.58
CA SER A 84 42.06 0.24 -15.99
C SER A 84 41.71 0.61 -17.43
N GLU A 85 41.60 -0.42 -18.27
CA GLU A 85 41.43 -0.30 -19.72
C GLU A 85 40.03 0.20 -20.07
N PHE A 86 39.14 0.27 -19.07
CA PHE A 86 37.78 0.74 -19.32
C PHE A 86 37.62 2.17 -18.82
N ASN A 87 36.73 2.91 -19.48
CA ASN A 87 36.40 4.27 -19.07
C ASN A 87 34.91 4.49 -19.30
N ASP A 88 34.32 5.36 -18.47
CA ASP A 88 32.93 5.79 -18.64
C ASP A 88 32.01 4.57 -18.61
N PHE A 89 32.13 3.77 -17.54
CA PHE A 89 31.48 2.47 -17.53
C PHE A 89 30.78 2.23 -16.19
N ASN A 90 29.92 1.21 -16.16
CA ASN A 90 29.21 0.82 -14.96
C ASN A 90 29.26 -0.69 -14.77
N LEU A 91 29.05 -1.10 -13.53
CA LEU A 91 28.96 -2.49 -13.12
C LEU A 91 27.49 -2.82 -12.88
N ALA A 92 26.99 -3.86 -13.55
CA ALA A 92 25.56 -4.10 -13.60
C ALA A 92 25.23 -5.51 -13.13
N PHE A 93 24.15 -5.62 -12.33
CA PHE A 93 23.69 -6.91 -11.83
C PHE A 93 22.25 -7.13 -12.28
N GLU A 94 21.98 -8.31 -12.85
CA GLU A 94 20.62 -8.69 -13.18
C GLU A 94 20.08 -9.60 -12.07
N LEU A 95 19.07 -9.08 -11.35
CA LEU A 95 18.67 -9.62 -10.06
C LEU A 95 17.17 -9.80 -9.98
N ALA A 96 16.75 -10.95 -9.46
CA ALA A 96 15.36 -11.18 -9.07
C ALA A 96 15.32 -11.51 -7.58
N ASN A 97 14.11 -11.57 -7.03
CA ASN A 97 13.96 -11.90 -5.62
C ASN A 97 12.79 -12.87 -5.47
N PRO A 98 13.04 -14.19 -5.36
CA PRO A 98 11.98 -15.18 -5.18
C PRO A 98 11.50 -15.34 -3.73
N GLY A 99 11.99 -14.49 -2.83
CA GLY A 99 11.65 -14.52 -1.41
C GLY A 99 10.29 -13.87 -1.15
N THR A 100 9.95 -13.67 0.13
CA THR A 100 8.65 -13.16 0.50
C THR A 100 8.77 -11.70 0.97
N HIS A 101 10.01 -11.26 1.20
CA HIS A 101 10.29 -9.89 1.61
C HIS A 101 11.23 -9.25 0.60
N SER A 102 11.09 -7.94 0.42
CA SER A 102 12.06 -7.13 -0.32
C SER A 102 13.42 -7.20 0.39
N VAL A 103 14.50 -7.03 -0.36
CA VAL A 103 15.82 -7.13 0.21
C VAL A 103 16.62 -5.88 -0.16
N GLN A 104 17.09 -5.17 0.88
CA GLN A 104 18.10 -4.15 0.73
C GLN A 104 19.46 -4.85 0.73
N ILE A 105 20.11 -4.87 -0.44
CA ILE A 105 21.45 -5.41 -0.55
C ILE A 105 22.46 -4.27 -0.38
N TYR A 106 23.60 -4.61 0.21
CA TYR A 106 24.74 -3.72 0.27
C TYR A 106 25.76 -4.25 -0.72
N LEU A 107 26.28 -3.34 -1.55
CA LEU A 107 27.28 -3.69 -2.54
C LEU A 107 28.60 -3.04 -2.12
N ASP A 108 29.54 -3.87 -1.67
CA ASP A 108 30.86 -3.40 -1.29
C ASP A 108 31.88 -3.88 -2.31
N ILE A 109 32.65 -2.92 -2.85
CA ILE A 109 33.74 -3.17 -3.77
C ILE A 109 35.02 -2.71 -3.09
N SER A 110 36.02 -3.60 -3.05
CA SER A 110 37.28 -3.40 -2.36
C SER A 110 38.44 -3.56 -3.33
N ASP A 111 39.49 -2.73 -3.16
CA ASP A 111 40.62 -2.71 -4.07
C ASP A 111 41.86 -3.29 -3.38
N ILE A 112 42.95 -3.40 -4.17
CA ILE A 112 44.20 -4.05 -3.80
C ILE A 112 44.84 -3.32 -2.62
N ASP A 113 44.41 -2.07 -2.38
CA ASP A 113 45.03 -1.21 -1.39
C ASP A 113 44.30 -1.38 -0.04
N GLY A 114 43.14 -2.04 -0.07
CA GLY A 114 42.35 -2.23 1.12
C GLY A 114 41.28 -1.15 1.32
N ALA A 115 41.15 -0.26 0.32
CA ALA A 115 40.05 0.70 0.29
C ALA A 115 38.75 -0.04 -0.04
N ASN A 116 37.62 0.47 0.48
CA ASN A 116 36.32 -0.16 0.29
C ASN A 116 35.28 0.92 0.07
N TYR A 117 34.28 0.63 -0.77
CA TYR A 117 33.13 1.52 -0.90
C TYR A 117 31.82 0.74 -0.87
N THR A 118 30.83 1.32 -0.17
CA THR A 118 29.52 0.71 0.05
C THR A 118 28.45 1.45 -0.74
N ARG A 119 27.72 0.71 -1.60
CA ARG A 119 26.48 1.14 -2.23
C ARG A 119 25.35 0.24 -1.73
N SER A 120 24.10 0.64 -1.95
CA SER A 120 22.93 -0.11 -1.48
C SER A 120 21.72 0.12 -2.39
N VAL A 121 20.86 -0.90 -2.50
CA VAL A 121 19.62 -0.76 -3.25
C VAL A 121 18.61 -1.77 -2.72
N ASN A 122 17.31 -1.47 -2.90
CA ASN A 122 16.28 -2.44 -2.60
C ASN A 122 15.97 -3.25 -3.85
N VAL A 123 15.84 -4.58 -3.68
CA VAL A 123 15.40 -5.50 -4.71
C VAL A 123 14.03 -6.03 -4.32
N PRO A 124 12.94 -5.50 -4.94
CA PRO A 124 11.57 -5.96 -4.68
C PRO A 124 11.41 -7.45 -4.96
N VAL A 125 10.45 -8.06 -4.26
CA VAL A 125 9.96 -9.40 -4.55
C VAL A 125 9.48 -9.41 -5.99
N GLY A 126 9.96 -10.39 -6.78
CA GLY A 126 9.57 -10.46 -8.18
C GLY A 126 10.75 -10.79 -9.09
N GLY A 127 10.55 -10.56 -10.40
CA GLY A 127 11.48 -11.02 -11.42
C GLY A 127 12.66 -10.08 -11.62
N TYR A 128 13.25 -10.14 -12.81
CA TYR A 128 14.58 -9.60 -13.04
C TYR A 128 14.53 -8.14 -13.45
N ASN A 129 15.42 -7.36 -12.83
CA ASN A 129 15.67 -5.97 -13.16
C ASN A 129 17.18 -5.76 -13.15
N THR A 130 17.63 -4.67 -13.78
CA THR A 130 19.05 -4.34 -13.78
C THR A 130 19.33 -3.24 -12.76
N TYR A 131 20.35 -3.50 -11.94
CA TYR A 131 20.84 -2.59 -10.92
C TYR A 131 22.28 -2.25 -11.27
N TYR A 132 22.58 -0.96 -11.36
CA TYR A 132 23.90 -0.57 -11.85
C TYR A 132 24.56 0.44 -10.91
N ALA A 133 25.89 0.43 -10.94
CA ALA A 133 26.71 1.37 -10.20
C ALA A 133 27.80 1.88 -11.13
N LYS A 134 27.79 3.19 -11.41
CA LYS A 134 28.79 3.81 -12.27
C LYS A 134 30.14 3.77 -11.55
N LEU A 135 31.18 3.28 -12.24
CA LEU A 135 32.48 3.16 -11.61
C LEU A 135 33.41 4.27 -12.09
N ASP A 136 33.05 4.87 -13.24
CA ASP A 136 33.83 5.92 -13.87
C ASP A 136 32.94 6.71 -14.82
N GLY A 137 33.18 8.02 -14.89
CA GLY A 137 32.51 8.87 -15.87
C GLY A 137 31.29 9.57 -15.27
N HIS A 138 30.65 10.41 -16.10
CA HIS A 138 29.42 11.11 -15.74
C HIS A 138 29.65 11.99 -14.51
N ASP A 139 28.78 11.86 -13.49
CA ASP A 139 28.81 12.76 -12.35
C ASP A 139 29.94 12.43 -11.38
N LEU A 140 30.48 11.21 -11.47
CA LEU A 140 31.58 10.75 -10.62
C LEU A 140 32.82 11.59 -10.88
N ALA A 141 33.05 11.94 -12.16
CA ALA A 141 34.21 12.69 -12.60
C ALA A 141 34.11 14.15 -12.12
N PHE A 153 29.46 14.92 -3.64
CA PHE A 153 28.95 15.56 -4.88
C PHE A 153 29.09 17.09 -4.81
N THR A 154 29.55 17.68 -5.92
CA THR A 154 29.60 19.12 -6.11
C THR A 154 28.19 19.68 -6.36
N SER A 155 27.19 18.80 -6.38
CA SER A 155 25.81 19.18 -6.58
C SER A 155 25.18 19.63 -5.26
N GLY A 156 25.77 19.19 -4.14
CA GLY A 156 25.21 19.43 -2.82
C GLY A 156 24.05 18.50 -2.50
N LEU A 157 23.83 17.48 -3.35
CA LEU A 157 22.85 16.44 -3.10
C LEU A 157 23.58 15.17 -2.67
N ARG A 158 23.17 14.58 -1.53
CA ARG A 158 23.80 13.36 -1.07
C ARG A 158 23.75 12.31 -2.18
N SER A 159 22.57 12.16 -2.80
CA SER A 159 22.41 11.34 -3.99
C SER A 159 21.75 12.15 -5.10
N ASN A 160 22.35 12.07 -6.29
CA ASN A 160 21.99 12.87 -7.46
C ASN A 160 20.88 12.18 -8.26
N PRO A 161 20.16 12.91 -9.14
CA PRO A 161 19.33 12.26 -10.16
C PRO A 161 20.22 11.36 -11.01
N ASP A 162 19.61 10.34 -11.64
CA ASP A 162 20.26 9.53 -12.64
C ASP A 162 20.83 10.41 -13.75
N THR A 163 21.96 9.99 -14.33
CA THR A 163 22.62 10.75 -15.38
C THR A 163 22.15 10.27 -16.75
N TRP A 164 21.33 9.22 -16.76
CA TRP A 164 20.57 8.87 -17.95
C TRP A 164 19.25 8.24 -17.51
N GLU A 165 18.22 8.36 -18.37
CA GLU A 165 16.91 7.80 -18.10
C GLU A 165 16.91 6.34 -18.57
N SER A 166 16.33 5.44 -17.76
CA SER A 166 16.32 4.02 -18.11
C SER A 166 15.26 3.25 -17.34
N ASP A 167 15.12 1.97 -17.72
CA ASP A 167 14.23 1.05 -17.06
C ASP A 167 14.99 0.29 -15.97
N GLU A 168 16.13 0.84 -15.53
CA GLU A 168 17.04 0.16 -14.62
C GLU A 168 17.11 0.93 -13.32
N VAL A 169 17.83 0.38 -12.34
CA VAL A 169 17.89 0.97 -11.01
C VAL A 169 19.35 1.22 -10.62
N GLN A 170 19.65 2.49 -10.35
CA GLN A 170 20.97 2.83 -9.88
C GLN A 170 21.11 2.51 -8.40
N PHE A 171 22.23 1.89 -8.02
CA PHE A 171 22.59 1.73 -6.61
C PHE A 171 22.75 3.12 -5.99
N ILE A 172 22.41 3.22 -4.69
CA ILE A 172 22.62 4.43 -3.92
C ILE A 172 24.02 4.40 -3.31
N SER A 173 24.82 5.42 -3.60
CA SER A 173 26.13 5.56 -2.99
C SER A 173 25.99 5.89 -1.51
N MET A 174 26.58 5.07 -0.64
CA MET A 174 26.35 5.21 0.79
C MET A 174 27.57 5.82 1.48
N TRP A 175 28.73 5.15 1.44
CA TRP A 175 29.89 5.61 2.18
C TRP A 175 31.12 4.75 1.88
N GLY A 176 32.29 5.24 2.31
CA GLY A 176 33.57 4.58 2.12
C GLY A 176 34.54 5.45 1.33
N LYS A 177 35.58 4.81 0.77
CA LYS A 177 36.49 5.48 -0.16
C LYS A 177 35.99 5.21 -1.57
N LYS A 178 35.45 6.25 -2.23
CA LYS A 178 34.74 6.04 -3.48
C LYS A 178 35.74 5.84 -4.61
N ASN A 179 36.83 6.62 -4.59
CA ASN A 179 37.84 6.63 -5.64
C ASN A 179 38.70 5.38 -5.54
N LEU A 180 38.13 4.22 -5.88
CA LEU A 180 38.80 2.94 -5.77
C LEU A 180 39.82 2.77 -6.90
N ASN A 181 40.82 1.90 -6.66
CA ASN A 181 41.84 1.58 -7.64
C ASN A 181 41.31 0.54 -8.61
N LEU A 182 40.99 0.97 -9.84
CA LEU A 182 40.42 0.08 -10.85
C LEU A 182 41.50 -0.73 -11.55
N LYS A 183 42.75 -0.55 -11.09
CA LYS A 183 43.84 -1.42 -11.52
C LYS A 183 43.65 -2.77 -10.85
N GLY A 184 43.10 -2.76 -9.63
CA GLY A 184 42.98 -3.97 -8.81
C GLY A 184 41.73 -3.96 -7.94
N ILE A 185 40.62 -4.43 -8.50
CA ILE A 185 39.41 -4.68 -7.73
C ILE A 185 39.51 -6.11 -7.17
N ALA A 186 39.73 -6.20 -5.86
CA ALA A 186 39.98 -7.48 -5.22
C ALA A 186 38.70 -8.30 -5.06
N LYS A 187 37.58 -7.65 -4.70
CA LYS A 187 36.36 -8.40 -4.44
C LYS A 187 35.12 -7.53 -4.62
N ILE A 188 34.01 -8.19 -5.01
CA ILE A 188 32.68 -7.60 -5.03
C ILE A 188 31.84 -8.38 -4.02
N ALA A 189 31.29 -7.69 -3.02
CA ALA A 189 30.47 -8.34 -1.99
C ALA A 189 29.02 -7.85 -2.07
N ILE A 190 28.07 -8.79 -2.06
CA ILE A 190 26.66 -8.49 -1.91
C ILE A 190 26.23 -9.01 -0.54
N SER A 191 25.81 -8.12 0.37
CA SER A 191 25.46 -8.52 1.73
C SER A 191 24.03 -8.09 2.12
N VAL A 192 23.50 -8.80 3.12
CA VAL A 192 22.26 -8.46 3.81
C VAL A 192 22.61 -8.22 5.29
N GLN A 193 22.07 -7.14 5.87
CA GLN A 193 22.57 -6.62 7.14
C GLN A 193 21.41 -6.29 8.07
N SER A 194 21.50 -6.80 9.31
CA SER A 194 20.53 -6.56 10.37
C SER A 194 19.10 -6.53 9.85
N THR A 195 18.60 -7.68 9.41
CA THR A 195 17.20 -7.80 9.06
C THR A 195 16.47 -8.46 10.23
N LEU A 196 15.15 -8.59 10.10
CA LEU A 196 14.41 -9.47 11.02
C LEU A 196 14.11 -10.81 10.34
N HIS A 197 14.22 -10.83 9.00
CA HIS A 197 13.80 -11.97 8.19
C HIS A 197 14.96 -12.50 7.36
N ASP A 198 14.89 -13.80 7.03
CA ASP A 198 15.68 -14.39 5.94
C ASP A 198 15.30 -13.69 4.63
N LYS A 199 16.32 -13.39 3.81
CA LYS A 199 16.13 -12.76 2.51
C LYS A 199 16.71 -13.69 1.44
N GLU A 200 16.26 -13.48 0.20
CA GLU A 200 16.70 -14.29 -0.93
C GLU A 200 17.05 -13.39 -2.11
N LEU A 201 17.87 -13.92 -3.02
CA LEU A 201 18.26 -13.16 -4.18
C LEU A 201 18.64 -14.12 -5.29
N ALA A 202 18.22 -13.79 -6.51
CA ALA A 202 18.58 -14.54 -7.71
C ALA A 202 19.48 -13.67 -8.60
N ILE A 203 20.66 -14.19 -8.93
CA ILE A 203 21.63 -13.46 -9.72
C ILE A 203 21.77 -14.13 -11.09
N LYS A 204 21.32 -13.43 -12.14
CA LYS A 204 21.31 -13.94 -13.50
C LYS A 204 22.61 -13.60 -14.22
N SER A 205 23.13 -12.38 -14.00
CA SER A 205 24.36 -11.92 -14.64
C SER A 205 24.96 -10.73 -13.91
N ILE A 206 26.28 -10.62 -14.03
CA ILE A 206 27.07 -9.48 -13.61
C ILE A 206 27.95 -9.10 -14.80
N SER A 207 28.04 -7.79 -15.07
CA SER A 207 28.69 -7.33 -16.28
C SER A 207 29.22 -5.91 -16.08
N LEU A 208 30.24 -5.55 -16.88
CA LEU A 208 30.66 -4.17 -17.02
C LEU A 208 30.08 -3.63 -18.32
N ARG A 209 29.60 -2.38 -18.32
CA ARG A 209 28.96 -1.82 -19.50
C ARG A 209 29.38 -0.37 -19.68
N LYS A 210 29.39 0.08 -20.94
CA LYS A 210 29.59 1.48 -21.28
C LYS A 210 28.37 2.27 -20.80
N ASN A 211 28.61 3.39 -20.12
CA ASN A 211 27.53 4.27 -19.70
C ASN A 211 26.83 4.83 -20.95
N PRO A 212 25.48 4.88 -20.96
CA PRO A 212 24.75 5.57 -22.04
C PRO A 212 25.11 7.06 -22.06
N GLN A 213 24.64 7.77 -23.09
CA GLN A 213 24.87 9.20 -23.25
C GLN A 213 24.56 9.95 -21.95
N PHE A 214 25.51 10.79 -21.51
CA PHE A 214 25.39 11.65 -20.34
C PHE A 214 24.30 12.70 -20.55
N ASN A 215 23.26 12.67 -19.71
CA ASN A 215 22.24 13.72 -19.76
C ASN A 215 22.74 14.94 -19.00
N THR A 216 23.20 15.94 -19.76
CA THR A 216 23.84 17.13 -19.24
C THR A 216 22.83 17.99 -18.46
N ALA A 217 21.53 17.74 -18.69
CA ALA A 217 20.50 18.51 -18.02
C ALA A 217 19.98 17.76 -16.78
N PHE A 218 20.77 16.83 -16.22
CA PHE A 218 20.25 15.97 -15.16
C PHE A 218 20.07 16.73 -13.84
N LEU A 219 20.76 17.86 -13.67
CA LEU A 219 20.58 18.66 -12.47
C LEU A 219 19.85 19.97 -12.81
N THR A 220 19.26 20.03 -14.00
CA THR A 220 18.61 21.24 -14.49
C THR A 220 17.11 21.12 -14.24
N LYS A 221 16.59 22.06 -13.43
CA LYS A 221 15.17 22.24 -13.19
C LYS A 221 14.53 20.94 -12.72
N ILE A 222 15.15 20.36 -11.68
CA ILE A 222 14.68 19.10 -11.10
C ILE A 222 13.66 19.36 -9.99
N VAL A 223 13.53 20.62 -9.57
CA VAL A 223 12.59 21.01 -8.53
C VAL A 223 11.51 21.92 -9.13
N ASP A 224 10.23 21.66 -8.78
CA ASP A 224 9.13 22.53 -9.21
C ASP A 224 8.86 23.59 -8.14
N GLU A 225 7.77 24.34 -8.30
CA GLU A 225 7.52 25.49 -7.44
C GLU A 225 7.04 25.05 -6.05
N PHE A 226 6.68 23.75 -5.93
CA PHE A 226 6.20 23.20 -4.67
C PHE A 226 7.34 22.46 -3.94
N GLY A 227 8.54 22.49 -4.54
CA GLY A 227 9.69 21.78 -4.02
C GLY A 227 9.64 20.29 -4.35
N GLN A 228 8.90 19.93 -5.40
CA GLN A 228 8.72 18.54 -5.78
C GLN A 228 9.65 18.20 -6.94
N ASN A 229 9.83 16.91 -7.18
CA ASN A 229 10.49 16.37 -8.36
C ASN A 229 9.69 16.87 -9.58
N ALA A 230 10.30 17.77 -10.36
CA ALA A 230 9.58 18.42 -11.46
C ALA A 230 9.37 17.45 -12.61
N LYS A 231 10.40 16.67 -12.92
CA LYS A 231 10.46 15.93 -14.17
C LYS A 231 9.73 14.59 -14.07
N GLN A 232 9.56 14.09 -12.84
CA GLN A 232 8.94 12.79 -12.65
C GLN A 232 7.54 12.94 -12.07
N GLU A 233 6.63 12.04 -12.49
CA GLU A 233 5.33 11.87 -11.85
C GLU A 233 5.47 10.85 -10.71
N PHE A 234 4.87 11.16 -9.56
CA PHE A 234 4.93 10.25 -8.43
C PHE A 234 3.59 10.31 -7.70
N ALA A 235 3.25 9.23 -6.98
CA ALA A 235 2.02 9.16 -6.19
C ALA A 235 2.01 10.27 -5.15
N GLY A 236 0.95 11.09 -5.15
CA GLY A 236 0.83 12.22 -4.23
C GLY A 236 1.45 13.53 -4.74
N LYS A 237 1.90 13.56 -5.99
CA LYS A 237 2.45 14.79 -6.54
C LYS A 237 1.33 15.81 -6.74
N VAL A 238 1.58 17.06 -6.31
CA VAL A 238 0.67 18.19 -6.42
C VAL A 238 0.92 18.88 -7.76
N HIS A 239 -0.17 19.23 -8.46
CA HIS A 239 -0.04 19.90 -9.75
C HIS A 239 -0.48 21.35 -9.70
N SER A 240 -1.35 21.70 -8.74
CA SER A 240 -1.81 23.07 -8.63
C SER A 240 -1.99 23.45 -7.16
N GLU A 241 -1.80 24.73 -6.87
CA GLU A 241 -1.96 25.28 -5.54
C GLU A 241 -3.33 24.91 -4.94
N ALA A 242 -4.36 24.82 -5.79
CA ALA A 242 -5.73 24.56 -5.35
C ALA A 242 -5.83 23.19 -4.66
N GLU A 243 -4.93 22.28 -5.00
CA GLU A 243 -4.96 20.95 -4.42
C GLU A 243 -4.62 21.01 -2.93
N LEU A 244 -3.78 21.99 -2.56
CA LEU A 244 -3.36 22.21 -1.18
C LEU A 244 -4.58 22.60 -0.34
N LEU A 245 -5.42 23.51 -0.86
CA LEU A 245 -6.59 23.97 -0.13
C LEU A 245 -7.59 22.82 -0.03
N SER A 246 -7.73 22.11 -1.16
CA SER A 246 -8.48 20.87 -1.30
C SER A 246 -8.04 19.87 -0.23
N ASP A 247 -6.72 19.64 -0.13
CA ASP A 247 -6.15 18.71 0.85
C ASP A 247 -6.60 19.07 2.26
N LYS A 248 -6.49 20.35 2.63
CA LYS A 248 -6.77 20.85 3.96
C LYS A 248 -8.23 20.59 4.36
N LYS A 249 -9.16 20.95 3.47
CA LYS A 249 -10.59 20.76 3.70
C LYS A 249 -10.87 19.30 4.04
N GLN A 250 -10.36 18.40 3.19
CA GLN A 250 -10.60 16.97 3.28
C GLN A 250 -10.01 16.39 4.57
N GLU A 251 -8.77 16.79 4.88
CA GLU A 251 -8.11 16.22 6.06
C GLU A 251 -8.81 16.69 7.34
N ALA A 252 -9.35 17.91 7.33
CA ALA A 252 -9.95 18.53 8.51
C ALA A 252 -11.10 17.68 9.03
N THR A 253 -11.90 17.13 8.12
CA THR A 253 -13.05 16.33 8.48
C THR A 253 -12.61 14.99 9.07
N GLN A 254 -11.34 14.62 8.87
CA GLN A 254 -10.85 13.32 9.27
C GLN A 254 -10.02 13.42 10.55
N LEU A 255 -9.59 14.64 10.89
CA LEU A 255 -8.71 14.83 12.04
C LEU A 255 -9.54 14.74 13.32
N LEU A 256 -8.98 14.04 14.31
CA LEU A 256 -9.51 14.01 15.66
C LEU A 256 -8.77 15.09 16.45
N SER A 257 -9.44 15.62 17.48
CA SER A 257 -8.85 16.66 18.28
C SER A 257 -8.71 16.21 19.73
N LYS A 258 -9.25 15.02 20.05
CA LYS A 258 -9.18 14.47 21.39
C LYS A 258 -8.87 12.98 21.36
N ARG A 259 -8.14 12.50 22.38
CA ARG A 259 -7.82 11.09 22.46
C ARG A 259 -9.12 10.29 22.48
N PRO A 260 -9.15 9.14 21.78
CA PRO A 260 -10.23 8.16 21.95
C PRO A 260 -10.36 7.68 23.39
N THR A 261 -11.48 7.03 23.65
CA THR A 261 -11.89 6.59 24.98
C THR A 261 -10.88 5.61 25.56
N ASN A 262 -10.31 4.74 24.71
CA ASN A 262 -9.36 3.72 25.13
C ASN A 262 -7.94 4.28 25.34
N ARG A 263 -7.77 5.60 25.20
CA ARG A 263 -6.49 6.22 25.51
C ARG A 263 -6.69 7.31 26.56
N SER A 264 -5.80 7.36 27.56
CA SER A 264 -5.89 8.36 28.61
C SER A 264 -5.47 9.71 28.06
N ARG A 265 -5.71 10.78 28.83
CA ARG A 265 -5.47 12.13 28.33
C ARG A 265 -4.01 12.33 27.93
N PHE A 266 -3.09 11.67 28.63
CA PHE A 266 -1.66 11.70 28.33
C PHE A 266 -1.26 10.58 27.37
N GLY A 267 -2.23 9.94 26.70
CA GLY A 267 -1.94 8.95 25.67
C GLY A 267 -1.59 7.57 26.22
N GLY A 268 -1.90 7.33 27.50
CA GLY A 268 -1.63 6.01 28.07
C GLY A 268 -2.80 5.03 27.87
N TRP A 269 -2.61 3.84 28.46
CA TRP A 269 -3.48 2.68 28.30
C TRP A 269 -4.64 2.79 29.27
N ALA A 270 -5.76 3.35 28.79
CA ALA A 270 -6.92 3.65 29.63
C ALA A 270 -7.52 2.37 30.23
N GLU A 271 -7.44 1.23 29.52
CA GLU A 271 -8.10 0.02 30.00
C GLU A 271 -7.14 -0.87 30.77
N GLY A 272 -5.89 -0.42 30.95
CA GLY A 272 -4.91 -1.27 31.62
C GLY A 272 -4.78 -0.93 33.09
N PRO A 273 -3.75 -1.42 33.80
CA PRO A 273 -3.61 -1.17 35.24
C PRO A 273 -3.43 0.31 35.56
N LYS A 274 -3.83 0.69 36.78
CA LYS A 274 -3.63 2.05 37.25
C LYS A 274 -2.63 2.01 38.41
N LEU A 275 -1.50 2.69 38.21
CA LEU A 275 -0.38 2.71 39.14
C LEU A 275 -0.39 4.06 39.84
N GLU A 276 0.58 4.27 40.76
CA GLU A 276 0.72 5.54 41.47
C GLU A 276 0.82 6.68 40.45
N ALA A 277 -0.02 7.69 40.62
CA ALA A 277 0.03 8.89 39.80
C ALA A 277 0.92 9.94 40.49
N THR A 278 2.10 10.18 39.91
CA THR A 278 3.03 11.12 40.54
C THR A 278 2.85 12.50 39.92
N GLY A 279 2.05 12.59 38.85
CA GLY A 279 1.89 13.84 38.12
C GLY A 279 3.03 14.08 37.12
N TYR A 280 3.91 13.07 36.95
CA TYR A 280 4.97 13.12 35.94
C TYR A 280 5.16 11.78 35.24
N PHE A 281 5.67 11.82 34.00
CA PHE A 281 6.02 10.58 33.32
C PHE A 281 7.17 9.92 34.07
N ARG A 282 7.13 8.59 34.19
CA ARG A 282 8.15 7.87 34.94
C ARG A 282 8.26 6.45 34.40
N THR A 283 9.12 5.61 35.02
CA THR A 283 9.25 4.24 34.53
C THR A 283 8.65 3.26 35.53
N ALA A 284 8.23 2.08 35.02
CA ALA A 284 7.86 0.95 35.87
C ALA A 284 7.85 -0.33 35.03
N LYS A 285 7.79 -1.47 35.73
CA LYS A 285 7.64 -2.76 35.09
C LYS A 285 6.20 -3.23 35.28
N TYR A 286 5.68 -3.91 34.25
CA TYR A 286 4.41 -4.60 34.34
C TYR A 286 4.53 -5.89 33.52
N ASN A 287 4.14 -7.01 34.12
CA ASN A 287 4.07 -8.26 33.38
C ASN A 287 5.46 -8.63 32.86
N ASP A 288 6.50 -8.35 33.66
CA ASP A 288 7.87 -8.72 33.36
C ASP A 288 8.42 -7.96 32.14
N LYS A 289 7.89 -6.76 31.90
CA LYS A 289 8.36 -5.93 30.81
C LYS A 289 8.47 -4.48 31.28
N TRP A 290 9.47 -3.76 30.77
CA TRP A 290 9.57 -2.34 31.07
C TRP A 290 8.40 -1.57 30.48
N SER A 291 7.97 -0.52 31.19
CA SER A 291 6.95 0.40 30.71
C SER A 291 7.31 1.81 31.15
N LEU A 292 6.67 2.79 30.50
CA LEU A 292 6.58 4.09 31.13
C LEU A 292 5.25 4.13 31.85
N VAL A 293 5.08 5.19 32.65
CA VAL A 293 3.84 5.44 33.35
C VAL A 293 3.55 6.92 33.16
N ASP A 294 2.32 7.25 32.75
CA ASP A 294 1.94 8.63 32.50
C ASP A 294 1.66 9.32 33.85
N PRO A 295 1.52 10.67 33.89
CA PRO A 295 1.25 11.39 35.13
C PRO A 295 0.07 10.92 35.99
N ASP A 296 -0.92 10.27 35.35
CA ASP A 296 -2.15 9.79 35.95
C ASP A 296 -2.04 8.33 36.37
N GLY A 297 -0.90 7.70 36.06
CA GLY A 297 -0.61 6.34 36.53
C GLY A 297 -0.97 5.24 35.55
N TYR A 298 -1.35 5.61 34.31
CA TYR A 298 -1.64 4.61 33.30
C TYR A 298 -0.36 4.21 32.60
N LEU A 299 -0.29 2.96 32.11
CA LEU A 299 0.86 2.51 31.33
C LEU A 299 0.99 3.33 30.06
N TYR A 300 2.23 3.49 29.58
CA TYR A 300 2.53 4.40 28.48
C TYR A 300 3.75 3.89 27.74
N LEU A 301 3.64 3.86 26.40
CA LEU A 301 4.77 3.60 25.51
C LEU A 301 4.92 4.83 24.62
N ALA A 302 6.17 5.18 24.27
CA ALA A 302 6.42 6.39 23.51
C ALA A 302 6.52 6.08 22.02
N THR A 303 5.51 6.55 21.27
CA THR A 303 5.55 6.51 19.82
C THR A 303 5.39 7.94 19.31
N GLY A 304 5.96 8.21 18.13
CA GLY A 304 5.95 9.57 17.62
C GLY A 304 7.10 9.79 16.64
N ILE A 305 7.34 11.06 16.33
CA ILE A 305 8.11 11.48 15.18
C ILE A 305 9.03 12.62 15.62
N ASP A 306 10.26 12.61 15.08
CA ASP A 306 11.23 13.61 15.44
C ASP A 306 11.16 14.80 14.48
N ILE A 307 11.76 15.92 14.90
CA ILE A 307 11.91 17.11 14.06
C ILE A 307 10.53 17.67 13.71
N ILE A 308 9.73 17.94 14.76
CA ILE A 308 8.49 18.68 14.61
C ILE A 308 8.83 20.17 14.68
N ARG A 309 9.47 20.65 13.62
CA ARG A 309 9.96 22.02 13.48
C ARG A 309 10.38 22.20 12.03
N LEU A 310 10.79 23.44 11.68
CA LEU A 310 11.04 23.84 10.30
C LEU A 310 12.54 23.91 10.00
N ALA A 311 13.38 23.88 11.04
CA ALA A 311 14.79 24.22 10.96
C ALA A 311 15.55 23.40 9.89
N ASN A 312 15.07 22.19 9.59
CA ASN A 312 15.83 21.30 8.73
C ASN A 312 15.12 21.07 7.39
N SER A 313 14.16 21.95 7.07
CA SER A 313 13.45 21.89 5.80
C SER A 313 14.00 22.87 4.77
N THR A 314 15.21 23.41 4.98
CA THR A 314 15.76 24.44 4.10
C THR A 314 16.84 23.86 3.18
N THR A 315 16.96 24.44 1.98
CA THR A 315 17.94 23.98 1.01
C THR A 315 18.71 25.19 0.46
N LEU A 316 19.98 24.97 0.11
CA LEU A 316 20.80 26.02 -0.47
C LEU A 316 20.34 26.33 -1.89
N THR A 317 20.13 27.62 -2.17
CA THR A 317 19.57 28.11 -3.42
C THR A 317 20.67 28.39 -4.43
N GLY A 318 21.91 28.55 -3.94
CA GLY A 318 23.04 28.89 -4.80
C GLY A 318 23.35 30.38 -4.76
N TYR A 319 22.52 31.16 -4.05
CA TYR A 319 22.76 32.57 -3.90
C TYR A 319 23.57 32.81 -2.62
N ASP A 320 24.28 33.94 -2.57
CA ASP A 320 25.02 34.34 -1.39
C ASP A 320 25.14 35.85 -1.35
N PHE A 321 25.85 36.36 -0.36
CA PHE A 321 25.87 37.78 -0.08
C PHE A 321 27.30 38.20 0.27
N ASP A 322 27.55 39.50 0.17
CA ASP A 322 28.77 40.10 0.66
C ASP A 322 28.91 39.75 2.13
N GLN A 323 29.90 38.89 2.44
CA GLN A 323 30.06 38.30 3.76
C GLN A 323 30.23 39.39 4.82
N ALA A 324 30.87 40.50 4.43
CA ALA A 324 31.14 41.61 5.33
C ALA A 324 29.84 42.32 5.72
N LEU A 325 28.78 42.13 4.94
CA LEU A 325 27.53 42.84 5.18
C LEU A 325 26.57 42.01 6.03
N LEU A 326 26.97 40.76 6.35
CA LEU A 326 26.22 39.97 7.31
C LEU A 326 26.54 40.47 8.71
N ALA A 327 25.53 40.48 9.58
CA ALA A 327 25.62 41.03 10.92
C ALA A 327 26.81 40.42 11.69
N ASN A 343 17.56 31.92 8.72
CA ASN A 343 17.53 33.30 9.29
C ASN A 343 17.86 34.32 8.19
N GLN A 344 16.82 35.00 7.70
CA GLN A 344 16.90 35.85 6.51
C GLN A 344 17.86 37.02 6.73
N VAL A 345 18.64 37.34 5.69
CA VAL A 345 19.68 38.36 5.73
C VAL A 345 19.03 39.74 5.73
N ASN A 346 19.78 40.74 6.21
CA ASN A 346 19.31 42.10 6.40
C ASN A 346 19.18 42.85 5.08
N LYS A 347 18.82 44.13 5.19
CA LYS A 347 18.45 45.02 4.10
C LYS A 347 19.67 45.31 3.21
N GLU A 348 20.80 45.65 3.85
CA GLU A 348 22.01 46.04 3.13
C GLU A 348 22.61 44.82 2.43
N ALA A 349 22.61 43.67 3.11
CA ALA A 349 23.19 42.44 2.57
C ALA A 349 22.37 41.93 1.39
N LEU A 350 21.03 42.12 1.43
CA LEU A 350 20.17 41.65 0.36
C LEU A 350 20.59 42.28 -0.97
N LYS A 351 21.12 43.50 -0.90
CA LYS A 351 21.47 44.26 -2.09
C LYS A 351 22.66 43.65 -2.83
N SER A 352 23.49 42.88 -2.11
CA SER A 352 24.69 42.29 -2.69
C SER A 352 24.48 40.83 -3.09
N ARG A 353 23.21 40.41 -3.24
CA ARG A 353 22.88 39.04 -3.57
C ARG A 353 23.55 38.68 -4.90
N PHE A 354 24.27 37.55 -4.92
CA PHE A 354 24.95 37.11 -6.13
C PHE A 354 24.84 35.59 -6.26
N VAL A 355 25.09 35.08 -7.48
CA VAL A 355 25.13 33.65 -7.68
C VAL A 355 26.50 33.13 -7.24
N ALA A 356 26.52 32.31 -6.18
CA ALA A 356 27.76 31.71 -5.71
C ALA A 356 27.91 30.31 -6.29
N SER A 357 26.79 29.62 -6.54
CA SER A 357 26.82 28.32 -7.22
C SER A 357 25.80 28.27 -8.34
N GLN A 358 26.30 28.28 -9.59
CA GLN A 358 25.47 28.17 -10.77
C GLN A 358 24.72 26.84 -10.76
N VAL A 359 25.40 25.79 -10.30
CA VAL A 359 24.83 24.44 -10.27
C VAL A 359 23.62 24.44 -9.34
N ARG A 360 23.75 25.08 -8.16
CA ARG A 360 22.63 25.15 -7.23
C ARG A 360 21.49 25.98 -7.82
N LYS A 361 21.80 27.16 -8.37
CA LYS A 361 20.77 28.03 -8.90
C LYS A 361 19.88 27.25 -9.87
N ASN A 362 20.51 26.44 -10.74
CA ASN A 362 19.82 25.85 -11.88
C ASN A 362 18.99 24.63 -11.52
N LEU A 363 19.10 24.18 -10.25
CA LEU A 363 18.26 23.08 -9.77
C LEU A 363 16.78 23.47 -9.83
N PHE A 364 16.48 24.76 -9.64
CA PHE A 364 15.15 25.23 -9.28
C PHE A 364 14.42 25.84 -10.49
N GLU A 365 13.20 25.35 -10.76
CA GLU A 365 12.30 25.95 -11.74
C GLU A 365 11.87 27.35 -11.31
N TRP A 366 11.73 27.57 -9.99
CA TRP A 366 11.16 28.79 -9.43
C TRP A 366 11.69 29.02 -8.03
N LEU A 367 12.17 30.25 -7.78
CA LEU A 367 12.32 30.81 -6.46
C LEU A 367 11.54 32.13 -6.47
N PRO A 368 10.95 32.58 -5.34
CA PRO A 368 10.24 33.86 -5.35
C PRO A 368 11.27 34.98 -5.26
N ASP A 369 10.80 36.23 -5.38
N ASP A 369 10.77 36.22 -5.37
CA ASP A 369 11.63 37.39 -5.09
CA ASP A 369 11.53 37.42 -5.09
C ASP A 369 11.37 37.79 -3.65
C ASP A 369 11.36 37.77 -3.62
N TYR A 370 12.32 38.50 -3.05
CA TYR A 370 12.27 38.82 -1.63
C TYR A 370 11.06 39.69 -1.28
N SER A 371 10.50 40.37 -2.28
CA SER A 371 9.34 41.24 -2.05
C SER A 371 8.04 40.43 -2.12
N ASP A 372 8.09 39.23 -2.70
CA ASP A 372 6.92 38.36 -2.75
C ASP A 372 6.52 37.96 -1.33
N THR A 373 5.23 37.64 -1.15
CA THR A 373 4.73 37.06 0.09
C THR A 373 5.59 35.86 0.49
N LEU A 374 5.80 34.95 -0.46
CA LEU A 374 6.52 33.70 -0.22
C LEU A 374 8.02 33.94 -0.15
N GLY A 375 8.42 35.21 -0.30
CA GLY A 375 9.80 35.62 -0.15
C GLY A 375 10.28 35.56 1.30
N LYS A 376 9.34 35.37 2.23
CA LYS A 376 9.68 35.32 3.65
C LYS A 376 10.30 33.97 4.00
N HIS A 377 10.21 33.01 3.07
CA HIS A 377 10.74 31.67 3.31
C HIS A 377 12.21 31.54 2.90
N PHE A 378 12.82 32.66 2.46
CA PHE A 378 14.27 32.69 2.33
C PHE A 378 14.89 32.71 3.73
N GLY A 379 16.03 32.03 3.87
CA GLY A 379 16.82 32.06 5.09
C GLY A 379 18.30 32.14 4.74
N TYR A 380 19.14 31.77 5.71
CA TYR A 380 20.58 31.78 5.52
C TYR A 380 21.24 30.74 6.43
N ARG A 381 22.29 30.10 5.89
CA ARG A 381 23.06 29.08 6.58
C ARG A 381 24.52 29.51 6.65
N LYS A 382 25.03 29.67 7.87
CA LYS A 382 26.38 30.18 8.09
C LYS A 382 27.43 29.10 7.86
N SER A 383 27.04 27.82 8.05
CA SER A 383 27.98 26.72 7.98
C SER A 383 27.37 25.53 7.24
N ALA A 384 27.87 25.25 6.04
CA ALA A 384 27.37 24.13 5.25
C ALA A 384 28.54 23.25 4.80
N HIS A 385 28.28 21.94 4.65
CA HIS A 385 29.31 21.05 4.13
C HIS A 385 28.74 20.04 3.13
N SER A 386 29.65 19.28 2.51
CA SER A 386 29.38 18.25 1.52
C SER A 386 28.64 18.84 0.32
N GLY A 387 28.99 20.08 -0.03
CA GLY A 387 28.40 20.74 -1.19
C GLY A 387 29.34 21.80 -1.76
N PRO A 388 28.95 22.47 -2.86
CA PRO A 388 29.74 23.58 -3.40
C PRO A 388 29.82 24.85 -2.56
N LEU A 389 29.01 24.97 -1.50
CA LEU A 389 28.99 26.21 -0.71
C LEU A 389 29.31 25.92 0.75
N GLU A 390 30.02 26.86 1.39
CA GLU A 390 30.34 26.75 2.81
C GLU A 390 29.30 27.51 3.62
N HIS A 391 28.50 28.32 2.92
CA HIS A 391 27.45 29.14 3.50
C HIS A 391 26.62 29.69 2.34
N GLY A 392 25.40 30.13 2.64
CA GLY A 392 24.60 30.77 1.61
C GLY A 392 23.12 30.82 1.97
N GLU A 393 22.39 31.47 1.06
CA GLU A 393 20.94 31.62 1.11
C GLU A 393 20.30 30.24 1.09
N THR A 394 19.20 30.11 1.84
CA THR A 394 18.41 28.88 1.77
C THR A 394 16.99 29.27 1.38
N TYR A 395 16.22 28.30 0.91
CA TYR A 395 14.77 28.46 0.79
C TYR A 395 14.10 27.24 1.40
N SER A 396 12.89 27.44 1.97
CA SER A 396 12.10 26.35 2.50
C SER A 396 10.81 26.17 1.70
N PHE A 397 10.77 25.16 0.82
CA PHE A 397 9.58 24.91 0.04
C PHE A 397 8.46 24.37 0.93
N TYR A 398 8.83 23.64 1.99
CA TYR A 398 7.81 23.14 2.90
C TYR A 398 7.10 24.30 3.59
N ALA A 399 7.86 25.26 4.11
CA ALA A 399 7.27 26.42 4.78
C ALA A 399 6.45 27.24 3.79
N ALA A 400 6.96 27.43 2.56
CA ALA A 400 6.20 28.12 1.53
C ALA A 400 4.84 27.44 1.33
N ASN A 401 4.85 26.10 1.27
CA ASN A 401 3.64 25.32 1.09
C ASN A 401 2.67 25.52 2.25
N LEU A 402 3.21 25.67 3.47
CA LEU A 402 2.38 25.88 4.65
C LEU A 402 1.61 27.19 4.54
N GLU A 403 2.30 28.24 4.06
CA GLU A 403 1.68 29.54 3.93
C GLU A 403 0.67 29.52 2.78
N ARG A 404 1.01 28.81 1.69
CA ARG A 404 0.09 28.64 0.59
C ARG A 404 -1.17 27.92 1.08
N LYS A 405 -0.98 26.94 1.97
CA LYS A 405 -2.02 26.00 2.35
C LYS A 405 -2.90 26.59 3.46
N TYR A 406 -2.25 27.27 4.40
CA TYR A 406 -2.86 27.61 5.68
C TYR A 406 -2.80 29.12 5.93
N GLY A 407 -2.23 29.85 4.98
CA GLY A 407 -1.94 31.26 5.24
C GLY A 407 -2.84 32.20 4.44
N GLN A 408 -3.91 31.68 3.84
CA GLN A 408 -4.83 32.47 3.03
C GLN A 408 -5.44 33.54 3.92
N ASN A 409 -5.59 34.75 3.37
CA ASN A 409 -6.32 35.81 4.03
C ASN A 409 -5.55 36.19 5.31
N ASN A 410 -4.23 36.08 5.24
CA ASN A 410 -3.27 36.46 6.28
C ASN A 410 -3.50 35.71 7.58
N ALA A 411 -4.11 34.52 7.49
CA ALA A 411 -4.27 33.65 8.65
C ALA A 411 -2.89 33.27 9.20
N ASP A 412 -2.88 32.81 10.45
CA ASP A 412 -1.65 32.48 11.16
C ASP A 412 -1.24 31.05 10.77
N TYR A 413 -0.51 30.93 9.65
CA TYR A 413 -0.26 29.63 9.04
C TYR A 413 0.55 28.74 9.97
N MET A 414 1.47 29.31 10.75
CA MET A 414 2.29 28.53 11.67
C MET A 414 1.42 27.97 12.79
N GLN A 415 0.56 28.81 13.36
CA GLN A 415 -0.34 28.38 14.43
C GLN A 415 -1.25 27.28 13.94
N LYS A 416 -1.75 27.41 12.69
CA LYS A 416 -2.65 26.41 12.14
C LYS A 416 -1.87 25.11 11.89
N TRP A 417 -0.60 25.23 11.49
CA TRP A 417 0.23 24.06 11.27
C TRP A 417 0.45 23.32 12.58
N ARG A 418 0.69 24.07 13.65
CA ARG A 418 0.86 23.48 14.97
C ARG A 418 -0.40 22.71 15.35
N GLU A 419 -1.57 23.31 15.07
CA GLU A 419 -2.83 22.74 15.52
C GLU A 419 -3.11 21.46 14.74
N VAL A 420 -2.82 21.49 13.43
CA VAL A 420 -3.09 20.33 12.60
C VAL A 420 -2.10 19.23 12.98
N THR A 421 -0.86 19.62 13.28
CA THR A 421 0.15 18.67 13.73
C THR A 421 -0.32 17.90 14.96
N LEU A 422 -0.75 18.60 16.02
CA LEU A 422 -1.23 17.95 17.24
C LEU A 422 -2.37 16.99 16.93
N ASP A 423 -3.34 17.45 16.13
CA ASP A 423 -4.48 16.63 15.74
C ASP A 423 -4.03 15.40 14.95
N ARG A 424 -3.06 15.58 14.05
CA ARG A 424 -2.54 14.45 13.27
C ARG A 424 -1.98 13.40 14.21
N MET A 425 -1.17 13.82 15.19
CA MET A 425 -0.59 12.88 16.13
C MET A 425 -1.69 12.14 16.89
N ILE A 426 -2.74 12.86 17.30
CA ILE A 426 -3.87 12.23 17.96
C ILE A 426 -4.47 11.19 17.02
N THR A 427 -4.76 11.61 15.78
CA THR A 427 -5.52 10.79 14.85
C THR A 427 -4.71 9.55 14.47
N TRP A 428 -3.39 9.73 14.32
CA TRP A 428 -2.52 8.65 13.90
C TRP A 428 -2.20 7.73 15.08
N GLY A 429 -2.59 8.16 16.28
CA GLY A 429 -2.43 7.33 17.47
C GLY A 429 -1.07 7.50 18.18
N PHE A 430 -0.25 8.44 17.73
CA PHE A 430 1.07 8.58 18.34
C PHE A 430 0.94 9.11 19.76
N SER A 431 1.72 8.52 20.68
CA SER A 431 1.65 8.85 22.09
C SER A 431 2.39 10.14 22.43
N SER A 432 3.25 10.63 21.51
CA SER A 432 4.16 11.72 21.83
C SER A 432 4.56 12.48 20.56
N LEU A 433 5.08 13.70 20.78
CA LEU A 433 5.94 14.38 19.81
C LEU A 433 7.37 14.01 20.16
N GLY A 434 8.19 13.73 19.13
CA GLY A 434 9.52 13.21 19.37
C GLY A 434 10.55 14.30 19.65
N ASN A 435 11.82 13.91 19.53
CA ASN A 435 12.94 14.78 19.83
C ASN A 435 12.98 15.92 18.82
N TRP A 436 13.47 17.07 19.28
CA TRP A 436 13.58 18.28 18.47
C TRP A 436 12.18 18.72 18.01
N THR A 437 11.22 18.70 18.95
CA THR A 437 9.96 19.42 18.81
C THR A 437 10.23 20.89 19.06
N ASP A 438 9.65 21.73 18.19
CA ASP A 438 9.80 23.17 18.35
C ASP A 438 9.21 23.59 19.69
N PRO A 439 9.94 24.37 20.51
CA PRO A 439 9.44 24.78 21.82
C PRO A 439 8.08 25.46 21.77
N SER A 440 7.66 25.83 20.55
CA SER A 440 6.32 26.36 20.26
C SER A 440 5.24 25.44 20.81
N TYR A 441 5.57 24.15 20.89
CA TYR A 441 4.60 23.12 21.23
C TYR A 441 4.61 22.83 22.73
N TYR A 442 5.56 23.39 23.47
CA TYR A 442 5.85 22.91 24.81
C TYR A 442 4.69 23.19 25.76
N ASP A 443 3.92 24.25 25.47
CA ASP A 443 2.82 24.65 26.33
C ASP A 443 1.52 23.95 25.90
N ASN A 444 1.60 23.05 24.91
CA ASN A 444 0.41 22.33 24.48
C ASN A 444 -0.03 21.41 25.63
N GLN A 445 -1.33 21.18 25.70
CA GLN A 445 -1.89 20.34 26.75
C GLN A 445 -2.73 19.24 26.11
N LYS A 446 -2.21 18.68 25.00
CA LYS A 446 -2.94 17.71 24.19
C LYS A 446 -2.07 16.50 23.83
N VAL A 447 -0.78 16.74 23.52
CA VAL A 447 0.11 15.64 23.16
C VAL A 447 1.41 15.80 23.95
N PRO A 448 1.84 14.76 24.72
CA PRO A 448 3.11 14.80 25.45
C PRO A 448 4.26 14.91 24.45
N TYR A 449 5.41 15.41 24.95
CA TYR A 449 6.52 15.76 24.07
C TYR A 449 7.84 15.46 24.77
N PHE A 450 8.88 15.24 23.97
CA PHE A 450 10.23 15.04 24.47
C PHE A 450 10.99 16.34 24.26
N ALA A 451 11.77 16.76 25.27
CA ALA A 451 12.60 17.95 25.17
C ALA A 451 14.07 17.55 25.00
N ASN A 452 14.90 18.54 24.69
CA ASN A 452 16.29 18.30 24.37
C ASN A 452 17.13 19.53 24.70
N GLY A 453 18.41 19.30 24.97
CA GLY A 453 19.44 20.33 24.94
C GLY A 453 20.76 19.77 24.41
N TRP A 454 21.61 20.67 23.90
CA TRP A 454 22.99 20.38 23.51
C TRP A 454 23.91 21.07 24.50
N ILE A 455 24.90 20.32 25.04
CA ILE A 455 25.93 20.94 25.85
C ILE A 455 27.07 21.42 24.95
N ILE A 456 27.18 22.74 24.85
CA ILE A 456 28.10 23.42 23.97
C ILE A 456 28.82 24.47 24.81
N GLY A 457 30.09 24.72 24.50
CA GLY A 457 30.83 25.71 25.28
C GLY A 457 32.31 25.75 24.92
N ASP A 458 33.06 26.51 25.73
CA ASP A 458 34.47 26.72 25.50
C ASP A 458 35.29 25.93 26.52
N PHE A 459 34.64 24.97 27.21
CA PHE A 459 35.35 24.05 28.09
C PHE A 459 36.45 23.36 27.28
N LYS A 460 37.43 22.78 27.98
CA LYS A 460 38.49 21.99 27.38
C LYS A 460 37.89 20.75 26.73
N THR A 461 38.64 20.17 25.77
CA THR A 461 38.12 19.05 25.01
C THR A 461 39.13 17.90 24.99
N VAL A 462 38.61 16.70 24.67
CA VAL A 462 39.42 15.52 24.42
C VAL A 462 39.09 15.03 23.01
N SER A 463 39.98 14.20 22.47
CA SER A 463 39.77 13.70 21.12
C SER A 463 39.92 12.19 21.09
N SER A 464 39.35 11.57 20.05
CA SER A 464 39.51 10.14 19.84
C SER A 464 40.85 9.87 19.14
N GLY A 465 41.44 10.94 18.57
CA GLY A 465 42.66 10.81 17.78
C GLY A 465 42.34 10.62 16.29
N ASN A 466 41.06 10.77 15.93
CA ASN A 466 40.57 10.76 14.57
C ASN A 466 39.70 11.99 14.36
N ASP A 467 40.10 12.83 13.40
CA ASP A 467 39.57 14.18 13.24
C ASP A 467 38.13 14.16 12.74
N PHE A 468 37.75 13.08 12.04
CA PHE A 468 36.44 12.95 11.44
C PHE A 468 35.40 12.54 12.49
N TRP A 469 35.88 11.88 13.56
CA TRP A 469 35.04 11.45 14.66
C TRP A 469 34.56 12.66 15.45
N GLY A 470 35.43 13.66 15.63
CA GLY A 470 35.03 14.90 16.26
C GLY A 470 35.51 14.99 17.70
N ALA A 471 35.33 16.19 18.27
CA ALA A 471 35.82 16.54 19.58
C ALA A 471 34.82 16.08 20.64
N MET A 472 35.32 15.89 21.86
CA MET A 472 34.48 15.47 22.98
C MET A 472 34.77 16.39 24.16
N PRO A 473 33.81 16.61 25.09
CA PRO A 473 34.06 17.50 26.21
C PRO A 473 35.07 16.91 27.20
N ASP A 474 35.99 17.74 27.69
CA ASP A 474 36.74 17.28 28.85
C ASP A 474 35.86 17.45 30.07
N VAL A 475 35.26 16.34 30.48
CA VAL A 475 34.16 16.37 31.45
C VAL A 475 34.67 16.62 32.86
N PHE A 476 35.99 16.54 33.06
CA PHE A 476 36.61 16.86 34.35
C PHE A 476 37.01 18.33 34.40
N ASP A 477 36.78 19.08 33.31
CA ASP A 477 37.00 20.52 33.30
C ASP A 477 35.82 21.18 34.01
N PRO A 478 36.03 21.90 35.14
CA PRO A 478 34.90 22.52 35.86
C PRO A 478 33.97 23.29 34.94
N GLU A 479 34.52 23.93 33.90
CA GLU A 479 33.69 24.67 32.96
C GLU A 479 32.66 23.74 32.29
N PHE A 480 32.95 22.44 32.16
CA PHE A 480 31.98 21.54 31.53
C PHE A 480 30.73 21.48 32.40
N THR A 481 30.95 21.42 33.72
CA THR A 481 29.84 21.38 34.67
C THR A 481 29.03 22.68 34.61
N VAL A 482 29.73 23.83 34.53
CA VAL A 482 29.04 25.11 34.37
C VAL A 482 28.12 25.04 33.15
N ARG A 483 28.64 24.56 32.01
CA ARG A 483 27.90 24.60 30.74
C ARG A 483 26.77 23.56 30.74
N ALA A 484 27.00 22.41 31.38
CA ALA A 484 25.96 21.39 31.54
C ALA A 484 24.78 22.01 32.30
N ASN A 485 25.09 22.59 33.47
CA ASN A 485 24.11 23.23 34.33
C ASN A 485 23.30 24.26 33.54
N GLU A 486 24.03 25.14 32.83
CA GLU A 486 23.42 26.23 32.09
C GLU A 486 22.54 25.71 30.95
N THR A 487 23.00 24.67 30.25
CA THR A 487 22.19 24.03 29.21
C THR A 487 20.89 23.52 29.83
N VAL A 488 20.99 22.79 30.95
CA VAL A 488 19.79 22.14 31.46
C VAL A 488 18.82 23.18 32.00
N SER A 489 19.38 24.26 32.56
CA SER A 489 18.61 25.40 33.02
C SER A 489 17.76 26.00 31.89
N VAL A 490 18.33 26.12 30.70
CA VAL A 490 17.59 26.66 29.57
C VAL A 490 16.41 25.74 29.25
N VAL A 491 16.67 24.43 29.21
CA VAL A 491 15.59 23.47 28.97
C VAL A 491 14.50 23.67 30.02
N ALA A 492 14.89 23.80 31.30
CA ALA A 492 13.94 23.94 32.38
C ALA A 492 13.00 25.13 32.15
N LYS A 493 13.53 26.22 31.61
CA LYS A 493 12.72 27.41 31.37
C LYS A 493 11.80 27.22 30.15
N GLU A 494 12.11 26.26 29.28
CA GLU A 494 11.24 26.02 28.13
C GLU A 494 10.10 25.11 28.55
N VAL A 495 10.38 24.17 29.46
CA VAL A 495 9.47 23.09 29.82
C VAL A 495 8.52 23.59 30.92
N LYS A 496 9.05 24.47 31.79
CA LYS A 496 8.27 25.15 32.82
C LYS A 496 7.54 24.13 33.69
N ASN A 497 8.19 22.97 33.90
CA ASN A 497 7.79 21.89 34.79
C ASN A 497 6.52 21.19 34.32
N SER A 498 6.20 21.34 33.03
CA SER A 498 4.99 20.76 32.46
C SER A 498 4.98 19.24 32.61
N PRO A 499 3.85 18.64 33.08
CA PRO A 499 3.68 17.19 33.10
C PRO A 499 3.64 16.56 31.71
N TRP A 500 3.43 17.39 30.69
CA TRP A 500 3.31 16.96 29.31
C TRP A 500 4.68 16.61 28.73
N ALA A 501 5.75 17.01 29.44
CA ALA A 501 7.10 16.71 29.01
C ALA A 501 7.49 15.33 29.53
N VAL A 502 7.56 14.35 28.62
CA VAL A 502 7.88 12.99 29.00
C VAL A 502 9.27 12.90 29.63
N GLY A 503 10.25 13.60 29.04
CA GLY A 503 11.64 13.52 29.48
C GLY A 503 12.55 14.41 28.63
N VAL A 504 13.85 14.40 28.95
CA VAL A 504 14.86 15.23 28.31
C VAL A 504 15.99 14.36 27.76
N PHE A 505 16.25 14.53 26.46
CA PHE A 505 17.47 14.03 25.85
C PHE A 505 18.51 15.14 25.93
N ILE A 506 19.71 14.81 26.40
CA ILE A 506 20.80 15.78 26.34
C ILE A 506 21.88 15.23 25.39
N ASP A 507 22.21 16.03 24.37
CA ASP A 507 23.20 15.69 23.34
C ASP A 507 22.66 14.58 22.44
N ASN A 508 23.46 14.16 21.45
CA ASN A 508 23.00 13.19 20.47
C ASN A 508 24.22 12.63 19.76
N GLU A 509 24.37 11.30 19.79
CA GLU A 509 25.39 10.60 19.02
C GLU A 509 26.76 11.28 19.20
N LYS A 510 27.15 11.51 20.45
CA LYS A 510 28.49 11.97 20.76
C LYS A 510 29.50 10.87 20.38
N SER A 511 30.70 11.30 20.02
CA SER A 511 31.72 10.39 19.53
C SER A 511 32.49 9.74 20.69
N PHE A 512 31.79 8.90 21.49
CA PHE A 512 32.39 8.20 22.61
C PHE A 512 33.33 7.08 22.14
N GLY A 513 33.14 6.62 20.90
CA GLY A 513 33.90 5.49 20.39
C GLY A 513 33.02 4.48 19.65
N ARG A 514 33.65 3.68 18.78
N ARG A 514 33.66 3.68 18.79
CA ARG A 514 33.02 2.60 18.06
CA ARG A 514 33.02 2.60 18.06
C ARG A 514 33.73 1.30 18.44
C ARG A 514 33.73 1.30 18.44
N PRO A 515 33.01 0.31 19.03
CA PRO A 515 33.65 -0.94 19.45
C PRO A 515 33.93 -1.95 18.33
N ASP A 516 34.86 -1.62 17.42
CA ASP A 516 35.18 -2.49 16.30
C ASP A 516 36.68 -2.61 16.05
N SER A 517 37.49 -1.74 16.67
CA SER A 517 38.93 -1.92 16.76
C SER A 517 39.39 -1.28 18.05
N VAL A 518 40.59 -1.65 18.53
CA VAL A 518 41.07 -1.07 19.78
C VAL A 518 41.15 0.44 19.62
N LYS A 519 41.67 0.88 18.47
CA LYS A 519 41.86 2.30 18.22
C LYS A 519 40.53 3.04 18.18
N SER A 520 39.51 2.42 17.56
CA SER A 520 38.20 3.05 17.43
C SER A 520 37.47 3.05 18.77
N HIS A 521 37.65 1.97 19.53
CA HIS A 521 36.92 1.76 20.77
C HIS A 521 37.47 2.68 21.85
N TYR A 522 38.79 2.68 22.00
CA TYR A 522 39.40 3.35 23.14
C TYR A 522 40.16 4.59 22.69
N GLY A 523 39.72 5.19 21.57
CA GLY A 523 40.37 6.37 21.02
C GLY A 523 40.53 7.51 22.03
N ILE A 524 39.48 7.79 22.80
CA ILE A 524 39.47 8.88 23.76
C ILE A 524 40.56 8.61 24.81
N VAL A 525 40.68 7.33 25.21
CA VAL A 525 41.63 6.92 26.23
C VAL A 525 43.04 7.04 25.66
N ILE A 526 43.26 6.37 24.51
CA ILE A 526 44.58 6.34 23.88
C ILE A 526 45.08 7.78 23.70
N ASN A 527 44.31 8.61 23.00
CA ASN A 527 44.72 9.96 22.68
C ASN A 527 44.95 10.80 23.93
N THR A 528 44.08 10.63 24.94
CA THR A 528 44.19 11.45 26.14
C THR A 528 45.43 11.04 26.96
N LEU A 529 45.75 9.75 26.99
CA LEU A 529 46.90 9.25 27.74
C LEU A 529 48.18 9.94 27.27
N GLY A 530 48.18 10.36 26.00
CA GLY A 530 49.34 10.92 25.34
C GLY A 530 49.56 12.40 25.66
N ARG A 531 48.65 12.95 26.49
CA ARG A 531 48.62 14.37 26.80
C ARG A 531 49.02 14.60 28.26
N ASP A 532 49.22 15.88 28.62
CA ASP A 532 49.79 16.26 29.90
C ASP A 532 48.69 16.45 30.94
N ALA A 533 48.86 15.78 32.08
CA ALA A 533 47.96 15.90 33.22
C ALA A 533 47.76 17.35 33.65
N LYS A 534 48.78 18.21 33.42
CA LYS A 534 48.81 19.57 33.92
C LYS A 534 47.74 20.44 33.25
N THR A 535 47.46 20.16 31.97
CA THR A 535 46.56 21.02 31.23
C THR A 535 45.34 20.25 30.70
N VAL A 536 45.24 18.94 31.01
CA VAL A 536 44.16 18.11 30.49
C VAL A 536 43.48 17.39 31.66
N PRO A 537 42.40 17.96 32.24
CA PRO A 537 41.74 17.36 33.40
C PRO A 537 41.44 15.87 33.31
N THR A 538 40.91 15.41 32.16
CA THR A 538 40.62 13.99 32.01
C THR A 538 41.89 13.15 32.16
N LYS A 539 43.02 13.66 31.68
CA LYS A 539 44.27 12.93 31.83
C LYS A 539 44.69 12.89 33.29
N ALA A 540 44.56 14.04 33.98
CA ALA A 540 44.82 14.10 35.41
C ALA A 540 44.01 13.03 36.15
N GLU A 541 42.77 12.78 35.70
CA GLU A 541 41.95 11.74 36.32
C GLU A 541 42.49 10.35 35.98
N PHE A 542 42.88 10.14 34.72
CA PHE A 542 43.43 8.86 34.30
C PHE A 542 44.70 8.53 35.10
N SER A 543 45.53 9.54 35.34
CA SER A 543 46.74 9.36 36.14
C SER A 543 46.38 8.90 37.55
N ARG A 544 45.34 9.52 38.14
CA ARG A 544 44.89 9.21 39.49
C ARG A 544 44.52 7.73 39.60
N LEU A 545 43.76 7.22 38.62
CA LEU A 545 43.18 5.89 38.65
C LEU A 545 44.24 4.81 38.48
N MET A 546 45.23 5.08 37.62
CA MET A 546 46.27 4.11 37.36
C MET A 546 47.25 4.01 38.54
N LYS A 547 47.52 5.16 39.19
CA LYS A 547 48.36 5.21 40.38
C LYS A 547 47.64 4.53 41.54
N GLU A 548 46.32 4.69 41.60
CA GLU A 548 45.52 4.03 42.61
C GLU A 548 45.60 2.52 42.42
N LYS A 549 45.67 2.06 41.16
CA LYS A 549 45.66 0.65 40.84
C LYS A 549 47.06 0.04 40.97
N TYR A 550 48.10 0.79 40.60
CA TYR A 550 49.40 0.19 40.39
C TYR A 550 50.43 0.60 41.44
N THR A 551 50.12 1.66 42.20
CA THR A 551 51.01 2.17 43.24
C THR A 551 52.28 2.70 42.59
N ASP A 552 53.13 1.78 42.11
CA ASP A 552 54.39 2.10 41.46
C ASP A 552 54.22 1.95 39.95
N VAL A 553 54.95 2.78 39.19
CA VAL A 553 54.85 2.80 37.74
C VAL A 553 55.31 1.45 37.18
N ALA A 554 56.26 0.81 37.87
CA ALA A 554 56.89 -0.43 37.45
C ALA A 554 55.85 -1.51 37.12
N GLU A 555 54.78 -1.58 37.93
CA GLU A 555 53.74 -2.59 37.73
C GLU A 555 52.96 -2.32 36.45
N LEU A 556 52.72 -1.04 36.14
CA LEU A 556 51.99 -0.65 34.93
C LEU A 556 52.86 -0.93 33.70
N ASN A 557 54.15 -0.54 33.79
CA ASN A 557 55.14 -0.81 32.75
C ASN A 557 55.11 -2.27 32.36
N LYS A 558 54.87 -3.14 33.36
CA LYS A 558 54.81 -4.58 33.14
C LYS A 558 53.56 -4.92 32.34
N VAL A 559 52.42 -4.37 32.76
CA VAL A 559 51.15 -4.76 32.18
C VAL A 559 51.04 -4.18 30.77
N TRP A 560 51.41 -2.90 30.62
CA TRP A 560 51.24 -2.16 29.38
C TRP A 560 52.41 -2.41 28.40
N HIS A 561 53.45 -3.10 28.89
N HIS A 561 53.46 -3.09 28.89
CA HIS A 561 54.67 -3.39 28.15
CA HIS A 561 54.66 -3.37 28.13
C HIS A 561 55.37 -2.08 27.75
C HIS A 561 55.38 -2.08 27.74
N LEU A 562 55.58 -1.21 28.73
CA LEU A 562 56.25 0.06 28.52
C LEU A 562 57.47 0.13 29.43
N ASN A 563 58.23 1.24 29.29
CA ASN A 563 59.44 1.50 30.02
C ASN A 563 59.42 2.97 30.46
N LEU A 564 58.33 3.37 31.09
CA LEU A 564 58.21 4.71 31.63
C LEU A 564 59.16 4.85 32.82
N ALA A 565 59.89 5.96 32.87
CA ALA A 565 60.90 6.20 33.89
C ALA A 565 60.23 6.55 35.22
N SER A 566 59.11 7.25 35.16
CA SER A 566 58.48 7.80 36.36
C SER A 566 57.00 8.07 36.12
N TRP A 567 56.26 8.24 37.22
CA TRP A 567 54.88 8.68 37.15
C TRP A 567 54.80 10.04 36.47
N ALA A 568 55.80 10.88 36.73
CA ALA A 568 55.92 12.19 36.10
C ALA A 568 55.98 12.03 34.57
N GLU A 569 56.63 10.97 34.09
CA GLU A 569 56.64 10.67 32.66
C GLU A 569 55.21 10.33 32.22
N PHE A 570 54.56 9.43 32.99
CA PHE A 570 53.22 8.95 32.66
C PHE A 570 52.27 10.13 32.55
N ASP A 571 52.34 11.02 33.55
CA ASP A 571 51.50 12.19 33.68
C ASP A 571 51.72 13.15 32.52
N LYS A 572 52.97 13.26 32.08
CA LYS A 572 53.36 14.18 31.01
C LYS A 572 52.76 13.72 29.68
N GLY A 573 52.75 12.41 29.46
CA GLY A 573 52.32 11.85 28.19
C GLY A 573 52.91 10.46 27.97
N VAL A 574 52.03 9.49 27.64
CA VAL A 574 52.43 8.14 27.29
C VAL A 574 51.94 7.85 25.88
N THR A 575 52.81 7.22 25.07
CA THR A 575 52.36 6.60 23.83
C THR A 575 52.15 5.12 24.10
N ILE A 576 50.87 4.67 24.16
CA ILE A 576 50.60 3.28 24.47
C ILE A 576 50.99 2.39 23.29
N ASP A 577 51.26 1.11 23.60
CA ASP A 577 51.53 0.09 22.61
C ASP A 577 50.19 -0.46 22.09
N ILE A 578 49.85 -0.14 20.84
CA ILE A 578 48.54 -0.45 20.30
C ILE A 578 48.29 -1.96 20.23
N LYS A 579 49.37 -2.76 20.31
CA LYS A 579 49.26 -4.20 20.14
C LYS A 579 49.10 -4.89 21.49
N ASN A 580 49.42 -4.19 22.57
CA ASN A 580 49.38 -4.79 23.90
C ASN A 580 47.93 -5.05 24.29
N GLU A 581 47.68 -6.24 24.85
CA GLU A 581 46.32 -6.66 25.17
C GLU A 581 46.03 -6.52 26.66
N GLU A 582 47.09 -6.60 27.49
CA GLU A 582 46.93 -6.64 28.93
C GLU A 582 46.35 -5.33 29.45
N GLN A 583 46.70 -4.22 28.80
CA GLN A 583 46.29 -2.89 29.22
C GLN A 583 44.80 -2.65 28.98
N LEU A 584 44.13 -3.51 28.19
CA LEU A 584 42.78 -3.21 27.74
C LEU A 584 41.81 -3.19 28.93
N VAL A 585 42.21 -3.83 30.04
CA VAL A 585 41.38 -3.83 31.23
C VAL A 585 41.40 -2.42 31.82
N ASP A 586 42.57 -1.78 31.77
CA ASP A 586 42.75 -0.41 32.20
C ASP A 586 42.06 0.57 31.24
N PHE A 587 42.12 0.30 29.94
CA PHE A 587 41.48 1.12 28.93
C PHE A 587 39.98 1.18 29.21
N SER A 588 39.44 0.04 29.64
CA SER A 588 38.03 -0.10 29.98
C SER A 588 37.68 0.71 31.22
N ILE A 589 38.58 0.71 32.22
CA ILE A 589 38.41 1.45 33.46
C ILE A 589 38.40 2.94 33.16
N LEU A 590 39.31 3.36 32.27
CA LEU A 590 39.49 4.76 31.92
C LEU A 590 38.31 5.25 31.10
N LEU A 591 37.88 4.47 30.09
CA LEU A 591 36.70 4.85 29.31
C LEU A 591 35.44 4.89 30.18
N THR A 592 35.25 3.89 31.04
CA THR A 592 34.11 3.93 31.97
C THR A 592 34.14 5.20 32.81
N ALA A 593 35.33 5.56 33.32
CA ALA A 593 35.50 6.70 34.21
C ALA A 593 35.12 8.00 33.49
N TYR A 594 35.55 8.11 32.24
CA TYR A 594 35.21 9.26 31.42
C TYR A 594 33.69 9.37 31.30
N ALA A 595 33.04 8.29 30.85
CA ALA A 595 31.61 8.30 30.61
C ALA A 595 30.84 8.48 31.92
N ASP A 596 31.38 7.92 33.00
CA ASP A 596 30.73 8.03 34.30
C ASP A 596 30.62 9.49 34.73
N LYS A 597 31.70 10.26 34.52
CA LYS A 597 31.72 11.67 34.87
C LYS A 597 30.80 12.44 33.93
N TYR A 598 30.80 12.09 32.64
CA TYR A 598 29.88 12.73 31.72
C TYR A 598 28.45 12.62 32.25
N PHE A 599 28.02 11.37 32.51
CA PHE A 599 26.64 11.13 32.88
C PHE A 599 26.31 11.67 34.28
N SER A 600 27.32 11.67 35.15
CA SER A 600 27.14 12.17 36.50
C SER A 600 26.85 13.66 36.47
N VAL A 601 27.60 14.39 35.62
CA VAL A 601 27.44 15.83 35.48
C VAL A 601 26.05 16.11 34.91
N VAL A 602 25.67 15.39 33.85
CA VAL A 602 24.40 15.73 33.22
C VAL A 602 23.27 15.38 34.19
N ASN A 603 23.39 14.22 34.83
CA ASN A 603 22.40 13.77 35.80
C ASN A 603 22.23 14.78 36.93
N ALA A 604 23.35 15.34 37.43
CA ALA A 604 23.24 16.30 38.52
C ALA A 604 22.60 17.60 38.03
N ALA A 605 22.86 17.98 36.77
CA ALA A 605 22.19 19.15 36.22
C ALA A 605 20.67 18.93 36.14
N MET A 606 20.29 17.76 35.61
CA MET A 606 18.90 17.37 35.52
C MET A 606 18.26 17.33 36.91
N ASP A 607 19.01 16.86 37.91
CA ASP A 607 18.54 16.77 39.29
C ASP A 607 18.28 18.16 39.86
N LYS A 608 19.02 19.17 39.39
CA LYS A 608 18.83 20.50 39.94
C LYS A 608 17.61 21.17 39.31
N TYR A 609 17.51 21.10 37.98
CA TYR A 609 16.65 22.01 37.23
C TYR A 609 15.37 21.32 36.79
N LEU A 610 15.47 20.02 36.48
CA LEU A 610 14.31 19.27 36.01
C LEU A 610 14.14 17.99 36.85
N PRO A 611 14.15 18.13 38.20
CA PRO A 611 14.17 16.99 39.11
C PRO A 611 12.98 16.04 38.97
N ASN A 612 11.85 16.57 38.46
CA ASN A 612 10.62 15.78 38.42
C ASN A 612 10.54 14.99 37.13
N HIS A 613 11.50 15.21 36.21
CA HIS A 613 11.38 14.74 34.84
C HIS A 613 12.47 13.73 34.52
N MET A 614 12.16 12.75 33.66
CA MET A 614 13.11 11.69 33.35
C MET A 614 14.24 12.24 32.50
N TYR A 615 15.46 11.74 32.79
CA TYR A 615 16.64 12.00 32.00
C TYR A 615 16.87 10.79 31.11
N LEU A 616 16.91 11.02 29.79
CA LEU A 616 16.78 9.96 28.79
C LEU A 616 18.10 9.69 28.09
N GLY A 617 19.21 10.19 28.67
CA GLY A 617 20.52 9.86 28.13
C GLY A 617 20.87 10.69 26.90
N ALA A 618 21.72 10.12 26.03
CA ALA A 618 22.47 10.89 25.04
C ALA A 618 22.41 10.27 23.65
N ARG A 619 21.50 9.33 23.44
CA ARG A 619 21.10 8.82 22.13
C ARG A 619 22.31 8.20 21.42
N PHE A 620 22.77 7.06 21.94
CA PHE A 620 23.95 6.44 21.36
C PHE A 620 23.59 5.81 20.02
N PRO A 621 24.40 5.94 18.95
CA PRO A 621 24.13 5.22 17.71
C PRO A 621 24.50 3.74 17.91
N ASP A 622 23.71 2.86 17.31
CA ASP A 622 23.87 1.41 17.44
C ASP A 622 25.24 1.00 16.88
N TRP A 623 25.79 1.82 15.98
CA TRP A 623 27.10 1.56 15.43
C TRP A 623 28.22 2.08 16.35
N GLY A 624 27.88 2.91 17.35
CA GLY A 624 28.93 3.52 18.16
C GLY A 624 28.54 3.62 19.64
N MET A 625 28.31 2.47 20.26
CA MET A 625 27.87 2.42 21.64
C MET A 625 28.79 1.50 22.46
N PRO A 626 30.00 1.96 22.86
CA PRO A 626 30.89 1.12 23.68
C PRO A 626 30.13 0.68 24.92
N ILE A 627 30.27 -0.62 25.27
CA ILE A 627 29.62 -1.18 26.46
C ILE A 627 29.98 -0.38 27.71
N GLU A 628 31.21 0.18 27.78
CA GLU A 628 31.64 0.90 28.97
C GLU A 628 30.80 2.15 29.17
N VAL A 629 30.43 2.76 28.04
CA VAL A 629 29.71 4.02 28.04
C VAL A 629 28.25 3.73 28.37
N VAL A 630 27.71 2.63 27.82
CA VAL A 630 26.33 2.26 28.10
C VAL A 630 26.19 1.93 29.60
N LYS A 631 27.17 1.17 30.10
CA LYS A 631 27.22 0.77 31.50
C LYS A 631 27.27 2.01 32.38
N ALA A 632 28.13 2.98 32.05
CA ALA A 632 28.24 4.20 32.85
C ALA A 632 26.89 4.91 32.88
N SER A 633 26.24 5.02 31.70
CA SER A 633 24.97 5.73 31.60
C SER A 633 23.88 5.09 32.47
N ALA A 634 23.89 3.76 32.56
CA ALA A 634 22.83 3.00 33.21
C ALA A 634 22.71 3.36 34.70
N LYS A 635 23.79 3.89 35.27
N LYS A 635 23.81 3.83 35.29
CA LYS A 635 23.86 4.27 36.67
CA LYS A 635 23.83 4.27 36.68
C LYS A 635 23.20 5.63 36.91
C LYS A 635 22.93 5.49 36.88
N TYR A 636 22.82 6.34 35.84
CA TYR A 636 22.37 7.70 36.01
C TYR A 636 21.03 7.99 35.33
N VAL A 637 20.82 7.45 34.13
CA VAL A 637 19.66 7.79 33.31
C VAL A 637 18.43 7.01 33.78
N ASP A 638 17.25 7.57 33.49
CA ASP A 638 15.98 6.91 33.75
C ASP A 638 15.71 5.91 32.61
N VAL A 639 16.09 6.32 31.40
CA VAL A 639 15.90 5.51 30.20
C VAL A 639 17.17 5.64 29.37
N ILE A 640 17.68 4.52 28.85
CA ILE A 640 18.84 4.55 27.97
C ILE A 640 18.35 4.71 26.53
N SER A 641 18.81 5.77 25.86
CA SER A 641 18.38 6.07 24.51
C SER A 641 19.47 5.68 23.49
N PHE A 642 19.01 5.13 22.35
CA PHE A 642 19.84 4.71 21.23
C PHE A 642 19.16 5.10 19.93
N ASN A 643 19.96 5.41 18.89
CA ASN A 643 19.42 5.52 17.54
C ASN A 643 19.77 4.24 16.79
N ALA A 644 18.83 3.69 16.00
CA ALA A 644 19.13 2.43 15.32
C ALA A 644 18.41 2.37 13.97
N TYR A 645 19.11 2.83 12.92
CA TYR A 645 18.61 2.75 11.56
C TYR A 645 18.93 1.36 11.01
N LYS A 646 18.11 0.38 11.40
CA LYS A 646 18.15 -0.96 10.83
C LYS A 646 16.73 -1.36 10.49
N GLU A 647 16.56 -2.61 10.02
CA GLU A 647 15.22 -3.05 9.65
C GLU A 647 14.39 -3.40 10.89
N GLY A 648 15.07 -3.46 12.05
CA GLY A 648 14.41 -3.86 13.28
C GLY A 648 15.39 -3.95 14.44
N LEU A 649 14.87 -4.21 15.65
CA LEU A 649 15.69 -4.47 16.82
C LEU A 649 15.89 -5.98 16.96
N ARG A 650 17.04 -6.47 16.51
CA ARG A 650 17.36 -7.89 16.57
C ARG A 650 17.72 -8.26 18.00
N ASP A 651 17.24 -9.43 18.43
CA ASP A 651 17.50 -9.89 19.78
C ASP A 651 19.01 -9.96 20.01
N ASP A 652 19.77 -10.43 19.01
CA ASP A 652 21.20 -10.64 19.21
C ASP A 652 21.93 -9.31 19.46
N LYS A 653 21.42 -8.24 18.84
CA LYS A 653 22.05 -6.93 18.94
C LYS A 653 21.79 -6.29 20.32
N TRP A 654 20.65 -6.61 20.94
CA TRP A 654 20.16 -5.85 22.08
C TRP A 654 20.11 -6.65 23.39
N ALA A 655 20.64 -7.88 23.37
CA ALA A 655 20.62 -8.78 24.51
C ALA A 655 21.42 -8.19 25.65
N PHE A 656 22.41 -7.37 25.32
CA PHE A 656 23.32 -6.77 26.29
C PHE A 656 22.55 -5.96 27.32
N LEU A 657 21.30 -5.58 27.02
CA LEU A 657 20.51 -4.72 27.90
C LEU A 657 20.15 -5.44 29.20
N SER A 658 20.18 -6.77 29.17
CA SER A 658 19.89 -7.57 30.35
C SER A 658 20.95 -7.36 31.43
N GLN A 659 22.09 -6.76 31.07
CA GLN A 659 23.15 -6.41 32.00
C GLN A 659 22.67 -5.36 33.01
N PHE A 660 21.74 -4.48 32.61
CA PHE A 660 21.45 -3.28 33.40
C PHE A 660 20.03 -3.26 33.94
N ASP A 661 19.13 -4.02 33.32
CA ASP A 661 17.71 -4.00 33.63
C ASP A 661 17.21 -2.55 33.71
N LYS A 662 17.56 -1.75 32.70
CA LYS A 662 17.01 -0.42 32.56
C LYS A 662 16.06 -0.43 31.36
N PRO A 663 15.03 0.45 31.29
CA PRO A 663 14.24 0.62 30.06
C PRO A 663 15.09 1.40 29.05
N ALA A 664 14.79 1.21 27.76
CA ALA A 664 15.52 1.82 26.65
C ALA A 664 14.55 2.48 25.70
N ILE A 665 15.03 3.47 24.94
CA ILE A 665 14.16 4.08 23.94
C ILE A 665 14.96 4.22 22.64
N ILE A 666 14.29 4.03 21.50
CA ILE A 666 14.89 4.32 20.20
C ILE A 666 14.62 5.78 19.85
N GLY A 667 15.70 6.53 19.64
CA GLY A 667 15.62 7.96 19.34
C GLY A 667 15.23 8.26 17.89
N GLU A 668 15.71 7.41 16.98
CA GLU A 668 15.53 7.60 15.55
C GLU A 668 15.60 6.26 14.83
N PHE A 669 14.78 6.12 13.80
CA PHE A 669 14.80 5.05 12.82
C PHE A 669 13.97 5.53 11.63
N HIS A 670 14.21 4.95 10.44
CA HIS A 670 13.42 5.32 9.28
C HIS A 670 13.57 4.27 8.20
N VAL A 671 12.58 4.28 7.31
CA VAL A 671 12.61 3.51 6.09
C VAL A 671 12.17 4.46 4.98
N GLY A 672 12.80 4.34 3.81
CA GLY A 672 12.52 5.21 2.68
C GLY A 672 12.36 4.39 1.41
N SER A 673 11.79 5.00 0.37
CA SER A 673 11.67 4.36 -0.93
C SER A 673 11.76 5.40 -2.06
N SER A 674 12.23 4.94 -3.23
CA SER A 674 12.47 5.82 -4.36
C SER A 674 11.17 6.24 -5.05
N ASP A 675 10.07 5.54 -4.78
CA ASP A 675 8.80 5.83 -5.41
C ASP A 675 8.18 7.13 -4.83
N SER A 676 8.83 7.70 -3.81
CA SER A 676 8.45 9.00 -3.27
C SER A 676 8.81 10.13 -4.24
N GLY A 677 9.67 9.82 -5.22
CA GLY A 677 10.15 10.81 -6.16
C GLY A 677 11.37 11.56 -5.64
N LEU A 678 11.91 11.12 -4.50
CA LEU A 678 13.18 11.65 -4.01
C LEU A 678 14.31 10.80 -4.57
N PHE A 679 15.52 11.38 -4.60
CA PHE A 679 16.66 10.77 -5.26
C PHE A 679 17.47 9.89 -4.32
N HIS A 680 17.03 9.80 -3.05
CA HIS A 680 17.70 9.01 -2.04
C HIS A 680 16.65 8.42 -1.12
N PRO A 681 16.50 7.07 -1.09
CA PRO A 681 15.54 6.45 -0.17
C PRO A 681 15.97 6.60 1.28
N GLY A 682 17.27 6.81 1.52
CA GLY A 682 17.75 7.00 2.87
C GLY A 682 18.68 5.87 3.31
N LEU A 683 18.58 5.46 4.58
CA LEU A 683 19.53 4.52 5.14
C LEU A 683 18.99 3.10 5.00
N ILE A 684 17.69 2.92 5.23
CA ILE A 684 17.01 1.66 5.12
C ILE A 684 15.98 1.77 3.98
N HIS A 685 16.06 0.85 3.01
CA HIS A 685 15.36 0.99 1.73
C HIS A 685 14.22 -0.01 1.59
N ALA A 686 13.06 0.48 1.11
CA ALA A 686 11.92 -0.38 0.79
C ALA A 686 11.65 -0.38 -0.72
N ALA A 687 10.81 -1.32 -1.15
CA ALA A 687 10.50 -1.48 -2.57
C ALA A 687 9.58 -0.37 -3.09
N ASN A 688 8.75 0.18 -2.20
CA ASN A 688 7.73 1.16 -2.52
C ASN A 688 7.07 1.61 -1.21
N GLN A 689 6.07 2.49 -1.30
CA GLN A 689 5.47 3.08 -0.12
C GLN A 689 4.81 1.99 0.73
N GLN A 690 4.21 0.98 0.09
CA GLN A 690 3.49 -0.08 0.79
C GLN A 690 4.46 -0.97 1.55
N ASP A 691 5.59 -1.28 0.92
CA ASP A 691 6.64 -2.06 1.55
C ASP A 691 7.25 -1.26 2.70
N ARG A 692 7.37 0.05 2.47
CA ARG A 692 7.92 1.00 3.43
C ARG A 692 7.09 0.95 4.72
N ALA A 693 5.76 0.97 4.56
CA ALA A 693 4.83 0.88 5.69
C ALA A 693 4.95 -0.47 6.39
N ASN A 694 5.11 -1.55 5.61
CA ASN A 694 5.18 -2.88 6.17
C ASN A 694 6.47 -3.03 6.97
N MET A 695 7.54 -2.36 6.52
CA MET A 695 8.82 -2.51 7.18
C MET A 695 8.81 -1.69 8.46
N TYR A 696 8.14 -0.53 8.40
CA TYR A 696 7.82 0.25 9.58
C TYR A 696 7.15 -0.63 10.63
N THR A 697 6.10 -1.34 10.22
CA THR A 697 5.30 -2.18 11.10
C THR A 697 6.18 -3.25 11.77
N ASP A 698 7.01 -3.93 10.98
CA ASP A 698 7.93 -4.94 11.49
C ASP A 698 8.87 -4.34 12.53
N TYR A 699 9.40 -3.14 12.23
CA TYR A 699 10.38 -2.50 13.10
C TYR A 699 9.73 -2.19 14.44
N MET A 700 8.52 -1.62 14.37
CA MET A 700 7.80 -1.21 15.56
C MET A 700 7.34 -2.43 16.36
N ASN A 701 7.06 -3.54 15.67
CA ASN A 701 6.72 -4.78 16.36
C ASN A 701 7.91 -5.27 17.18
N SER A 702 9.12 -5.09 16.64
CA SER A 702 10.31 -5.56 17.35
C SER A 702 10.59 -4.68 18.56
N VAL A 703 10.21 -3.40 18.49
CA VAL A 703 10.30 -2.49 19.62
C VAL A 703 9.30 -2.93 20.70
N ILE A 704 8.04 -3.14 20.28
CA ILE A 704 6.95 -3.50 21.17
C ILE A 704 7.21 -4.87 21.82
N ASP A 705 7.88 -5.78 21.09
CA ASP A 705 8.09 -7.13 21.57
C ASP A 705 9.35 -7.23 22.42
N ASN A 706 10.09 -6.12 22.54
CA ASN A 706 11.35 -6.19 23.27
C ASN A 706 11.11 -5.79 24.72
N PRO A 707 11.50 -6.62 25.72
CA PRO A 707 11.13 -6.36 27.10
C PRO A 707 11.84 -5.17 27.76
N TYR A 708 12.88 -4.64 27.10
CA TYR A 708 13.60 -3.48 27.62
C TYR A 708 13.10 -2.18 26.99
N PHE A 709 12.70 -2.23 25.72
CA PHE A 709 12.34 -1.00 25.03
C PHE A 709 10.92 -0.57 25.37
N ILE A 710 10.73 0.75 25.56
CA ILE A 710 9.44 1.32 25.93
C ILE A 710 8.97 2.29 24.85
N GLY A 711 9.58 2.23 23.66
CA GLY A 711 9.13 3.09 22.58
C GLY A 711 10.23 3.39 21.57
N ALA A 712 9.82 4.12 20.53
CA ALA A 712 10.69 4.48 19.42
C ALA A 712 10.12 5.71 18.73
N HIS A 713 11.02 6.60 18.31
CA HIS A 713 10.63 7.79 17.56
C HIS A 713 11.18 7.70 16.13
N TRP A 714 10.32 8.03 15.16
CA TRP A 714 10.61 8.02 13.74
C TRP A 714 11.30 9.31 13.33
N PHE A 715 12.41 9.19 12.59
CA PHE A 715 13.07 10.35 12.01
C PHE A 715 12.73 10.42 10.51
N GLN A 716 11.92 11.39 10.08
CA GLN A 716 11.44 12.58 10.78
C GLN A 716 10.07 12.96 10.19
N TYR A 717 9.56 14.13 10.54
CA TYR A 717 8.19 14.52 10.21
C TYR A 717 8.03 14.71 8.71
N ILE A 718 8.90 15.58 8.18
CA ILE A 718 8.87 16.09 6.82
C ILE A 718 10.03 15.47 6.05
N ASP A 719 9.77 15.07 4.80
CA ASP A 719 10.84 14.64 3.91
C ASP A 719 11.93 15.71 3.87
N SER A 720 13.18 15.26 3.75
CA SER A 720 14.28 16.20 3.54
C SER A 720 14.06 16.89 2.20
N PRO A 721 14.52 18.14 1.99
CA PRO A 721 14.47 18.76 0.67
C PRO A 721 15.04 17.82 -0.39
N ILE A 722 14.43 17.84 -1.58
CA ILE A 722 14.88 16.98 -2.65
C ILE A 722 16.30 17.34 -3.06
N THR A 723 16.70 18.60 -2.85
CA THR A 723 18.01 19.10 -3.23
C THR A 723 18.96 19.19 -2.04
N GLY A 724 18.60 18.50 -0.96
CA GLY A 724 19.47 18.39 0.20
C GLY A 724 19.11 19.39 1.28
N ARG A 725 19.03 18.92 2.53
CA ARG A 725 19.01 19.85 3.64
C ARG A 725 20.31 20.68 3.61
N ALA A 726 20.19 21.97 3.95
CA ALA A 726 21.25 22.96 3.87
C ALA A 726 22.55 22.52 4.55
N TYR A 727 22.43 21.87 5.71
CA TYR A 727 23.59 21.56 6.54
C TYR A 727 24.58 20.64 5.82
N ASP A 728 24.09 19.55 5.20
CA ASP A 728 25.00 18.54 4.68
C ASP A 728 24.46 17.85 3.43
N GLY A 729 23.37 18.36 2.83
CA GLY A 729 22.90 17.81 1.57
C GLY A 729 22.10 16.52 1.65
N GLU A 730 21.83 16.04 2.87
CA GLU A 730 20.96 14.88 3.09
C GLU A 730 19.62 15.13 2.40
N ASN A 731 19.20 14.19 1.53
CA ASN A 731 18.05 14.40 0.66
C ASN A 731 17.17 13.15 0.62
N TYR A 732 16.89 12.59 1.81
CA TYR A 732 16.27 11.27 1.95
C TYR A 732 14.75 11.36 2.06
N ASN A 733 14.08 10.25 1.67
CA ASN A 733 12.68 9.98 1.97
C ASN A 733 12.53 9.53 3.42
N VAL A 734 12.66 10.47 4.36
CA VAL A 734 12.57 10.22 5.79
C VAL A 734 11.22 10.71 6.35
N GLY A 735 10.41 11.38 5.53
CA GLY A 735 9.20 12.04 6.03
C GLY A 735 8.02 11.09 6.22
N PHE A 736 7.26 11.31 7.29
CA PHE A 736 5.89 10.81 7.39
C PHE A 736 4.96 11.58 6.45
N ILE A 737 5.38 12.81 6.08
CA ILE A 737 4.66 13.67 5.14
C ILE A 737 5.65 14.22 4.11
N SER A 738 5.13 14.57 2.93
CA SER A 738 5.92 15.12 1.84
C SER A 738 6.10 16.63 2.00
N VAL A 739 6.85 17.23 1.05
CA VAL A 739 7.15 18.65 1.05
C VAL A 739 5.88 19.49 0.83
N THR A 740 4.83 18.90 0.27
CA THR A 740 3.57 19.63 0.07
C THR A 740 2.57 19.35 1.19
N ASP A 741 3.06 18.85 2.35
CA ASP A 741 2.25 18.65 3.54
C ASP A 741 1.18 17.59 3.29
N ARG A 742 1.51 16.61 2.43
CA ARG A 742 0.64 15.46 2.28
C ARG A 742 1.23 14.27 3.05
N PRO A 743 0.53 13.79 4.11
CA PRO A 743 0.93 12.55 4.78
C PRO A 743 1.00 11.40 3.78
N TYR A 744 2.04 10.58 3.91
CA TYR A 744 2.17 9.32 3.19
C TYR A 744 1.16 8.35 3.75
N ILE A 745 0.13 8.04 2.94
CA ILE A 745 -1.09 7.41 3.39
C ILE A 745 -0.79 6.03 3.99
N GLU A 746 0.12 5.28 3.36
CA GLU A 746 0.45 3.93 3.77
C GLU A 746 1.11 3.95 5.15
N MET A 747 1.92 4.98 5.40
CA MET A 747 2.64 5.14 6.66
C MET A 747 1.64 5.44 7.79
N ILE A 748 0.67 6.31 7.50
CA ILE A 748 -0.32 6.76 8.46
C ILE A 748 -1.20 5.59 8.89
N GLU A 749 -1.60 4.75 7.92
CA GLU A 749 -2.45 3.59 8.16
C GLU A 749 -1.70 2.58 9.02
N ALA A 750 -0.42 2.35 8.72
CA ALA A 750 0.37 1.41 9.50
C ALA A 750 0.60 1.94 10.91
N ALA A 751 0.88 3.24 11.01
CA ALA A 751 1.06 3.90 12.31
C ALA A 751 -0.19 3.75 13.15
N LYS A 752 -1.37 3.97 12.56
CA LYS A 752 -2.61 3.94 13.32
C LYS A 752 -2.82 2.54 13.90
N ALA A 753 -2.56 1.52 13.08
CA ALA A 753 -2.80 0.14 13.48
C ALA A 753 -1.82 -0.22 14.59
N MET A 754 -0.56 0.17 14.40
CA MET A 754 0.51 -0.16 15.34
CA MET A 754 0.50 -0.16 15.34
C MET A 754 0.19 0.45 16.71
N ASN A 755 -0.16 1.74 16.72
CA ASN A 755 -0.41 2.49 17.95
C ASN A 755 -1.64 1.95 18.65
N GLU A 756 -2.62 1.47 17.85
CA GLU A 756 -3.87 0.96 18.38
C GLU A 756 -3.60 -0.29 19.22
N SER A 757 -2.72 -1.16 18.71
CA SER A 757 -2.56 -2.48 19.27
C SER A 757 -1.41 -2.56 20.27
N MET A 758 -0.61 -1.50 20.42
CA MET A 758 0.65 -1.64 21.13
C MET A 758 0.49 -2.08 22.57
N TYR A 759 -0.46 -1.48 23.30
CA TYR A 759 -0.58 -1.77 24.73
C TYR A 759 -0.94 -3.25 24.92
N GLU A 760 -1.96 -3.68 24.17
CA GLU A 760 -2.45 -5.05 24.18
C GLU A 760 -1.36 -6.04 23.78
N ARG A 761 -0.69 -5.77 22.65
CA ARG A 761 0.36 -6.64 22.17
C ARG A 761 1.47 -6.78 23.22
N ARG A 762 1.88 -5.67 23.84
CA ARG A 762 3.03 -5.73 24.73
C ARG A 762 2.67 -6.37 26.06
N PHE A 763 1.47 -6.07 26.58
CA PHE A 763 1.20 -6.27 28.00
C PHE A 763 0.11 -7.30 28.27
N LYS A 764 -0.71 -7.64 27.27
CA LYS A 764 -1.80 -8.57 27.50
C LYS A 764 -1.41 -9.98 27.01
N THR B 36 11.72 -14.55 -28.89
CA THR B 36 11.27 -14.99 -30.25
C THR B 36 10.40 -13.92 -30.91
N HIS B 37 9.20 -13.67 -30.37
CA HIS B 37 8.22 -12.80 -31.02
C HIS B 37 8.62 -11.33 -30.94
N HIS B 38 9.37 -10.97 -29.89
CA HIS B 38 9.91 -9.62 -29.72
C HIS B 38 11.06 -9.63 -28.72
N THR B 39 12.16 -8.94 -29.07
CA THR B 39 13.33 -8.79 -28.20
C THR B 39 14.11 -7.54 -28.59
N SER B 42 11.96 -7.85 -32.62
CA SER B 42 11.33 -6.94 -33.62
C SER B 42 10.09 -7.61 -34.23
N VAL B 43 8.95 -6.89 -34.18
CA VAL B 43 7.71 -7.33 -34.81
C VAL B 43 6.82 -6.10 -35.06
N ASP B 44 5.99 -6.19 -36.11
CA ASP B 44 5.13 -5.09 -36.52
C ASP B 44 3.94 -5.00 -35.56
N TYR B 45 3.58 -3.74 -35.23
CA TYR B 45 2.50 -3.46 -34.29
C TYR B 45 1.87 -2.12 -34.64
N GLN B 46 0.61 -1.94 -34.22
CA GLN B 46 -0.04 -0.64 -34.28
C GLN B 46 -0.71 -0.35 -32.94
N SER B 47 -1.09 0.91 -32.72
CA SER B 47 -1.66 1.33 -31.45
C SER B 47 -3.03 2.00 -31.67
N ASN B 48 -3.85 1.96 -30.61
CA ASN B 48 -5.16 2.59 -30.59
C ASN B 48 -5.31 3.36 -29.28
N SER B 49 -5.28 4.69 -29.37
CA SER B 49 -5.29 5.58 -28.22
C SER B 49 -4.17 5.16 -27.26
N ALA B 50 -2.96 5.02 -27.80
CA ALA B 50 -1.76 4.72 -27.04
C ALA B 50 -0.52 5.23 -27.78
N ILE B 51 0.32 5.99 -27.07
CA ILE B 51 1.61 6.40 -27.58
C ILE B 51 2.61 5.29 -27.27
N VAL B 52 3.30 4.81 -28.31
CA VAL B 52 4.32 3.79 -28.14
C VAL B 52 5.68 4.41 -28.47
N LYS B 53 6.62 4.26 -27.54
CA LYS B 53 7.98 4.73 -27.71
C LYS B 53 8.94 3.54 -27.64
N ASN B 54 9.97 3.57 -28.49
CA ASN B 54 11.01 2.54 -28.48
C ASN B 54 12.22 3.08 -27.71
N GLU B 55 12.20 2.88 -26.38
CA GLU B 55 13.29 3.27 -25.51
C GLU B 55 14.12 2.03 -25.17
N ASN B 56 15.31 1.94 -25.78
CA ASN B 56 16.08 0.72 -25.88
C ASN B 56 15.24 -0.33 -26.62
N SER B 57 15.38 -1.60 -26.21
CA SER B 57 14.60 -2.68 -26.81
C SER B 57 13.16 -2.64 -26.30
N VAL B 58 12.89 -1.73 -25.35
CA VAL B 58 11.68 -1.74 -24.56
C VAL B 58 10.62 -0.86 -25.20
N LEU B 59 9.43 -1.44 -25.42
CA LEU B 59 8.26 -0.68 -25.82
C LEU B 59 7.64 -0.05 -24.59
N ASN B 60 7.74 1.28 -24.49
CA ASN B 60 6.98 2.02 -23.49
C ASN B 60 5.61 2.36 -24.10
N VAL B 61 4.56 1.77 -23.51
CA VAL B 61 3.19 2.04 -23.92
C VAL B 61 2.54 2.98 -22.91
N GLN B 62 2.22 4.20 -23.36
CA GLN B 62 1.35 5.10 -22.64
C GLN B 62 -0.07 4.96 -23.19
N PHE B 63 -0.90 4.22 -22.46
CA PHE B 63 -2.31 4.06 -22.82
C PHE B 63 -3.05 5.35 -22.48
N GLN B 64 -3.69 5.93 -23.49
CA GLN B 64 -4.46 7.15 -23.31
C GLN B 64 -5.85 6.76 -22.84
N SER B 65 -5.90 6.21 -21.62
CA SER B 65 -7.06 5.50 -21.09
C SER B 65 -7.93 6.41 -20.24
N LYS B 66 -7.41 7.58 -19.85
CA LYS B 66 -8.24 8.55 -19.15
C LYS B 66 -9.32 9.05 -20.12
N LYS B 67 -8.91 9.34 -21.35
CA LYS B 67 -9.79 9.97 -22.32
C LYS B 67 -10.57 8.91 -23.09
N ASN B 68 -9.94 7.74 -23.29
CA ASN B 68 -10.44 6.73 -24.21
C ASN B 68 -10.71 5.41 -23.48
N SER B 69 -11.95 4.93 -23.64
CA SER B 69 -12.49 3.77 -22.94
C SER B 69 -11.84 2.49 -23.45
N TYR B 70 -11.25 2.55 -24.64
CA TYR B 70 -10.48 1.44 -25.17
C TYR B 70 -9.13 1.96 -25.68
N ALA B 71 -8.06 1.28 -25.26
CA ALA B 71 -6.71 1.62 -25.69
C ALA B 71 -5.89 0.33 -25.79
N SER B 72 -5.02 0.24 -26.81
CA SER B 72 -4.38 -1.03 -27.07
C SER B 72 -3.11 -0.85 -27.90
N ILE B 73 -2.25 -1.86 -27.81
CA ILE B 73 -1.16 -2.10 -28.74
C ILE B 73 -1.41 -3.49 -29.33
N VAL B 74 -1.53 -3.53 -30.67
CA VAL B 74 -1.90 -4.77 -31.34
C VAL B 74 -0.68 -5.27 -32.12
N PHE B 75 -0.33 -6.53 -31.89
CA PHE B 75 0.76 -7.17 -32.60
C PHE B 75 0.18 -8.01 -33.73
N SER B 76 0.43 -7.55 -34.96
CA SER B 76 0.01 -8.20 -36.19
C SER B 76 1.23 -8.42 -37.09
N PRO B 77 1.48 -9.67 -37.52
CA PRO B 77 2.63 -9.97 -38.38
C PRO B 77 2.32 -9.68 -39.84
N GLU B 78 3.22 -10.10 -40.73
CA GLU B 78 2.99 -10.01 -42.17
C GLU B 78 1.87 -10.98 -42.55
N LYS B 79 2.17 -12.28 -42.47
CA LYS B 79 1.20 -13.34 -42.67
C LYS B 79 0.79 -13.91 -41.33
N PRO B 80 -0.52 -14.18 -41.09
CA PRO B 80 -0.99 -14.72 -39.82
C PRO B 80 -0.07 -15.79 -39.26
N TRP B 81 0.38 -15.59 -38.02
CA TRP B 81 1.28 -16.51 -37.32
C TRP B 81 0.78 -17.94 -37.46
N ASP B 82 1.69 -18.85 -37.81
CA ASP B 82 1.38 -20.27 -37.81
C ASP B 82 2.19 -20.97 -36.72
N TRP B 83 1.49 -21.42 -35.67
CA TRP B 83 2.12 -22.15 -34.58
C TRP B 83 1.62 -23.60 -34.57
N SER B 84 1.54 -24.20 -35.75
CA SER B 84 1.26 -25.61 -35.90
C SER B 84 2.46 -26.43 -35.46
N GLU B 85 3.67 -25.88 -35.69
CA GLU B 85 4.94 -26.58 -35.53
C GLU B 85 5.27 -26.81 -34.06
N PHE B 86 4.62 -26.05 -33.17
CA PHE B 86 4.85 -26.17 -31.74
C PHE B 86 3.66 -26.88 -31.08
N ASN B 87 3.93 -27.57 -29.96
CA ASN B 87 2.91 -28.15 -29.12
C ASN B 87 3.31 -27.94 -27.66
N ASP B 88 2.32 -27.94 -26.77
CA ASP B 88 2.53 -27.83 -25.33
C ASP B 88 3.43 -26.64 -25.03
N PHE B 89 2.91 -25.42 -25.23
CA PHE B 89 3.73 -24.23 -25.16
C PHE B 89 2.92 -23.06 -24.60
N ASN B 90 3.60 -21.96 -24.26
CA ASN B 90 2.98 -20.79 -23.67
C ASN B 90 3.57 -19.50 -24.24
N LEU B 91 2.72 -18.47 -24.32
CA LEU B 91 3.12 -17.13 -24.74
C LEU B 91 3.46 -16.33 -23.49
N ALA B 92 4.66 -15.72 -23.50
CA ALA B 92 5.21 -15.07 -22.33
C ALA B 92 5.51 -13.59 -22.63
N PHE B 93 5.19 -12.74 -21.66
CA PHE B 93 5.47 -11.32 -21.76
C PHE B 93 6.34 -10.89 -20.57
N GLU B 94 7.37 -10.08 -20.86
CA GLU B 94 8.21 -9.48 -19.85
C GLU B 94 7.72 -8.05 -19.61
N LEU B 95 6.95 -7.84 -18.53
CA LEU B 95 6.20 -6.62 -18.36
C LEU B 95 6.60 -5.91 -17.07
N ALA B 96 6.75 -4.58 -17.17
CA ALA B 96 6.90 -3.69 -16.04
C ALA B 96 5.84 -2.61 -16.15
N ASN B 97 5.79 -1.73 -15.14
CA ASN B 97 4.80 -0.67 -15.12
C ASN B 97 5.40 0.54 -14.40
N PRO B 98 6.05 1.46 -15.14
CA PRO B 98 6.60 2.68 -14.56
C PRO B 98 5.56 3.74 -14.24
N GLY B 99 4.28 3.39 -14.40
CA GLY B 99 3.18 4.32 -14.15
C GLY B 99 2.96 4.55 -12.67
N THR B 100 1.81 5.14 -12.32
CA THR B 100 1.50 5.38 -10.91
C THR B 100 0.19 4.71 -10.50
N HIS B 101 -0.40 3.93 -11.42
CA HIS B 101 -1.49 3.05 -11.07
C HIS B 101 -1.16 1.66 -11.61
N SER B 102 -1.62 0.61 -10.93
CA SER B 102 -1.54 -0.73 -11.46
C SER B 102 -2.40 -0.81 -12.73
N VAL B 103 -2.09 -1.75 -13.63
CA VAL B 103 -2.83 -1.87 -14.88
C VAL B 103 -3.38 -3.29 -14.99
N GLN B 104 -4.70 -3.38 -15.15
CA GLN B 104 -5.34 -4.61 -15.60
C GLN B 104 -5.31 -4.63 -17.13
N ILE B 105 -4.47 -5.50 -17.69
CA ILE B 105 -4.38 -5.60 -19.13
C ILE B 105 -5.26 -6.75 -19.58
N TYR B 106 -5.85 -6.56 -20.77
CA TYR B 106 -6.59 -7.61 -21.45
C TYR B 106 -5.71 -8.14 -22.59
N LEU B 107 -5.53 -9.46 -22.62
CA LEU B 107 -4.80 -10.13 -23.68
C LEU B 107 -5.82 -10.82 -24.59
N ASP B 108 -5.84 -10.37 -25.85
CA ASP B 108 -6.76 -10.88 -26.85
C ASP B 108 -5.96 -11.50 -28.00
N ILE B 109 -6.24 -12.79 -28.25
CA ILE B 109 -5.57 -13.54 -29.30
C ILE B 109 -6.62 -13.99 -30.31
N SER B 110 -6.51 -13.50 -31.55
CA SER B 110 -7.51 -13.71 -32.58
C SER B 110 -6.97 -14.58 -33.73
N ASP B 111 -7.91 -15.06 -34.57
CA ASP B 111 -7.63 -16.03 -35.62
C ASP B 111 -7.74 -15.36 -36.99
N ILE B 112 -7.15 -16.01 -38.00
CA ILE B 112 -7.52 -15.81 -39.39
C ILE B 112 -8.91 -16.39 -39.58
N ASP B 113 -9.24 -17.35 -38.70
CA ASP B 113 -10.50 -18.07 -38.65
C ASP B 113 -11.61 -17.14 -38.16
N GLY B 114 -11.28 -16.28 -37.18
CA GLY B 114 -12.20 -15.26 -36.69
C GLY B 114 -12.50 -15.38 -35.20
N ALA B 115 -12.11 -16.50 -34.59
CA ALA B 115 -12.33 -16.76 -33.17
C ALA B 115 -11.36 -15.91 -32.34
N ASN B 116 -11.77 -15.59 -31.11
CA ASN B 116 -10.98 -14.74 -30.22
C ASN B 116 -11.16 -15.21 -28.78
N TYR B 117 -10.05 -15.23 -28.03
CA TYR B 117 -10.10 -15.52 -26.60
C TYR B 117 -9.44 -14.41 -25.79
N THR B 118 -10.11 -14.04 -24.69
CA THR B 118 -9.70 -12.94 -23.84
C THR B 118 -9.11 -13.47 -22.54
N ARG B 119 -7.92 -12.97 -22.22
CA ARG B 119 -7.27 -13.21 -20.93
C ARG B 119 -6.99 -11.85 -20.29
N SER B 120 -6.76 -11.86 -18.96
CA SER B 120 -6.49 -10.63 -18.22
C SER B 120 -5.63 -10.88 -16.98
N VAL B 121 -4.84 -9.87 -16.59
CA VAL B 121 -4.02 -9.91 -15.39
C VAL B 121 -3.67 -8.47 -14.96
N ASN B 122 -3.35 -8.31 -13.68
CA ASN B 122 -2.92 -7.01 -13.17
C ASN B 122 -1.39 -6.95 -13.18
N VAL B 123 -0.85 -5.86 -13.76
CA VAL B 123 0.56 -5.54 -13.73
C VAL B 123 0.79 -4.42 -12.72
N PRO B 124 1.39 -4.72 -11.54
CA PRO B 124 1.61 -3.72 -10.49
C PRO B 124 2.64 -2.67 -10.90
N VAL B 125 2.49 -1.46 -10.35
CA VAL B 125 3.54 -0.44 -10.44
C VAL B 125 4.83 -1.07 -9.90
N GLY B 126 5.91 -0.97 -10.67
CA GLY B 126 7.19 -1.56 -10.31
C GLY B 126 7.92 -2.16 -11.51
N GLY B 127 9.02 -2.87 -11.22
CA GLY B 127 9.87 -3.51 -12.21
C GLY B 127 9.22 -4.70 -12.95
N TYR B 128 10.07 -5.54 -13.54
CA TYR B 128 9.68 -6.58 -14.49
C TYR B 128 9.26 -7.86 -13.77
N ASN B 129 8.20 -8.48 -14.30
CA ASN B 129 7.81 -9.84 -14.01
C ASN B 129 7.49 -10.50 -15.34
N THR B 130 7.38 -11.83 -15.33
CA THR B 130 7.01 -12.54 -16.54
C THR B 130 5.55 -12.97 -16.40
N TYR B 131 4.77 -12.70 -17.45
CA TYR B 131 3.39 -13.12 -17.51
C TYR B 131 3.21 -14.09 -18.68
N TYR B 132 2.56 -15.23 -18.40
CA TYR B 132 2.46 -16.31 -19.38
C TYR B 132 1.01 -16.76 -19.52
N ALA B 133 0.70 -17.28 -20.72
CA ALA B 133 -0.61 -17.86 -21.02
C ALA B 133 -0.39 -19.17 -21.76
N LYS B 134 -0.99 -20.25 -21.23
CA LYS B 134 -0.89 -21.55 -21.86
C LYS B 134 -1.79 -21.60 -23.09
N LEU B 135 -1.19 -21.90 -24.26
CA LEU B 135 -1.91 -21.92 -25.52
C LEU B 135 -2.19 -23.36 -25.95
N ASP B 136 -1.34 -24.30 -25.56
CA ASP B 136 -1.50 -25.71 -25.90
C ASP B 136 -1.04 -26.61 -24.75
N GLY B 137 -1.86 -27.62 -24.47
CA GLY B 137 -1.48 -28.72 -23.58
C GLY B 137 -1.98 -28.52 -22.15
N HIS B 138 -1.25 -29.15 -21.21
CA HIS B 138 -1.57 -29.13 -19.79
C HIS B 138 -3.08 -29.23 -19.58
N ASP B 139 -3.63 -28.25 -18.85
CA ASP B 139 -5.04 -28.20 -18.54
C ASP B 139 -5.78 -27.45 -19.67
N THR B 154 -13.68 -28.92 -16.62
CA THR B 154 -12.95 -30.20 -16.44
C THR B 154 -12.68 -30.43 -14.95
N SER B 155 -12.36 -29.34 -14.23
CA SER B 155 -12.14 -29.43 -12.80
C SER B 155 -13.29 -28.77 -12.03
N GLY B 156 -14.10 -27.97 -12.74
CA GLY B 156 -15.22 -27.27 -12.13
C GLY B 156 -14.80 -25.95 -11.49
N LEU B 157 -13.59 -25.50 -11.84
CA LEU B 157 -13.04 -24.23 -11.36
C LEU B 157 -12.96 -23.27 -12.53
N ARG B 158 -13.36 -22.01 -12.31
CA ARG B 158 -13.29 -21.03 -13.38
C ARG B 158 -11.82 -20.74 -13.72
N SER B 159 -10.97 -20.69 -12.70
CA SER B 159 -9.53 -20.66 -12.88
C SER B 159 -8.86 -21.65 -11.94
N ASN B 160 -7.90 -22.40 -12.49
CA ASN B 160 -7.19 -23.48 -11.82
C ASN B 160 -5.88 -22.96 -11.25
N PRO B 161 -5.23 -23.70 -10.32
CA PRO B 161 -3.85 -23.43 -9.92
C PRO B 161 -2.98 -23.56 -11.16
N ASP B 162 -1.76 -23.02 -11.09
CA ASP B 162 -0.79 -23.20 -12.15
C ASP B 162 -0.52 -24.69 -12.32
N THR B 163 -0.07 -25.09 -13.51
CA THR B 163 0.22 -26.48 -13.79
C THR B 163 1.71 -26.76 -13.58
N TRP B 164 2.40 -25.78 -13.01
CA TRP B 164 3.77 -25.92 -12.56
C TRP B 164 4.11 -24.76 -11.62
N GLU B 165 5.06 -24.98 -10.71
CA GLU B 165 5.49 -23.97 -9.75
C GLU B 165 6.43 -22.97 -10.41
N SER B 166 6.16 -21.68 -10.18
CA SER B 166 7.04 -20.60 -10.63
C SER B 166 6.77 -19.33 -9.83
N ASP B 167 7.68 -18.36 -9.98
CA ASP B 167 7.48 -17.04 -9.42
C ASP B 167 6.82 -16.13 -10.46
N GLU B 168 6.48 -16.72 -11.61
CA GLU B 168 5.89 -16.01 -12.74
C GLU B 168 4.38 -15.94 -12.55
N VAL B 169 3.72 -15.06 -13.33
CA VAL B 169 2.29 -14.80 -13.17
C VAL B 169 1.54 -15.30 -14.40
N GLN B 170 0.57 -16.19 -14.19
CA GLN B 170 -0.27 -16.69 -15.25
C GLN B 170 -1.47 -15.76 -15.45
N PHE B 171 -1.81 -15.49 -16.73
CA PHE B 171 -2.98 -14.69 -17.05
C PHE B 171 -4.23 -15.45 -16.62
N ILE B 172 -5.27 -14.71 -16.23
CA ILE B 172 -6.54 -15.34 -15.91
C ILE B 172 -7.36 -15.47 -17.20
N SER B 173 -7.90 -16.68 -17.41
CA SER B 173 -8.78 -16.95 -18.53
C SER B 173 -10.16 -16.37 -18.25
N MET B 174 -10.69 -15.60 -19.20
CA MET B 174 -11.89 -14.84 -18.94
C MET B 174 -13.07 -15.42 -19.71
N TRP B 175 -13.02 -15.34 -21.05
CA TRP B 175 -14.14 -15.70 -21.92
C TRP B 175 -13.71 -15.69 -23.37
N GLY B 176 -14.59 -16.20 -24.24
CA GLY B 176 -14.34 -16.32 -25.67
C GLY B 176 -14.31 -17.79 -26.09
N LYS B 177 -13.66 -18.07 -27.23
CA LYS B 177 -13.47 -19.44 -27.65
C LYS B 177 -12.04 -19.87 -27.31
N LYS B 178 -11.92 -20.76 -26.31
CA LYS B 178 -10.64 -21.19 -25.78
C LYS B 178 -9.81 -21.86 -26.87
N ASN B 179 -10.35 -22.96 -27.42
CA ASN B 179 -9.67 -23.79 -28.40
C ASN B 179 -9.53 -23.03 -29.71
N LEU B 180 -8.53 -22.16 -29.77
CA LEU B 180 -8.28 -21.32 -30.93
C LEU B 180 -7.56 -22.13 -32.01
N ASN B 181 -7.40 -21.52 -33.19
CA ASN B 181 -6.77 -22.15 -34.33
C ASN B 181 -5.31 -21.75 -34.41
N LEU B 182 -4.44 -22.58 -33.83
CA LEU B 182 -3.02 -22.28 -33.69
C LEU B 182 -2.35 -22.20 -35.06
N LYS B 183 -3.04 -22.70 -36.09
CA LYS B 183 -2.54 -22.74 -37.46
C LYS B 183 -2.52 -21.34 -38.06
N GLY B 184 -3.37 -20.44 -37.55
CA GLY B 184 -3.45 -19.09 -38.07
C GLY B 184 -3.93 -18.09 -37.02
N ILE B 185 -2.98 -17.36 -36.42
CA ILE B 185 -3.27 -16.37 -35.40
C ILE B 185 -3.08 -14.98 -36.00
N ALA B 186 -4.18 -14.24 -36.13
CA ALA B 186 -4.16 -12.96 -36.82
C ALA B 186 -3.47 -11.90 -35.97
N LYS B 187 -3.98 -11.72 -34.74
CA LYS B 187 -3.55 -10.61 -33.90
C LYS B 187 -3.30 -11.09 -32.47
N ILE B 188 -2.49 -10.30 -31.75
CA ILE B 188 -2.31 -10.40 -30.31
C ILE B 188 -2.42 -8.97 -29.79
N ALA B 189 -3.52 -8.67 -29.09
CA ALA B 189 -3.78 -7.34 -28.58
C ALA B 189 -3.67 -7.31 -27.06
N ILE B 190 -2.92 -6.33 -26.55
CA ILE B 190 -2.92 -5.97 -25.14
C ILE B 190 -3.75 -4.69 -25.01
N SER B 191 -4.88 -4.76 -24.32
CA SER B 191 -5.74 -3.59 -24.19
C SER B 191 -6.00 -3.25 -22.73
N VAL B 192 -6.27 -1.95 -22.47
CA VAL B 192 -6.82 -1.49 -21.21
C VAL B 192 -8.21 -0.92 -21.46
N GLN B 193 -9.15 -1.15 -20.53
CA GLN B 193 -10.56 -0.89 -20.77
C GLN B 193 -11.21 -0.27 -19.53
N SER B 194 -11.93 0.83 -19.76
CA SER B 194 -12.82 1.47 -18.80
C SER B 194 -12.13 1.72 -17.46
N THR B 195 -11.06 2.53 -17.50
CA THR B 195 -10.32 2.99 -16.33
C THR B 195 -10.75 4.44 -15.99
N LEU B 196 -10.14 5.03 -14.96
CA LEU B 196 -10.36 6.43 -14.62
C LEU B 196 -9.05 7.21 -14.76
N HIS B 197 -7.97 6.48 -15.05
CA HIS B 197 -6.62 7.01 -15.07
C HIS B 197 -5.94 6.52 -16.34
N ASP B 198 -5.03 7.35 -16.88
CA ASP B 198 -4.03 6.89 -17.84
C ASP B 198 -3.22 5.74 -17.22
N LYS B 199 -2.94 4.72 -18.03
CA LYS B 199 -2.12 3.60 -17.61
C LYS B 199 -0.90 3.52 -18.53
N GLU B 200 0.16 2.86 -18.04
CA GLU B 200 1.36 2.64 -18.82
C GLU B 200 1.80 1.19 -18.67
N LEU B 201 2.61 0.72 -19.63
CA LEU B 201 3.17 -0.62 -19.63
C LEU B 201 4.49 -0.58 -20.38
N ALA B 202 5.50 -1.25 -19.82
CA ALA B 202 6.77 -1.41 -20.51
C ALA B 202 6.90 -2.87 -20.92
N ILE B 203 7.08 -3.10 -22.23
CA ILE B 203 7.23 -4.44 -22.77
C ILE B 203 8.67 -4.64 -23.22
N LYS B 204 9.36 -5.59 -22.57
CA LYS B 204 10.79 -5.75 -22.78
C LYS B 204 11.06 -6.90 -23.74
N SER B 205 10.19 -7.91 -23.70
CA SER B 205 10.29 -9.08 -24.56
C SER B 205 8.96 -9.83 -24.59
N ILE B 206 8.61 -10.32 -25.79
CA ILE B 206 7.53 -11.27 -25.99
C ILE B 206 8.12 -12.53 -26.61
N SER B 207 7.70 -13.70 -26.12
CA SER B 207 8.28 -14.95 -26.56
C SER B 207 7.31 -16.11 -26.36
N LEU B 208 7.50 -17.16 -27.16
CA LEU B 208 6.84 -18.44 -26.96
C LEU B 208 7.82 -19.38 -26.27
N ARG B 209 7.32 -20.17 -25.32
CA ARG B 209 8.18 -21.02 -24.51
C ARG B 209 7.56 -22.41 -24.38
N LYS B 210 8.43 -23.42 -24.26
CA LYS B 210 8.00 -24.78 -23.97
C LYS B 210 7.55 -24.85 -22.52
N ASN B 211 6.34 -25.39 -22.29
CA ASN B 211 5.77 -25.54 -20.96
C ASN B 211 6.67 -26.42 -20.11
N PRO B 212 7.12 -25.96 -18.92
CA PRO B 212 7.82 -26.83 -17.96
C PRO B 212 7.00 -28.07 -17.58
N GLN B 213 7.63 -28.98 -16.84
CA GLN B 213 7.08 -30.29 -16.55
C GLN B 213 5.75 -30.16 -15.80
N PHE B 214 4.75 -30.89 -16.28
CA PHE B 214 3.40 -30.91 -15.74
C PHE B 214 3.46 -31.33 -14.27
N ASN B 215 2.68 -30.63 -13.43
CA ASN B 215 2.47 -31.10 -12.07
C ASN B 215 1.14 -31.85 -12.03
N THR B 216 1.24 -33.14 -11.71
CA THR B 216 0.13 -34.06 -11.77
C THR B 216 -0.77 -33.89 -10.54
N ALA B 217 -0.25 -33.22 -9.51
CA ALA B 217 -0.97 -33.01 -8.26
C ALA B 217 -1.46 -31.56 -8.15
N PHE B 218 -1.71 -30.91 -9.28
CA PHE B 218 -2.04 -29.50 -9.29
C PHE B 218 -3.48 -29.28 -8.82
N LEU B 219 -4.28 -30.34 -8.85
CA LEU B 219 -5.67 -30.31 -8.39
C LEU B 219 -5.83 -31.23 -7.18
N THR B 220 -4.71 -31.69 -6.63
CA THR B 220 -4.71 -32.61 -5.49
C THR B 220 -4.59 -31.83 -4.19
N LYS B 221 -5.58 -31.99 -3.32
CA LYS B 221 -5.57 -31.43 -1.98
C LYS B 221 -5.05 -29.99 -2.01
N ILE B 222 -5.79 -29.12 -2.69
CA ILE B 222 -5.48 -27.70 -2.78
C ILE B 222 -6.28 -26.94 -1.72
N VAL B 223 -7.29 -27.62 -1.15
CA VAL B 223 -8.16 -27.03 -0.14
C VAL B 223 -7.84 -27.67 1.21
N ASP B 224 -7.64 -26.82 2.22
CA ASP B 224 -7.50 -27.30 3.59
C ASP B 224 -8.89 -27.51 4.20
N GLU B 225 -8.91 -27.91 5.47
CA GLU B 225 -10.16 -28.19 6.17
C GLU B 225 -10.90 -26.89 6.49
N PHE B 226 -10.27 -25.74 6.21
CA PHE B 226 -10.84 -24.43 6.48
C PHE B 226 -11.35 -23.79 5.19
N GLY B 227 -11.07 -24.45 4.06
CA GLY B 227 -11.49 -23.99 2.75
C GLY B 227 -10.44 -23.07 2.11
N GLN B 228 -9.33 -22.87 2.83
CA GLN B 228 -8.28 -21.97 2.38
C GLN B 228 -7.39 -22.68 1.36
N ASN B 229 -6.56 -21.89 0.68
CA ASN B 229 -5.48 -22.39 -0.15
C ASN B 229 -4.57 -23.22 0.74
N ALA B 230 -4.54 -24.54 0.52
CA ALA B 230 -3.83 -25.43 1.42
C ALA B 230 -2.32 -25.24 1.24
N LYS B 231 -1.87 -25.22 -0.03
CA LYS B 231 -0.46 -25.32 -0.40
C LYS B 231 0.22 -23.96 -0.41
N GLN B 232 -0.56 -22.87 -0.23
CA GLN B 232 0.01 -21.53 -0.30
C GLN B 232 -0.23 -20.76 0.99
N GLU B 233 0.83 -20.10 1.46
CA GLU B 233 0.74 -19.10 2.50
C GLU B 233 0.18 -17.82 1.87
N PHE B 234 -0.60 -17.07 2.65
CA PHE B 234 -1.16 -15.80 2.22
C PHE B 234 -1.59 -15.01 3.46
N ALA B 235 -1.66 -13.68 3.31
CA ALA B 235 -2.14 -12.78 4.35
C ALA B 235 -3.51 -13.24 4.83
N GLY B 236 -3.62 -13.45 6.15
CA GLY B 236 -4.89 -13.76 6.79
C GLY B 236 -5.19 -15.25 6.85
N LYS B 237 -4.27 -16.09 6.36
CA LYS B 237 -4.49 -17.54 6.40
C LYS B 237 -4.55 -17.99 7.85
N VAL B 238 -5.59 -18.79 8.18
CA VAL B 238 -5.75 -19.47 9.44
C VAL B 238 -4.90 -20.74 9.44
N HIS B 239 -4.19 -20.97 10.54
CA HIS B 239 -3.38 -22.19 10.68
C HIS B 239 -4.01 -23.15 11.70
N SER B 240 -4.74 -22.60 12.68
CA SER B 240 -5.37 -23.42 13.71
C SER B 240 -6.73 -22.86 14.11
N GLU B 241 -7.64 -23.77 14.45
CA GLU B 241 -9.02 -23.48 14.82
C GLU B 241 -9.08 -22.44 15.94
N ALA B 242 -8.00 -22.39 16.75
CA ALA B 242 -7.89 -21.48 17.88
C ALA B 242 -7.77 -20.04 17.39
N GLU B 243 -7.38 -19.87 16.13
CA GLU B 243 -7.27 -18.55 15.53
C GLU B 243 -8.65 -17.95 15.33
N LEU B 244 -9.64 -18.82 15.02
CA LEU B 244 -11.00 -18.39 14.76
C LEU B 244 -11.61 -17.81 16.04
N LEU B 245 -11.49 -18.56 17.14
CA LEU B 245 -12.02 -18.18 18.44
C LEU B 245 -11.38 -16.86 18.87
N SER B 246 -10.09 -16.73 18.55
CA SER B 246 -9.26 -15.58 18.89
C SER B 246 -9.67 -14.36 18.08
N ASP B 247 -10.10 -14.60 16.83
CA ASP B 247 -10.58 -13.55 15.95
C ASP B 247 -11.83 -12.90 16.56
N LYS B 248 -12.81 -13.76 16.88
CA LYS B 248 -14.11 -13.34 17.39
C LYS B 248 -13.94 -12.41 18.58
N LYS B 249 -13.08 -12.79 19.53
CA LYS B 249 -12.88 -12.03 20.75
C LYS B 249 -12.30 -10.67 20.40
N GLN B 250 -11.27 -10.65 19.54
CA GLN B 250 -10.60 -9.43 19.14
C GLN B 250 -11.58 -8.52 18.41
N GLU B 251 -12.42 -9.10 17.54
CA GLU B 251 -13.27 -8.30 16.69
C GLU B 251 -14.36 -7.63 17.53
N ALA B 252 -14.88 -8.35 18.53
CA ALA B 252 -15.92 -7.87 19.43
C ALA B 252 -15.52 -6.55 20.09
N THR B 253 -14.22 -6.36 20.31
CA THR B 253 -13.61 -5.19 20.93
C THR B 253 -13.79 -3.94 20.06
N GLN B 254 -13.75 -4.11 18.73
CA GLN B 254 -13.68 -2.97 17.82
C GLN B 254 -15.05 -2.69 17.19
N LEU B 255 -15.96 -3.67 17.27
CA LEU B 255 -17.27 -3.59 16.63
C LEU B 255 -18.12 -2.53 17.32
N LEU B 256 -18.78 -1.70 16.51
CA LEU B 256 -19.78 -0.76 16.99
C LEU B 256 -21.14 -1.46 17.07
N SER B 257 -22.04 -0.86 17.85
CA SER B 257 -23.37 -1.41 18.07
C SER B 257 -24.41 -0.50 17.40
N LYS B 258 -24.26 0.81 17.58
CA LYS B 258 -25.20 1.81 17.12
C LYS B 258 -24.52 2.73 16.09
N ARG B 259 -25.34 3.41 15.30
CA ARG B 259 -24.89 4.43 14.36
C ARG B 259 -24.32 5.60 15.15
N PRO B 260 -23.23 6.24 14.68
CA PRO B 260 -22.70 7.46 15.30
C PRO B 260 -23.68 8.64 15.15
N THR B 261 -23.38 9.73 15.86
CA THR B 261 -24.32 10.82 15.99
C THR B 261 -24.33 11.67 14.72
N ASN B 262 -23.39 11.39 13.81
CA ASN B 262 -23.36 12.06 12.53
C ASN B 262 -24.06 11.19 11.47
N ARG B 263 -24.73 10.12 11.93
CA ARG B 263 -25.60 9.32 11.07
C ARG B 263 -26.96 9.20 11.75
N SER B 264 -28.04 9.29 10.95
CA SER B 264 -29.38 9.08 11.46
C SER B 264 -29.55 7.60 11.80
N ARG B 265 -30.72 7.25 12.36
CA ARG B 265 -30.97 5.88 12.80
C ARG B 265 -31.10 4.95 11.59
N PHE B 266 -31.47 5.52 10.44
CA PHE B 266 -31.64 4.78 9.21
C PHE B 266 -30.36 4.84 8.36
N GLY B 267 -29.34 5.54 8.87
CA GLY B 267 -28.04 5.59 8.23
C GLY B 267 -27.86 6.78 7.30
N GLY B 268 -28.78 7.75 7.37
CA GLY B 268 -28.75 8.95 6.56
C GLY B 268 -27.83 10.04 7.14
N TRP B 269 -27.91 11.23 6.54
CA TRP B 269 -27.04 12.35 6.83
C TRP B 269 -27.63 13.24 7.91
N ALA B 270 -27.24 12.95 9.17
CA ALA B 270 -27.81 13.56 10.37
C ALA B 270 -27.55 15.06 10.45
N GLU B 271 -26.68 15.59 9.56
CA GLU B 271 -26.28 16.99 9.61
C GLU B 271 -26.64 17.71 8.32
N GLY B 272 -27.24 16.98 7.38
CA GLY B 272 -27.67 17.56 6.12
C GLY B 272 -28.99 18.30 6.29
N PRO B 273 -29.75 18.53 5.20
CA PRO B 273 -31.09 19.12 5.29
C PRO B 273 -32.11 18.13 5.87
N LYS B 274 -33.28 18.67 6.24
CA LYS B 274 -34.34 17.86 6.81
C LYS B 274 -35.57 17.96 5.91
N LEU B 275 -35.65 17.04 4.94
CA LEU B 275 -36.76 16.93 4.01
C LEU B 275 -37.95 16.27 4.70
N GLU B 276 -39.04 16.06 3.96
CA GLU B 276 -40.28 15.53 4.51
C GLU B 276 -40.10 14.08 4.93
N ALA B 277 -40.73 13.71 6.05
CA ALA B 277 -40.68 12.36 6.59
C ALA B 277 -41.93 11.58 6.16
N THR B 278 -41.76 10.69 5.19
CA THR B 278 -42.85 9.89 4.64
C THR B 278 -42.94 8.55 5.36
N GLY B 279 -41.91 8.23 6.14
CA GLY B 279 -41.83 6.99 6.89
C GLY B 279 -41.32 5.84 6.03
N TYR B 280 -40.80 6.18 4.83
CA TYR B 280 -40.29 5.21 3.89
C TYR B 280 -39.17 5.84 3.06
N PHE B 281 -38.28 4.99 2.54
CA PHE B 281 -37.22 5.40 1.64
C PHE B 281 -37.82 5.88 0.33
N ARG B 282 -37.29 7.00 -0.20
CA ARG B 282 -37.81 7.64 -1.40
C ARG B 282 -36.69 8.47 -2.05
N THR B 283 -37.00 9.06 -3.21
CA THR B 283 -35.99 9.76 -4.00
C THR B 283 -36.27 11.26 -3.97
N ALA B 284 -35.20 12.05 -3.94
CA ALA B 284 -35.27 13.50 -4.04
C ALA B 284 -34.03 14.04 -4.75
N LYS B 285 -34.10 15.31 -5.16
CA LYS B 285 -32.95 16.05 -5.65
C LYS B 285 -32.56 17.10 -4.62
N TYR B 286 -31.32 17.03 -4.14
CA TYR B 286 -30.78 18.08 -3.30
C TYR B 286 -29.63 18.76 -4.02
N ASN B 287 -29.76 20.09 -4.17
CA ASN B 287 -28.95 20.87 -5.09
C ASN B 287 -29.18 20.31 -6.50
N ASP B 288 -28.08 20.03 -7.21
CA ASP B 288 -28.18 19.57 -8.58
C ASP B 288 -27.78 18.09 -8.68
N LYS B 289 -28.14 17.32 -7.64
CA LYS B 289 -27.75 15.92 -7.54
C LYS B 289 -28.89 15.10 -6.96
N TRP B 290 -29.08 13.90 -7.52
CA TRP B 290 -30.07 12.96 -7.02
C TRP B 290 -29.66 12.43 -5.65
N SER B 291 -30.67 12.13 -4.82
CA SER B 291 -30.44 11.57 -3.50
C SER B 291 -31.56 10.57 -3.20
N LEU B 292 -31.33 9.73 -2.19
CA LEU B 292 -32.43 9.05 -1.52
C LEU B 292 -32.75 9.84 -0.24
N VAL B 293 -33.93 9.57 0.29
CA VAL B 293 -34.35 10.13 1.56
C VAL B 293 -34.74 8.96 2.45
N ASP B 294 -34.22 8.99 3.69
CA ASP B 294 -34.58 7.97 4.66
C ASP B 294 -35.99 8.25 5.18
N PRO B 295 -36.61 7.29 5.91
CA PRO B 295 -37.95 7.49 6.49
C PRO B 295 -38.17 8.71 7.39
N ASP B 296 -37.07 9.31 7.88
CA ASP B 296 -37.16 10.44 8.79
C ASP B 296 -36.82 11.74 8.05
N GLY B 297 -36.68 11.65 6.73
CA GLY B 297 -36.46 12.83 5.91
C GLY B 297 -35.00 13.28 5.84
N TYR B 298 -34.07 12.45 6.35
CA TYR B 298 -32.65 12.74 6.16
C TYR B 298 -32.22 12.22 4.79
N LEU B 299 -31.23 12.88 4.20
CA LEU B 299 -30.63 12.43 2.96
C LEU B 299 -29.88 11.11 3.20
N TYR B 300 -29.90 10.26 2.17
CA TYR B 300 -29.40 8.89 2.27
C TYR B 300 -28.83 8.47 0.92
N LEU B 301 -27.63 7.88 0.97
CA LEU B 301 -27.03 7.22 -0.18
C LEU B 301 -26.80 5.75 0.19
N ALA B 302 -27.01 4.85 -0.78
CA ALA B 302 -26.95 3.42 -0.53
C ALA B 302 -25.53 2.90 -0.75
N THR B 303 -24.89 2.48 0.33
CA THR B 303 -23.65 1.73 0.21
C THR B 303 -23.85 0.38 0.91
N GLY B 304 -23.16 -0.65 0.41
CA GLY B 304 -23.22 -1.93 1.10
C GLY B 304 -22.70 -3.09 0.25
N ILE B 305 -23.14 -4.29 0.63
CA ILE B 305 -22.60 -5.55 0.16
C ILE B 305 -23.77 -6.48 -0.17
N ASP B 306 -23.67 -7.19 -1.28
CA ASP B 306 -24.69 -8.14 -1.71
C ASP B 306 -24.35 -9.53 -1.19
N ILE B 307 -25.34 -10.43 -1.27
CA ILE B 307 -25.23 -11.83 -0.89
C ILE B 307 -24.89 -11.94 0.60
N ILE B 308 -25.74 -11.35 1.44
CA ILE B 308 -25.65 -11.56 2.88
C ILE B 308 -26.42 -12.83 3.19
N ARG B 309 -25.85 -13.96 2.75
CA ARG B 309 -26.49 -15.27 2.80
C ARG B 309 -25.46 -16.33 2.44
N LEU B 310 -25.79 -17.59 2.73
CA LEU B 310 -24.87 -18.71 2.64
C LEU B 310 -25.13 -19.52 1.37
N ALA B 311 -26.17 -19.13 0.63
CA ALA B 311 -26.65 -19.91 -0.50
C ALA B 311 -25.57 -20.12 -1.56
N ASN B 312 -24.56 -19.23 -1.57
CA ASN B 312 -23.62 -19.19 -2.69
C ASN B 312 -22.23 -19.61 -2.23
N SER B 313 -22.13 -20.18 -1.01
CA SER B 313 -20.85 -20.49 -0.40
C SER B 313 -20.58 -22.00 -0.39
N THR B 314 -21.31 -22.76 -1.21
CA THR B 314 -21.11 -24.20 -1.25
C THR B 314 -20.34 -24.59 -2.49
N THR B 315 -19.62 -25.72 -2.40
CA THR B 315 -18.81 -26.24 -3.49
C THR B 315 -19.05 -27.75 -3.65
N LEU B 316 -18.96 -28.22 -4.89
CA LEU B 316 -19.22 -29.61 -5.23
C LEU B 316 -18.07 -30.49 -4.75
N THR B 317 -18.42 -31.49 -3.93
CA THR B 317 -17.49 -32.40 -3.29
C THR B 317 -17.05 -33.48 -4.29
N GLY B 318 -17.97 -33.89 -5.17
CA GLY B 318 -17.73 -34.92 -6.15
C GLY B 318 -18.53 -36.20 -5.88
N TYR B 319 -19.39 -36.13 -4.86
CA TYR B 319 -20.25 -37.23 -4.46
C TYR B 319 -21.67 -36.99 -4.97
N ASP B 320 -22.44 -38.08 -5.10
CA ASP B 320 -23.83 -38.01 -5.52
C ASP B 320 -24.53 -39.33 -5.17
N LEU B 350 -29.17 -41.06 1.31
CA LEU B 350 -27.71 -41.06 1.68
C LEU B 350 -27.12 -42.45 1.48
N LYS B 351 -27.98 -43.48 1.55
CA LYS B 351 -27.55 -44.87 1.50
C LYS B 351 -27.18 -45.28 0.08
N SER B 352 -27.32 -44.33 -0.87
CA SER B 352 -27.00 -44.56 -2.27
C SER B 352 -25.85 -43.66 -2.73
N ARG B 353 -25.00 -43.27 -1.77
CA ARG B 353 -23.92 -42.32 -1.99
C ARG B 353 -22.82 -42.96 -2.84
N PHE B 354 -22.31 -42.19 -3.81
CA PHE B 354 -21.27 -42.66 -4.72
C PHE B 354 -20.40 -41.48 -5.19
N VAL B 355 -19.14 -41.79 -5.53
CA VAL B 355 -18.20 -40.82 -6.08
C VAL B 355 -18.52 -40.62 -7.56
N ALA B 356 -19.11 -39.46 -7.86
CA ALA B 356 -19.56 -39.15 -9.22
C ALA B 356 -18.44 -38.48 -10.01
N SER B 357 -17.43 -37.97 -9.28
CA SER B 357 -16.29 -37.30 -9.88
C SER B 357 -15.08 -37.40 -8.93
N GLN B 358 -14.06 -38.14 -9.40
CA GLN B 358 -12.87 -38.41 -8.62
C GLN B 358 -12.05 -37.13 -8.47
N VAL B 359 -12.07 -36.31 -9.52
CA VAL B 359 -11.25 -35.10 -9.58
C VAL B 359 -11.78 -34.07 -8.58
N ARG B 360 -13.11 -33.96 -8.49
CA ARG B 360 -13.72 -33.11 -7.47
C ARG B 360 -13.31 -33.59 -6.09
N LYS B 361 -13.54 -34.89 -5.85
CA LYS B 361 -13.30 -35.53 -4.56
C LYS B 361 -11.91 -35.16 -4.03
N ASN B 362 -10.90 -35.21 -4.91
CA ASN B 362 -9.49 -35.15 -4.54
C ASN B 362 -9.00 -33.73 -4.30
N LEU B 363 -9.85 -32.73 -4.58
CA LEU B 363 -9.47 -31.33 -4.41
C LEU B 363 -9.19 -31.04 -2.94
N PHE B 364 -9.97 -31.66 -2.05
CA PHE B 364 -10.02 -31.27 -0.65
C PHE B 364 -9.30 -32.30 0.22
N GLU B 365 -8.53 -31.78 1.19
CA GLU B 365 -7.91 -32.60 2.23
C GLU B 365 -8.99 -33.22 3.12
N TRP B 366 -9.94 -32.39 3.57
CA TRP B 366 -10.95 -32.80 4.54
C TRP B 366 -12.36 -32.65 3.97
N LEU B 367 -13.15 -33.70 4.13
CA LEU B 367 -14.59 -33.68 3.96
C LEU B 367 -15.21 -34.59 5.01
N PRO B 368 -16.02 -34.06 5.95
CA PRO B 368 -16.51 -34.85 7.08
C PRO B 368 -17.57 -35.89 6.69
N ASP B 369 -17.79 -36.85 7.60
CA ASP B 369 -18.90 -37.80 7.49
C ASP B 369 -20.18 -37.11 7.93
N TYR B 370 -21.32 -37.63 7.44
CA TYR B 370 -22.64 -37.09 7.71
C TYR B 370 -23.01 -37.25 9.19
N SER B 371 -22.27 -38.13 9.89
CA SER B 371 -22.49 -38.37 11.30
C SER B 371 -21.63 -37.43 12.14
N ASP B 372 -20.73 -36.68 11.48
CA ASP B 372 -19.92 -35.68 12.16
C ASP B 372 -20.77 -34.45 12.46
N THR B 373 -20.30 -33.63 13.41
CA THR B 373 -20.94 -32.37 13.75
C THR B 373 -20.98 -31.49 12.51
N LEU B 374 -19.82 -31.34 11.86
CA LEU B 374 -19.63 -30.41 10.75
C LEU B 374 -20.11 -31.04 9.45
N GLY B 375 -20.78 -32.19 9.56
CA GLY B 375 -21.47 -32.81 8.43
C GLY B 375 -22.81 -32.15 8.16
N LYS B 376 -23.19 -31.23 9.05
CA LYS B 376 -24.41 -30.45 8.95
C LYS B 376 -24.38 -29.57 7.70
N HIS B 377 -23.17 -29.35 7.16
CA HIS B 377 -22.94 -28.37 6.12
C HIS B 377 -22.92 -29.03 4.74
N PHE B 378 -23.52 -30.21 4.64
CA PHE B 378 -23.64 -30.92 3.37
C PHE B 378 -24.95 -30.55 2.72
N GLY B 379 -24.88 -30.05 1.48
CA GLY B 379 -26.07 -29.72 0.71
C GLY B 379 -26.14 -30.52 -0.58
N TYR B 380 -27.17 -30.25 -1.38
CA TYR B 380 -27.30 -30.87 -2.69
C TYR B 380 -27.67 -29.80 -3.73
N ARG B 381 -26.98 -29.83 -4.88
CA ARG B 381 -27.24 -28.92 -5.98
C ARG B 381 -27.90 -29.68 -7.13
N LYS B 382 -29.15 -29.31 -7.42
CA LYS B 382 -29.95 -29.93 -8.47
C LYS B 382 -29.29 -29.64 -9.82
N SER B 383 -29.03 -28.36 -10.10
CA SER B 383 -28.48 -27.94 -11.38
C SER B 383 -27.10 -27.31 -11.18
N ALA B 384 -26.13 -27.76 -12.00
CA ALA B 384 -24.77 -27.23 -12.00
C ALA B 384 -24.23 -27.22 -13.42
N HIS B 385 -23.45 -26.17 -13.74
CA HIS B 385 -22.91 -25.97 -15.08
C HIS B 385 -21.40 -25.78 -15.02
N SER B 386 -20.75 -25.91 -16.18
CA SER B 386 -19.35 -25.60 -16.39
C SER B 386 -18.46 -26.35 -15.40
N GLY B 387 -18.57 -27.69 -15.43
CA GLY B 387 -17.78 -28.55 -14.56
C GLY B 387 -18.02 -30.03 -14.86
N PRO B 388 -17.33 -30.95 -14.14
CA PRO B 388 -17.50 -32.38 -14.36
C PRO B 388 -18.69 -32.99 -13.61
N LEU B 389 -19.77 -32.20 -13.48
CA LEU B 389 -21.00 -32.61 -12.81
C LEU B 389 -22.16 -31.72 -13.28
N GLU B 390 -23.32 -32.35 -13.49
CA GLU B 390 -24.56 -31.66 -13.85
C GLU B 390 -25.46 -31.57 -12.63
N HIS B 391 -25.06 -32.27 -11.56
CA HIS B 391 -25.69 -32.27 -10.26
C HIS B 391 -24.72 -32.89 -9.25
N GLY B 392 -25.11 -32.89 -7.97
CA GLY B 392 -24.32 -33.58 -6.96
C GLY B 392 -24.36 -32.90 -5.60
N GLU B 393 -23.47 -33.36 -4.72
CA GLU B 393 -23.46 -33.02 -3.30
C GLU B 393 -22.46 -31.88 -3.07
N THR B 394 -22.81 -31.00 -2.13
CA THR B 394 -22.03 -29.80 -1.87
C THR B 394 -21.60 -29.76 -0.41
N TYR B 395 -20.57 -28.95 -0.13
CA TYR B 395 -20.18 -28.61 1.22
C TYR B 395 -19.84 -27.13 1.30
N SER B 396 -20.13 -26.49 2.44
CA SER B 396 -19.79 -25.09 2.66
C SER B 396 -18.76 -24.96 3.78
N PHE B 397 -17.54 -24.58 3.41
CA PHE B 397 -16.45 -24.43 4.36
C PHE B 397 -16.62 -23.14 5.15
N TYR B 398 -17.30 -22.14 4.56
CA TYR B 398 -17.55 -20.90 5.27
C TYR B 398 -18.57 -21.15 6.38
N ALA B 399 -19.66 -21.86 6.04
CA ALA B 399 -20.68 -22.21 7.02
C ALA B 399 -20.07 -23.08 8.12
N ALA B 400 -19.17 -23.99 7.72
CA ALA B 400 -18.44 -24.85 8.65
C ALA B 400 -17.61 -24.00 9.60
N ASN B 401 -16.91 -22.99 9.07
CA ASN B 401 -16.09 -22.12 9.89
C ASN B 401 -16.96 -21.29 10.83
N LEU B 402 -18.22 -21.04 10.42
CA LEU B 402 -19.17 -20.31 11.25
C LEU B 402 -19.50 -21.12 12.50
N GLU B 403 -19.81 -22.41 12.32
CA GLU B 403 -20.05 -23.32 13.43
C GLU B 403 -18.81 -23.36 14.32
N ARG B 404 -17.64 -23.58 13.70
CA ARG B 404 -16.37 -23.63 14.41
C ARG B 404 -16.17 -22.37 15.24
N LYS B 405 -16.60 -21.22 14.71
CA LYS B 405 -16.21 -19.93 15.27
C LYS B 405 -17.27 -19.37 16.21
N TYR B 406 -18.55 -19.66 15.96
CA TYR B 406 -19.63 -19.01 16.69
C TYR B 406 -20.55 -20.04 17.36
N GLY B 407 -20.33 -21.31 17.02
CA GLY B 407 -21.19 -22.40 17.47
C GLY B 407 -20.51 -23.27 18.53
N GLN B 408 -19.58 -22.67 19.28
CA GLN B 408 -18.94 -23.35 20.40
C GLN B 408 -20.01 -23.75 21.41
N ASN B 409 -20.01 -25.04 21.75
CA ASN B 409 -20.83 -25.61 22.81
C ASN B 409 -22.31 -25.37 22.51
N ASN B 410 -22.74 -25.72 21.30
CA ASN B 410 -24.14 -25.81 20.93
C ASN B 410 -24.77 -24.43 20.76
N ALA B 411 -23.92 -23.39 20.68
CA ALA B 411 -24.40 -22.02 20.52
C ALA B 411 -25.07 -21.87 19.16
N ASP B 412 -26.14 -21.06 19.13
CA ASP B 412 -26.85 -20.70 17.91
C ASP B 412 -25.95 -19.80 17.07
N TYR B 413 -25.18 -20.43 16.16
CA TYR B 413 -24.08 -19.76 15.48
C TYR B 413 -24.62 -18.82 14.40
N MET B 414 -25.75 -19.22 13.80
CA MET B 414 -26.39 -18.45 12.75
C MET B 414 -26.80 -17.08 13.30
N GLN B 415 -27.55 -17.10 14.41
CA GLN B 415 -28.05 -15.89 15.05
C GLN B 415 -26.88 -14.97 15.40
N LYS B 416 -25.76 -15.57 15.85
CA LYS B 416 -24.58 -14.82 16.27
C LYS B 416 -23.90 -14.20 15.05
N TRP B 417 -23.90 -14.95 13.93
CA TRP B 417 -23.36 -14.48 12.67
C TRP B 417 -24.12 -13.26 12.16
N ARG B 418 -25.45 -13.28 12.35
CA ARG B 418 -26.30 -12.22 11.84
C ARG B 418 -26.06 -10.95 12.63
N GLU B 419 -25.87 -11.12 13.96
CA GLU B 419 -25.67 -10.02 14.89
C GLU B 419 -24.30 -9.40 14.66
N VAL B 420 -23.30 -10.25 14.36
CA VAL B 420 -21.96 -9.78 14.03
C VAL B 420 -21.99 -9.06 12.68
N THR B 421 -22.76 -9.61 11.73
CA THR B 421 -22.87 -9.07 10.38
C THR B 421 -23.50 -7.67 10.43
N LEU B 422 -24.55 -7.52 11.24
CA LEU B 422 -25.22 -6.24 11.37
C LEU B 422 -24.26 -5.20 11.95
N ASP B 423 -23.51 -5.61 12.98
CA ASP B 423 -22.59 -4.73 13.68
C ASP B 423 -21.46 -4.29 12.76
N ARG B 424 -20.96 -5.23 11.94
CA ARG B 424 -19.89 -4.99 10.99
C ARG B 424 -20.27 -3.84 10.05
N MET B 425 -21.50 -3.89 9.52
CA MET B 425 -21.98 -2.89 8.57
C MET B 425 -22.02 -1.50 9.22
N ILE B 426 -22.53 -1.44 10.45
CA ILE B 426 -22.53 -0.21 11.25
C ILE B 426 -21.09 0.29 11.36
N THR B 427 -20.19 -0.62 11.77
CA THR B 427 -18.78 -0.33 12.04
C THR B 427 -18.08 0.12 10.77
N TRP B 428 -18.37 -0.55 9.65
CA TRP B 428 -17.76 -0.20 8.36
C TRP B 428 -18.47 1.00 7.75
N GLY B 429 -19.65 1.34 8.29
CA GLY B 429 -20.35 2.55 7.90
C GLY B 429 -21.25 2.33 6.70
N PHE B 430 -21.48 1.06 6.35
CA PHE B 430 -22.40 0.71 5.28
C PHE B 430 -23.82 1.10 5.67
N SER B 431 -24.51 1.79 4.75
CA SER B 431 -25.80 2.38 5.02
C SER B 431 -26.90 1.33 4.85
N SER B 432 -26.58 0.20 4.23
CA SER B 432 -27.55 -0.84 3.94
C SER B 432 -26.88 -2.20 3.77
N LEU B 433 -27.71 -3.26 3.90
CA LEU B 433 -27.44 -4.58 3.37
C LEU B 433 -27.96 -4.61 1.93
N GLY B 434 -27.20 -5.27 1.05
CA GLY B 434 -27.42 -5.18 -0.39
C GLY B 434 -28.40 -6.22 -0.90
N ASN B 435 -28.38 -6.46 -2.22
CA ASN B 435 -29.29 -7.39 -2.85
C ASN B 435 -28.95 -8.81 -2.38
N TRP B 436 -29.98 -9.67 -2.36
CA TRP B 436 -29.86 -11.05 -1.89
C TRP B 436 -29.34 -11.08 -0.46
N THR B 437 -29.95 -10.24 0.40
CA THR B 437 -29.83 -10.38 1.84
C THR B 437 -30.83 -11.46 2.27
N ASP B 438 -30.42 -12.28 3.24
CA ASP B 438 -31.25 -13.38 3.71
C ASP B 438 -32.47 -12.83 4.46
N PRO B 439 -33.68 -13.38 4.21
CA PRO B 439 -34.90 -12.97 4.91
C PRO B 439 -34.80 -12.98 6.42
N SER B 440 -33.80 -13.72 6.94
CA SER B 440 -33.45 -13.74 8.35
C SER B 440 -33.27 -12.32 8.87
N TYR B 441 -32.82 -11.42 7.98
CA TYR B 441 -32.37 -10.09 8.34
C TYR B 441 -33.49 -9.06 8.24
N TYR B 442 -34.66 -9.47 7.72
CA TYR B 442 -35.65 -8.52 7.25
C TYR B 442 -36.35 -7.80 8.41
N ASP B 443 -36.48 -8.47 9.56
CA ASP B 443 -37.20 -7.87 10.67
C ASP B 443 -36.25 -7.10 11.58
N ASN B 444 -34.97 -7.02 11.18
CA ASN B 444 -33.97 -6.24 11.90
C ASN B 444 -34.36 -4.76 11.86
N GLN B 445 -33.96 -4.02 12.90
CA GLN B 445 -34.31 -2.62 13.05
C GLN B 445 -33.05 -1.82 13.42
N LYS B 446 -31.95 -2.10 12.70
CA LYS B 446 -30.65 -1.52 12.97
C LYS B 446 -30.04 -1.02 11.67
N VAL B 447 -30.07 -1.88 10.63
CA VAL B 447 -29.50 -1.58 9.33
C VAL B 447 -30.59 -1.75 8.27
N PRO B 448 -30.80 -0.75 7.37
CA PRO B 448 -31.69 -0.92 6.21
C PRO B 448 -31.19 -2.00 5.25
N TYR B 449 -32.12 -2.55 4.44
CA TYR B 449 -31.85 -3.67 3.56
C TYR B 449 -32.62 -3.51 2.25
N PHE B 450 -32.08 -4.14 1.19
CA PHE B 450 -32.72 -4.22 -0.10
C PHE B 450 -33.31 -5.63 -0.27
N ALA B 451 -34.58 -5.70 -0.70
CA ALA B 451 -35.24 -6.97 -0.89
C ALA B 451 -35.27 -7.31 -2.38
N ASN B 452 -35.48 -8.60 -2.71
CA ASN B 452 -35.56 -9.01 -4.10
C ASN B 452 -36.55 -10.14 -4.31
N GLY B 453 -36.95 -10.30 -5.58
CA GLY B 453 -37.68 -11.45 -6.08
C GLY B 453 -37.31 -11.72 -7.54
N TRP B 454 -37.36 -13.01 -7.91
CA TRP B 454 -37.20 -13.46 -9.30
C TRP B 454 -38.57 -13.83 -9.83
N ILE B 455 -38.89 -13.40 -11.06
CA ILE B 455 -40.16 -13.82 -11.64
C ILE B 455 -39.96 -15.11 -12.42
N ILE B 456 -40.42 -16.21 -11.82
CA ILE B 456 -40.37 -17.53 -12.43
C ILE B 456 -41.82 -18.05 -12.56
N GLY B 457 -42.08 -18.75 -13.66
CA GLY B 457 -43.38 -19.37 -13.88
C GLY B 457 -43.36 -20.30 -15.09
N ASP B 458 -44.53 -20.82 -15.44
CA ASP B 458 -44.68 -21.70 -16.58
C ASP B 458 -45.29 -20.94 -17.75
N PHE B 459 -45.24 -19.60 -17.66
CA PHE B 459 -45.74 -18.71 -18.70
C PHE B 459 -44.95 -18.91 -20.00
N LYS B 460 -45.50 -18.42 -21.11
CA LYS B 460 -44.86 -18.49 -22.41
C LYS B 460 -43.62 -17.60 -22.42
N THR B 461 -42.72 -17.84 -23.38
CA THR B 461 -41.42 -17.19 -23.42
C THR B 461 -41.07 -16.73 -24.83
N VAL B 462 -40.12 -15.79 -24.90
CA VAL B 462 -39.50 -15.38 -26.16
C VAL B 462 -37.99 -15.58 -26.05
N SER B 463 -37.27 -15.40 -27.16
CA SER B 463 -35.84 -15.62 -27.14
C SER B 463 -35.09 -14.45 -27.79
N SER B 464 -33.93 -14.12 -27.22
CA SER B 464 -33.04 -13.12 -27.77
C SER B 464 -32.23 -13.71 -28.92
N GLY B 465 -32.69 -14.86 -29.42
CA GLY B 465 -32.13 -15.48 -30.61
C GLY B 465 -30.99 -16.45 -30.29
N ASN B 466 -30.25 -16.16 -29.21
CA ASN B 466 -29.11 -16.96 -28.79
C ASN B 466 -29.60 -18.22 -28.06
N GLY B 470 -30.41 -17.27 -23.57
CA GLY B 470 -31.31 -16.67 -22.56
C GLY B 470 -32.77 -16.69 -22.99
N ALA B 471 -33.61 -17.29 -22.13
CA ALA B 471 -35.05 -17.31 -22.32
C ALA B 471 -35.68 -16.21 -21.47
N MET B 472 -36.55 -15.43 -22.13
CA MET B 472 -37.13 -14.20 -21.59
C MET B 472 -38.64 -14.37 -21.51
N PRO B 473 -39.35 -13.64 -20.60
CA PRO B 473 -40.80 -13.78 -20.49
C PRO B 473 -41.55 -13.15 -21.67
N ASP B 474 -42.50 -13.90 -22.23
CA ASP B 474 -43.50 -13.25 -23.07
C ASP B 474 -44.38 -12.41 -22.15
N VAL B 475 -44.10 -11.11 -22.14
CA VAL B 475 -44.67 -10.19 -21.17
C VAL B 475 -46.15 -9.93 -21.51
N PHE B 476 -46.56 -10.40 -22.69
CA PHE B 476 -47.92 -10.18 -23.19
C PHE B 476 -48.80 -11.40 -22.90
N ASP B 477 -48.18 -12.50 -22.42
CA ASP B 477 -48.93 -13.62 -21.89
C ASP B 477 -49.55 -13.22 -20.55
N PRO B 478 -50.89 -13.31 -20.39
CA PRO B 478 -51.52 -13.00 -19.10
C PRO B 478 -50.93 -13.79 -17.92
N GLU B 479 -50.32 -14.94 -18.24
CA GLU B 479 -49.72 -15.80 -17.24
C GLU B 479 -48.47 -15.15 -16.63
N PHE B 480 -47.94 -14.14 -17.32
CA PHE B 480 -46.74 -13.45 -16.85
C PHE B 480 -47.10 -12.51 -15.71
N THR B 481 -48.27 -11.86 -15.81
CA THR B 481 -48.75 -10.98 -14.77
C THR B 481 -49.15 -11.80 -13.54
N VAL B 482 -49.72 -12.99 -13.79
CA VAL B 482 -50.12 -13.89 -12.72
C VAL B 482 -48.92 -14.19 -11.84
N ARG B 483 -47.79 -14.57 -12.44
CA ARG B 483 -46.62 -14.99 -11.68
C ARG B 483 -45.89 -13.77 -11.11
N ALA B 484 -45.89 -12.67 -11.87
CA ALA B 484 -45.31 -11.40 -11.44
C ALA B 484 -45.95 -10.95 -10.13
N ASN B 485 -47.28 -11.10 -10.05
CA ASN B 485 -48.05 -10.68 -8.90
C ASN B 485 -47.71 -11.55 -7.67
N GLU B 486 -47.67 -12.87 -7.88
CA GLU B 486 -47.36 -13.82 -6.81
C GLU B 486 -45.93 -13.61 -6.33
N THR B 487 -44.99 -13.33 -7.26
CA THR B 487 -43.60 -13.09 -6.96
C THR B 487 -43.44 -11.89 -6.04
N VAL B 488 -44.09 -10.78 -6.41
CA VAL B 488 -44.00 -9.53 -5.67
C VAL B 488 -44.77 -9.67 -4.36
N SER B 489 -45.86 -10.44 -4.39
CA SER B 489 -46.67 -10.73 -3.22
C SER B 489 -45.83 -11.42 -2.15
N VAL B 490 -45.07 -12.44 -2.58
CA VAL B 490 -44.15 -13.19 -1.72
C VAL B 490 -43.25 -12.21 -0.97
N VAL B 491 -42.65 -11.25 -1.70
CA VAL B 491 -41.70 -10.31 -1.14
C VAL B 491 -42.38 -9.45 -0.07
N ALA B 492 -43.62 -9.04 -0.35
CA ALA B 492 -44.38 -8.19 0.56
C ALA B 492 -44.50 -8.86 1.93
N LYS B 493 -44.68 -10.19 1.92
CA LYS B 493 -44.87 -10.96 3.13
C LYS B 493 -43.55 -11.08 3.90
N GLU B 494 -42.43 -11.07 3.16
CA GLU B 494 -41.10 -11.04 3.75
C GLU B 494 -40.86 -9.68 4.41
N VAL B 495 -41.31 -8.61 3.74
CA VAL B 495 -41.00 -7.25 4.13
C VAL B 495 -41.87 -6.81 5.29
N LYS B 496 -43.17 -7.12 5.21
CA LYS B 496 -44.17 -6.76 6.21
C LYS B 496 -44.22 -5.24 6.35
N ASN B 497 -44.04 -4.54 5.23
CA ASN B 497 -44.23 -3.10 5.13
C ASN B 497 -43.26 -2.37 6.06
N SER B 498 -42.04 -2.91 6.21
CA SER B 498 -41.05 -2.33 7.10
C SER B 498 -40.37 -1.11 6.46
N PRO B 499 -40.23 0.01 7.19
CA PRO B 499 -39.50 1.17 6.68
C PRO B 499 -38.03 0.85 6.41
N TRP B 500 -37.54 -0.25 6.99
CA TRP B 500 -36.16 -0.67 6.87
C TRP B 500 -35.86 -1.21 5.47
N ALA B 501 -36.88 -1.72 4.78
CA ALA B 501 -36.72 -2.11 3.39
C ALA B 501 -36.56 -0.86 2.54
N VAL B 502 -35.37 -0.69 1.93
CA VAL B 502 -35.07 0.49 1.13
C VAL B 502 -35.86 0.42 -0.18
N GLY B 503 -35.95 -0.79 -0.74
CA GLY B 503 -36.60 -1.00 -2.04
C GLY B 503 -36.49 -2.45 -2.50
N VAL B 504 -37.18 -2.76 -3.60
CA VAL B 504 -37.21 -4.09 -4.16
C VAL B 504 -36.50 -4.09 -5.51
N PHE B 505 -35.60 -5.06 -5.68
CA PHE B 505 -35.14 -5.44 -7.01
C PHE B 505 -36.02 -6.57 -7.52
N ILE B 506 -36.38 -6.49 -8.80
CA ILE B 506 -37.06 -7.60 -9.46
C ILE B 506 -36.23 -8.05 -10.64
N ASP B 507 -35.80 -9.33 -10.59
CA ASP B 507 -35.00 -9.96 -11.63
C ASP B 507 -33.60 -9.35 -11.64
N ASN B 508 -32.79 -9.78 -12.62
CA ASN B 508 -31.38 -9.45 -12.62
C ASN B 508 -30.78 -9.82 -13.96
N GLU B 509 -30.24 -8.81 -14.67
CA GLU B 509 -29.46 -9.01 -15.89
C GLU B 509 -30.22 -9.95 -16.82
N LYS B 510 -31.47 -9.59 -17.12
CA LYS B 510 -32.26 -10.34 -18.08
C LYS B 510 -31.67 -10.13 -19.48
N SER B 511 -31.88 -11.11 -20.35
CA SER B 511 -31.27 -11.10 -21.66
C SER B 511 -32.09 -10.26 -22.64
N PHE B 512 -32.14 -8.94 -22.40
CA PHE B 512 -32.89 -8.03 -23.24
C PHE B 512 -32.22 -7.82 -24.59
N GLY B 513 -30.92 -8.11 -24.65
CA GLY B 513 -30.13 -7.89 -25.85
C GLY B 513 -28.87 -7.08 -25.56
N ARG B 514 -27.87 -7.21 -26.44
CA ARG B 514 -26.63 -6.46 -26.32
C ARG B 514 -26.53 -5.56 -27.54
N PRO B 515 -26.37 -4.23 -27.37
CA PRO B 515 -26.31 -3.32 -28.52
C PRO B 515 -24.96 -3.32 -29.23
N ASP B 516 -24.52 -4.50 -29.68
CA ASP B 516 -23.21 -4.68 -30.31
C ASP B 516 -23.33 -4.74 -31.83
N SER B 517 -24.40 -5.41 -32.29
CA SER B 517 -24.80 -5.41 -33.68
C SER B 517 -26.33 -5.49 -33.73
N VAL B 518 -26.88 -5.42 -34.95
CA VAL B 518 -28.32 -5.50 -35.20
C VAL B 518 -28.86 -6.77 -34.54
N LYS B 519 -28.24 -7.90 -34.87
CA LYS B 519 -28.68 -9.21 -34.41
C LYS B 519 -28.65 -9.24 -32.87
N SER B 520 -27.58 -8.69 -32.29
CA SER B 520 -27.44 -8.64 -30.84
C SER B 520 -28.51 -7.75 -30.22
N HIS B 521 -28.62 -6.53 -30.75
CA HIS B 521 -29.47 -5.47 -30.23
C HIS B 521 -30.93 -5.91 -30.22
N TYR B 522 -31.37 -6.53 -31.32
CA TYR B 522 -32.79 -6.74 -31.60
C TYR B 522 -33.11 -8.23 -31.74
N GLY B 523 -32.29 -9.07 -31.10
CA GLY B 523 -32.46 -10.52 -31.15
C GLY B 523 -33.88 -10.95 -30.74
N ILE B 524 -34.43 -10.30 -29.71
CA ILE B 524 -35.78 -10.58 -29.23
C ILE B 524 -36.77 -10.33 -30.37
N VAL B 525 -36.67 -9.15 -31.00
CA VAL B 525 -37.56 -8.72 -32.07
C VAL B 525 -37.43 -9.67 -33.26
N ILE B 526 -36.18 -9.93 -33.67
CA ILE B 526 -35.89 -10.70 -34.88
C ILE B 526 -36.43 -12.12 -34.72
N ASN B 527 -36.18 -12.74 -33.56
CA ASN B 527 -36.60 -14.11 -33.30
C ASN B 527 -38.12 -14.16 -33.21
N THR B 528 -38.72 -13.14 -32.60
CA THR B 528 -40.15 -13.11 -32.32
C THR B 528 -40.93 -12.89 -33.62
N LEU B 529 -40.36 -12.12 -34.54
CA LEU B 529 -41.01 -11.73 -35.79
C LEU B 529 -41.21 -12.93 -36.72
N GLY B 530 -40.41 -13.98 -36.52
CA GLY B 530 -40.54 -15.20 -37.30
C GLY B 530 -41.34 -16.28 -36.56
N ARG B 531 -42.29 -15.85 -35.73
CA ARG B 531 -43.11 -16.77 -34.94
C ARG B 531 -44.58 -16.38 -35.08
N ASP B 532 -45.49 -17.32 -34.79
CA ASP B 532 -46.90 -17.19 -35.14
C ASP B 532 -47.63 -16.29 -34.15
N ALA B 533 -48.12 -15.16 -34.68
CA ALA B 533 -48.91 -14.20 -33.93
C ALA B 533 -50.07 -14.89 -33.21
N LYS B 534 -50.53 -16.01 -33.78
CA LYS B 534 -51.66 -16.75 -33.26
C LYS B 534 -51.28 -17.41 -31.93
N THR B 535 -49.99 -17.70 -31.76
CA THR B 535 -49.53 -18.48 -30.63
C THR B 535 -48.50 -17.71 -29.80
N VAL B 536 -47.98 -16.60 -30.34
CA VAL B 536 -46.94 -15.87 -29.64
C VAL B 536 -47.46 -14.47 -29.32
N PRO B 537 -47.95 -14.24 -28.07
CA PRO B 537 -48.56 -12.97 -27.67
C PRO B 537 -47.73 -11.73 -27.96
N THR B 538 -46.42 -11.81 -27.67
CA THR B 538 -45.50 -10.72 -27.95
C THR B 538 -45.55 -10.36 -29.43
N LYS B 539 -45.53 -11.39 -30.29
CA LYS B 539 -45.63 -11.21 -31.73
C LYS B 539 -46.97 -10.57 -32.11
N ALA B 540 -48.03 -10.98 -31.42
CA ALA B 540 -49.38 -10.48 -31.70
C ALA B 540 -49.42 -8.97 -31.49
N GLU B 541 -48.72 -8.48 -30.45
CA GLU B 541 -48.63 -7.06 -30.19
C GLU B 541 -47.76 -6.37 -31.26
N PHE B 542 -46.73 -7.09 -31.74
CA PHE B 542 -45.88 -6.56 -32.79
C PHE B 542 -46.72 -6.30 -34.03
N SER B 543 -47.50 -7.32 -34.41
CA SER B 543 -48.43 -7.26 -35.52
C SER B 543 -49.30 -6.00 -35.40
N ARG B 544 -49.91 -5.82 -34.23
CA ARG B 544 -50.83 -4.72 -33.95
C ARG B 544 -50.15 -3.38 -34.20
N LEU B 545 -49.00 -3.16 -33.54
CA LEU B 545 -48.26 -1.91 -33.61
C LEU B 545 -47.85 -1.62 -35.05
N MET B 546 -47.50 -2.67 -35.80
CA MET B 546 -47.01 -2.51 -37.16
C MET B 546 -48.19 -2.21 -38.10
N LYS B 547 -49.35 -2.80 -37.79
CA LYS B 547 -50.56 -2.46 -38.51
C LYS B 547 -50.91 -0.99 -38.26
N GLU B 548 -50.72 -0.54 -37.01
CA GLU B 548 -51.04 0.82 -36.63
C GLU B 548 -50.25 1.79 -37.50
N LYS B 549 -48.96 1.52 -37.67
CA LYS B 549 -48.06 2.42 -38.37
C LYS B 549 -48.25 2.29 -39.88
N TYR B 550 -48.36 1.05 -40.36
CA TYR B 550 -48.19 0.77 -41.78
C TYR B 550 -49.52 0.61 -42.51
N THR B 551 -50.59 0.32 -41.76
CA THR B 551 -51.95 0.18 -42.30
C THR B 551 -52.03 -1.00 -43.27
N ASP B 552 -51.37 -0.85 -44.43
CA ASP B 552 -51.27 -1.91 -45.43
C ASP B 552 -49.90 -2.57 -45.33
N VAL B 553 -49.86 -3.88 -45.59
CA VAL B 553 -48.66 -4.69 -45.43
C VAL B 553 -47.71 -4.42 -46.59
N ALA B 554 -48.24 -3.84 -47.68
CA ALA B 554 -47.43 -3.47 -48.83
C ALA B 554 -46.52 -2.30 -48.50
N GLU B 555 -46.96 -1.43 -47.58
CA GLU B 555 -46.22 -0.25 -47.20
C GLU B 555 -45.04 -0.61 -46.29
N LEU B 556 -45.18 -1.70 -45.53
CA LEU B 556 -44.08 -2.26 -44.77
C LEU B 556 -43.11 -2.93 -45.73
N ASN B 557 -43.66 -3.63 -46.72
CA ASN B 557 -42.90 -4.38 -47.71
C ASN B 557 -41.85 -3.49 -48.35
N LYS B 558 -42.15 -2.18 -48.42
CA LYS B 558 -41.23 -1.21 -48.99
C LYS B 558 -40.06 -1.00 -48.03
N VAL B 559 -40.36 -0.58 -46.80
CA VAL B 559 -39.36 -0.17 -45.82
C VAL B 559 -38.46 -1.36 -45.45
N TRP B 560 -39.05 -2.52 -45.12
CA TRP B 560 -38.29 -3.69 -44.71
C TRP B 560 -37.68 -4.42 -45.90
N HIS B 561 -38.03 -4.00 -47.12
CA HIS B 561 -37.47 -4.57 -48.33
C HIS B 561 -37.83 -6.05 -48.43
N LEU B 562 -39.10 -6.37 -48.20
CA LEU B 562 -39.58 -7.74 -48.20
C LEU B 562 -40.75 -7.89 -49.19
N ASN B 563 -41.12 -9.15 -49.46
CA ASN B 563 -42.12 -9.47 -50.46
C ASN B 563 -43.20 -10.37 -49.83
N LEU B 564 -43.81 -9.87 -48.76
CA LEU B 564 -44.82 -10.61 -48.01
C LEU B 564 -46.15 -10.55 -48.75
N ALA B 565 -46.96 -11.60 -48.56
CA ALA B 565 -48.24 -11.72 -49.25
C ALA B 565 -49.31 -10.90 -48.54
N SER B 566 -49.44 -11.10 -47.22
CA SER B 566 -50.55 -10.59 -46.45
C SER B 566 -50.14 -10.39 -44.98
N TRP B 567 -50.85 -9.47 -44.30
CA TRP B 567 -50.76 -9.30 -42.86
C TRP B 567 -50.92 -10.64 -42.15
N ALA B 568 -51.55 -11.62 -42.81
CA ALA B 568 -51.79 -12.93 -42.22
C ALA B 568 -50.52 -13.78 -42.28
N GLU B 569 -49.74 -13.60 -43.36
CA GLU B 569 -48.47 -14.31 -43.51
C GLU B 569 -47.46 -13.74 -42.54
N PHE B 570 -47.39 -12.39 -42.50
CA PHE B 570 -46.61 -11.63 -41.54
C PHE B 570 -46.86 -12.17 -40.13
N ASP B 571 -48.14 -12.18 -39.74
CA ASP B 571 -48.59 -12.69 -38.46
C ASP B 571 -48.07 -14.11 -38.22
N LYS B 572 -48.01 -14.91 -39.28
CA LYS B 572 -47.57 -16.30 -39.19
C LYS B 572 -46.09 -16.36 -38.85
N GLY B 573 -45.29 -15.56 -39.56
CA GLY B 573 -43.84 -15.56 -39.39
C GLY B 573 -43.12 -14.88 -40.55
N VAL B 574 -42.16 -14.01 -40.22
CA VAL B 574 -41.40 -13.27 -41.21
C VAL B 574 -39.91 -13.52 -40.96
N THR B 575 -39.18 -13.83 -42.03
CA THR B 575 -37.73 -13.87 -41.99
C THR B 575 -37.20 -12.54 -42.51
N ILE B 576 -36.62 -11.74 -41.59
CA ILE B 576 -36.17 -10.39 -41.88
C ILE B 576 -34.86 -10.44 -42.67
N ASP B 577 -34.60 -9.37 -43.43
CA ASP B 577 -33.35 -9.18 -44.15
C ASP B 577 -32.36 -8.52 -43.21
N ILE B 578 -31.30 -9.26 -42.85
CA ILE B 578 -30.41 -8.88 -41.77
C ILE B 578 -29.73 -7.54 -42.09
N LYS B 579 -29.67 -7.19 -43.38
CA LYS B 579 -28.87 -6.08 -43.87
C LYS B 579 -29.72 -4.83 -44.14
N ASN B 580 -31.05 -4.95 -44.00
CA ASN B 580 -31.93 -3.81 -44.23
C ASN B 580 -31.82 -2.84 -43.05
N GLU B 581 -31.73 -1.54 -43.37
CA GLU B 581 -31.43 -0.52 -42.38
C GLU B 581 -32.70 0.22 -41.97
N GLU B 582 -33.69 0.28 -42.88
CA GLU B 582 -34.87 1.11 -42.66
C GLU B 582 -35.78 0.46 -41.63
N GLN B 583 -35.70 -0.87 -41.51
CA GLN B 583 -36.56 -1.64 -40.60
C GLN B 583 -36.13 -1.44 -39.15
N LEU B 584 -34.90 -0.94 -38.94
CA LEU B 584 -34.34 -0.76 -37.60
C LEU B 584 -35.20 0.18 -36.78
N VAL B 585 -35.74 1.23 -37.43
CA VAL B 585 -36.58 2.21 -36.77
C VAL B 585 -37.79 1.51 -36.15
N ASP B 586 -38.26 0.45 -36.81
CA ASP B 586 -39.41 -0.33 -36.38
C ASP B 586 -39.01 -1.31 -35.27
N PHE B 587 -37.88 -1.98 -35.47
CA PHE B 587 -37.29 -2.88 -34.50
C PHE B 587 -37.18 -2.18 -33.14
N SER B 588 -36.82 -0.89 -33.18
CA SER B 588 -36.68 -0.05 -32.02
C SER B 588 -38.03 0.21 -31.35
N ILE B 589 -39.10 0.30 -32.18
CA ILE B 589 -40.46 0.44 -31.69
C ILE B 589 -40.81 -0.85 -30.95
N LEU B 590 -40.49 -1.98 -31.57
CA LEU B 590 -40.89 -3.28 -31.06
C LEU B 590 -40.16 -3.62 -29.75
N LEU B 591 -38.88 -3.24 -29.65
CA LEU B 591 -38.11 -3.56 -28.45
C LEU B 591 -38.58 -2.71 -27.28
N THR B 592 -38.84 -1.42 -27.54
CA THR B 592 -39.39 -0.52 -26.55
C THR B 592 -40.72 -1.08 -26.04
N ALA B 593 -41.59 -1.46 -26.98
CA ALA B 593 -42.90 -2.00 -26.69
C ALA B 593 -42.80 -3.22 -25.78
N TYR B 594 -41.87 -4.13 -26.09
CA TYR B 594 -41.68 -5.32 -25.27
C TYR B 594 -41.24 -4.90 -23.87
N ALA B 595 -40.26 -3.99 -23.81
CA ALA B 595 -39.68 -3.52 -22.56
C ALA B 595 -40.73 -2.76 -21.74
N ASP B 596 -41.58 -1.97 -22.41
CA ASP B 596 -42.56 -1.15 -21.73
C ASP B 596 -43.53 -2.02 -20.92
N LYS B 597 -43.98 -3.10 -21.57
CA LYS B 597 -44.88 -4.07 -20.98
C LYS B 597 -44.21 -4.73 -19.78
N TYR B 598 -42.94 -5.14 -19.95
CA TYR B 598 -42.23 -5.78 -18.86
C TYR B 598 -42.31 -4.90 -17.60
N PHE B 599 -41.91 -3.63 -17.76
CA PHE B 599 -41.73 -2.74 -16.62
C PHE B 599 -43.07 -2.25 -16.07
N SER B 600 -44.11 -2.22 -16.90
CA SER B 600 -45.44 -1.81 -16.43
C SER B 600 -46.06 -2.92 -15.58
N VAL B 601 -45.95 -4.17 -16.05
CA VAL B 601 -46.42 -5.33 -15.31
C VAL B 601 -45.78 -5.35 -13.92
N VAL B 602 -44.45 -5.18 -13.85
CA VAL B 602 -43.77 -5.30 -12.57
C VAL B 602 -44.10 -4.10 -11.70
N ASN B 603 -44.17 -2.91 -12.31
CA ASN B 603 -44.50 -1.71 -11.56
C ASN B 603 -45.88 -1.85 -10.93
N ALA B 604 -46.85 -2.33 -11.73
CA ALA B 604 -48.20 -2.57 -11.25
C ALA B 604 -48.18 -3.51 -10.05
N ALA B 605 -47.41 -4.60 -10.15
CA ALA B 605 -47.37 -5.60 -9.09
C ALA B 605 -46.86 -4.99 -7.79
N MET B 606 -45.83 -4.13 -7.89
CA MET B 606 -45.28 -3.42 -6.75
C MET B 606 -46.34 -2.51 -6.12
N ASP B 607 -47.19 -1.90 -6.96
CA ASP B 607 -48.24 -1.00 -6.49
C ASP B 607 -49.27 -1.78 -5.67
N LYS B 608 -49.50 -3.04 -6.08
CA LYS B 608 -50.48 -3.90 -5.44
C LYS B 608 -50.00 -4.39 -4.08
N TYR B 609 -48.69 -4.61 -3.93
CA TYR B 609 -48.21 -5.38 -2.78
C TYR B 609 -47.28 -4.59 -1.87
N LEU B 610 -46.41 -3.76 -2.45
CA LEU B 610 -45.55 -2.89 -1.64
C LEU B 610 -45.69 -1.44 -2.08
N PRO B 611 -46.89 -0.84 -1.99
CA PRO B 611 -47.14 0.48 -2.58
C PRO B 611 -46.28 1.60 -1.99
N ASN B 612 -45.81 1.42 -0.76
CA ASN B 612 -45.04 2.43 -0.05
C ASN B 612 -43.55 2.32 -0.37
N HIS B 613 -43.15 1.29 -1.12
CA HIS B 613 -41.73 0.99 -1.33
C HIS B 613 -41.30 1.27 -2.77
N MET B 614 -40.01 1.61 -2.94
CA MET B 614 -39.40 1.89 -4.23
C MET B 614 -39.19 0.60 -5.02
N TYR B 615 -39.32 0.73 -6.36
CA TYR B 615 -38.98 -0.33 -7.29
C TYR B 615 -37.71 0.07 -8.04
N LEU B 616 -36.69 -0.81 -7.95
CA LEU B 616 -35.34 -0.43 -8.30
C LEU B 616 -34.91 -1.05 -9.65
N GLY B 617 -35.88 -1.60 -10.39
CA GLY B 617 -35.64 -2.04 -11.76
C GLY B 617 -35.14 -3.48 -11.84
N ALA B 618 -34.39 -3.77 -12.92
CA ALA B 618 -34.04 -5.14 -13.32
C ALA B 618 -32.54 -5.34 -13.41
N ARG B 619 -31.77 -4.33 -12.97
CA ARG B 619 -30.33 -4.45 -12.84
C ARG B 619 -29.73 -4.80 -14.20
N PHE B 620 -29.66 -3.80 -15.09
CA PHE B 620 -29.11 -3.98 -16.43
C PHE B 620 -27.60 -4.13 -16.34
N PRO B 621 -26.99 -5.09 -17.09
CA PRO B 621 -25.53 -5.13 -17.21
C PRO B 621 -25.10 -4.09 -18.24
N ASP B 622 -23.99 -3.41 -17.96
CA ASP B 622 -23.51 -2.29 -18.76
C ASP B 622 -23.09 -2.80 -20.15
N TRP B 623 -22.92 -4.12 -20.27
CA TRP B 623 -22.56 -4.72 -21.54
C TRP B 623 -23.82 -5.06 -22.34
N GLY B 624 -24.98 -5.13 -21.66
CA GLY B 624 -26.24 -5.47 -22.31
C GLY B 624 -27.39 -4.55 -21.89
N MET B 625 -27.36 -3.29 -22.32
CA MET B 625 -28.39 -2.37 -21.90
C MET B 625 -28.90 -1.54 -23.09
N PRO B 626 -29.63 -2.17 -24.04
CA PRO B 626 -30.17 -1.45 -25.20
C PRO B 626 -30.91 -0.22 -24.71
N ILE B 627 -30.77 0.89 -25.42
CA ILE B 627 -31.27 2.18 -25.01
C ILE B 627 -32.80 2.14 -24.87
N GLU B 628 -33.46 1.35 -25.74
CA GLU B 628 -34.92 1.21 -25.73
C GLU B 628 -35.38 0.60 -24.41
N VAL B 629 -34.62 -0.38 -23.90
CA VAL B 629 -34.98 -1.03 -22.66
C VAL B 629 -34.80 -0.07 -21.48
N VAL B 630 -33.75 0.75 -21.51
CA VAL B 630 -33.50 1.66 -20.40
C VAL B 630 -34.62 2.69 -20.35
N LYS B 631 -34.92 3.25 -21.53
CA LYS B 631 -35.92 4.30 -21.70
C LYS B 631 -37.27 3.83 -21.15
N ALA B 632 -37.63 2.58 -21.46
CA ALA B 632 -38.91 2.03 -21.05
C ALA B 632 -38.98 1.91 -19.53
N SER B 633 -37.85 1.56 -18.90
CA SER B 633 -37.80 1.38 -17.45
C SER B 633 -37.97 2.72 -16.72
N ALA B 634 -37.56 3.82 -17.37
CA ALA B 634 -37.49 5.12 -16.72
C ALA B 634 -38.88 5.61 -16.32
N LYS B 635 -39.90 5.12 -17.02
CA LYS B 635 -41.27 5.57 -16.79
C LYS B 635 -41.87 4.87 -15.58
N TYR B 636 -41.22 3.80 -15.10
CA TYR B 636 -41.87 2.92 -14.13
C TYR B 636 -41.07 2.79 -12.84
N VAL B 637 -39.75 2.81 -12.93
CA VAL B 637 -38.90 2.54 -11.78
C VAL B 637 -38.62 3.84 -11.04
N ASP B 638 -38.40 3.72 -9.72
CA ASP B 638 -38.01 4.84 -8.87
C ASP B 638 -36.52 5.14 -9.06
N VAL B 639 -35.76 4.08 -9.34
CA VAL B 639 -34.32 4.11 -9.52
C VAL B 639 -33.99 3.10 -10.61
N ILE B 640 -33.13 3.49 -11.56
CA ILE B 640 -32.66 2.57 -12.58
C ILE B 640 -31.41 1.86 -12.05
N SER B 641 -31.43 0.52 -12.08
CA SER B 641 -30.31 -0.26 -11.59
C SER B 641 -29.46 -0.77 -12.76
N PHE B 642 -28.15 -0.75 -12.54
CA PHE B 642 -27.20 -1.33 -13.46
C PHE B 642 -26.11 -2.05 -12.66
N ASN B 643 -25.50 -3.05 -13.29
CA ASN B 643 -24.30 -3.67 -12.76
C ASN B 643 -23.15 -3.25 -13.67
N ALA B 644 -22.07 -2.72 -13.09
CA ALA B 644 -20.95 -2.26 -13.90
C ALA B 644 -19.62 -2.69 -13.27
N TYR B 645 -19.08 -3.82 -13.73
CA TYR B 645 -17.79 -4.33 -13.27
C TYR B 645 -16.68 -3.65 -14.08
N LYS B 646 -16.40 -2.39 -13.74
CA LYS B 646 -15.36 -1.60 -14.36
C LYS B 646 -14.53 -0.95 -13.25
N GLU B 647 -13.49 -0.19 -13.62
CA GLU B 647 -12.69 0.45 -12.58
C GLU B 647 -13.42 1.66 -12.02
N GLY B 648 -14.46 2.12 -12.73
CA GLY B 648 -15.26 3.24 -12.27
C GLY B 648 -16.38 3.56 -13.26
N LEU B 649 -17.21 4.54 -12.89
CA LEU B 649 -18.25 5.03 -13.76
C LEU B 649 -17.71 6.21 -14.56
N ARG B 650 -17.43 5.96 -15.84
CA ARG B 650 -16.78 6.93 -16.68
C ARG B 650 -17.83 7.92 -17.16
N ASP B 651 -17.43 9.19 -17.33
CA ASP B 651 -18.34 10.21 -17.79
C ASP B 651 -18.89 9.85 -19.18
N ASP B 652 -18.01 9.40 -20.08
CA ASP B 652 -18.42 9.09 -21.44
C ASP B 652 -19.52 8.04 -21.44
N LYS B 653 -19.31 6.98 -20.66
CA LYS B 653 -20.15 5.78 -20.64
C LYS B 653 -21.56 6.08 -20.09
N TRP B 654 -21.67 7.01 -19.13
CA TRP B 654 -22.92 7.16 -18.39
C TRP B 654 -23.63 8.47 -18.72
N ALA B 655 -23.14 9.17 -19.75
CA ALA B 655 -23.62 10.47 -20.17
C ALA B 655 -25.11 10.40 -20.54
N PHE B 656 -25.50 9.25 -21.10
CA PHE B 656 -26.85 9.01 -21.62
C PHE B 656 -27.89 9.13 -20.51
N LEU B 657 -27.48 9.05 -19.25
CA LEU B 657 -28.42 9.14 -18.13
C LEU B 657 -29.05 10.53 -18.05
N SER B 658 -28.41 11.52 -18.69
CA SER B 658 -28.86 12.90 -18.61
C SER B 658 -30.13 13.12 -19.43
N GLN B 659 -30.53 12.12 -20.23
CA GLN B 659 -31.69 12.25 -21.09
C GLN B 659 -32.97 11.83 -20.36
N PHE B 660 -32.82 11.21 -19.18
CA PHE B 660 -33.94 10.65 -18.44
C PHE B 660 -34.15 11.41 -17.14
N ASP B 661 -33.08 12.04 -16.66
CA ASP B 661 -33.07 12.64 -15.34
C ASP B 661 -33.79 11.71 -14.36
N LYS B 662 -33.16 10.57 -14.09
CA LYS B 662 -33.66 9.65 -13.09
C LYS B 662 -32.49 9.20 -12.22
N PRO B 663 -32.74 8.81 -10.94
CA PRO B 663 -31.67 8.34 -10.07
C PRO B 663 -31.31 6.91 -10.46
N ALA B 664 -30.04 6.54 -10.24
CA ALA B 664 -29.55 5.24 -10.63
C ALA B 664 -28.79 4.60 -9.47
N ILE B 665 -28.76 3.26 -9.44
CA ILE B 665 -27.96 2.56 -8.46
C ILE B 665 -27.14 1.49 -9.18
N ILE B 666 -25.96 1.19 -8.63
CA ILE B 666 -25.15 0.09 -9.12
C ILE B 666 -25.43 -1.09 -8.20
N GLY B 667 -25.91 -2.19 -8.81
CA GLY B 667 -26.30 -3.36 -8.04
C GLY B 667 -25.09 -4.20 -7.66
N GLU B 668 -24.07 -4.21 -8.52
CA GLU B 668 -22.90 -5.04 -8.34
C GLU B 668 -21.66 -4.35 -8.88
N PHE B 669 -20.58 -4.45 -8.11
CA PHE B 669 -19.22 -4.16 -8.55
C PHE B 669 -18.27 -4.86 -7.59
N HIS B 670 -17.00 -4.97 -7.99
CA HIS B 670 -15.96 -5.58 -7.16
C HIS B 670 -14.58 -5.35 -7.78
N VAL B 671 -13.55 -5.39 -6.93
CA VAL B 671 -12.17 -5.57 -7.34
C VAL B 671 -11.62 -6.79 -6.59
N GLY B 672 -10.66 -7.48 -7.20
CA GLY B 672 -10.01 -8.61 -6.54
C GLY B 672 -8.51 -8.62 -6.82
N SER B 673 -7.79 -9.48 -6.11
N SER B 673 -7.77 -9.46 -6.09
CA SER B 673 -6.35 -9.64 -6.27
CA SER B 673 -6.34 -9.63 -6.29
C SER B 673 -5.94 -11.07 -5.90
C SER B 673 -5.90 -11.03 -5.85
N SER B 674 -4.83 -11.52 -6.49
CA SER B 674 -4.36 -12.88 -6.33
C SER B 674 -3.66 -13.09 -4.99
N ASP B 675 -3.33 -12.00 -4.28
CA ASP B 675 -2.65 -12.13 -3.00
C ASP B 675 -3.60 -12.67 -1.93
N SER B 676 -4.87 -12.87 -2.31
CA SER B 676 -5.86 -13.49 -1.44
C SER B 676 -5.63 -15.01 -1.34
N GLY B 677 -4.77 -15.53 -2.20
CA GLY B 677 -4.56 -16.97 -2.26
C GLY B 677 -5.66 -17.68 -3.07
N LEU B 678 -6.57 -16.91 -3.68
CA LEU B 678 -7.52 -17.52 -4.59
C LEU B 678 -6.91 -17.63 -5.98
N PHE B 679 -7.48 -18.49 -6.82
CA PHE B 679 -6.93 -18.79 -8.13
C PHE B 679 -7.51 -17.85 -9.19
N HIS B 680 -8.50 -17.04 -8.80
CA HIS B 680 -9.13 -16.11 -9.73
C HIS B 680 -9.45 -14.81 -9.00
N PRO B 681 -8.80 -13.69 -9.39
CA PRO B 681 -9.06 -12.39 -8.76
C PRO B 681 -10.47 -11.88 -9.06
N GLY B 682 -11.06 -12.35 -10.15
CA GLY B 682 -12.40 -11.90 -10.54
C GLY B 682 -12.38 -11.12 -11.84
N LEU B 683 -13.32 -10.16 -11.97
CA LEU B 683 -13.55 -9.44 -13.21
C LEU B 683 -12.63 -8.23 -13.32
N ILE B 684 -12.44 -7.53 -12.19
CA ILE B 684 -11.57 -6.36 -12.14
C ILE B 684 -10.43 -6.64 -11.16
N HIS B 685 -9.19 -6.43 -11.63
CA HIS B 685 -8.00 -6.96 -10.97
C HIS B 685 -7.15 -5.84 -10.42
N ALA B 686 -6.68 -6.02 -9.18
CA ALA B 686 -5.78 -5.08 -8.50
C ALA B 686 -4.45 -5.78 -8.23
N ALA B 687 -3.46 -5.01 -7.77
CA ALA B 687 -2.12 -5.53 -7.60
C ALA B 687 -2.03 -6.34 -6.31
N ASN B 688 -2.83 -5.93 -5.32
CA ASN B 688 -2.77 -6.45 -3.96
C ASN B 688 -3.96 -5.91 -3.19
N GLN B 689 -4.17 -6.43 -1.97
CA GLN B 689 -5.32 -6.02 -1.17
C GLN B 689 -5.37 -4.50 -1.04
N GLN B 690 -4.20 -3.85 -0.88
CA GLN B 690 -4.18 -2.41 -0.67
C GLN B 690 -4.57 -1.66 -1.95
N ASP B 691 -4.09 -2.13 -3.11
CA ASP B 691 -4.50 -1.59 -4.40
C ASP B 691 -6.01 -1.81 -4.56
N ARG B 692 -6.45 -3.04 -4.23
CA ARG B 692 -7.86 -3.42 -4.26
C ARG B 692 -8.69 -2.33 -3.59
N ALA B 693 -8.31 -1.97 -2.36
CA ALA B 693 -9.03 -0.99 -1.55
C ALA B 693 -9.00 0.41 -2.20
N ASN B 694 -7.85 0.75 -2.79
CA ASN B 694 -7.64 2.05 -3.43
C ASN B 694 -8.48 2.15 -4.69
N MET B 695 -8.58 1.05 -5.43
CA MET B 695 -9.41 1.03 -6.62
C MET B 695 -10.87 1.10 -6.21
N TYR B 696 -11.22 0.41 -5.11
CA TYR B 696 -12.53 0.46 -4.50
C TYR B 696 -12.90 1.90 -4.19
N THR B 697 -11.96 2.61 -3.55
CA THR B 697 -12.15 4.02 -3.22
C THR B 697 -12.40 4.84 -4.48
N ASP B 698 -11.66 4.56 -5.55
CA ASP B 698 -11.81 5.27 -6.82
C ASP B 698 -13.19 5.02 -7.43
N TYR B 699 -13.65 3.76 -7.37
CA TYR B 699 -14.95 3.42 -7.92
C TYR B 699 -16.04 4.14 -7.11
N MET B 700 -15.97 4.01 -5.78
CA MET B 700 -16.98 4.59 -4.91
C MET B 700 -16.99 6.12 -5.04
N ASN B 701 -15.81 6.72 -5.24
CA ASN B 701 -15.71 8.15 -5.50
C ASN B 701 -16.45 8.51 -6.78
N SER B 702 -16.29 7.70 -7.83
CA SER B 702 -16.93 7.94 -9.11
C SER B 702 -18.46 7.86 -8.97
N VAL B 703 -18.92 6.93 -8.15
CA VAL B 703 -20.34 6.77 -7.89
C VAL B 703 -20.86 8.03 -7.18
N ILE B 704 -20.10 8.49 -6.19
CA ILE B 704 -20.49 9.56 -5.29
C ILE B 704 -20.54 10.89 -6.04
N ASP B 705 -19.65 11.06 -7.03
CA ASP B 705 -19.48 12.29 -7.78
C ASP B 705 -20.38 12.31 -9.01
N ASN B 706 -21.11 11.21 -9.25
CA ASN B 706 -22.03 11.15 -10.38
C ASN B 706 -23.41 11.63 -9.95
N PRO B 707 -23.97 12.67 -10.63
CA PRO B 707 -25.18 13.35 -10.16
C PRO B 707 -26.44 12.47 -10.25
N TYR B 708 -26.35 11.37 -11.01
CA TYR B 708 -27.50 10.50 -11.17
C TYR B 708 -27.44 9.36 -10.15
N PHE B 709 -26.23 8.91 -9.82
CA PHE B 709 -26.07 7.73 -9.00
C PHE B 709 -26.26 8.06 -7.52
N ILE B 710 -26.99 7.19 -6.82
CA ILE B 710 -27.38 7.42 -5.43
C ILE B 710 -26.79 6.33 -4.53
N GLY B 711 -25.88 5.50 -5.07
CA GLY B 711 -25.25 4.43 -4.31
C GLY B 711 -24.66 3.32 -5.18
N ALA B 712 -24.03 2.34 -4.52
CA ALA B 712 -23.52 1.14 -5.17
C ALA B 712 -23.37 0.03 -4.15
N HIS B 713 -23.62 -1.21 -4.60
CA HIS B 713 -23.49 -2.38 -3.74
C HIS B 713 -22.34 -3.26 -4.22
N TRP B 714 -21.51 -3.70 -3.26
CA TRP B 714 -20.37 -4.57 -3.49
C TRP B 714 -20.83 -6.02 -3.61
N PHE B 715 -20.34 -6.70 -4.65
CA PHE B 715 -20.55 -8.13 -4.84
C PHE B 715 -19.24 -8.84 -4.52
N GLN B 716 -19.16 -9.58 -3.41
CA GLN B 716 -20.23 -9.88 -2.46
C GLN B 716 -19.61 -9.91 -1.06
N TYR B 717 -20.35 -10.44 -0.08
CA TYR B 717 -19.91 -10.44 1.31
C TYR B 717 -18.75 -11.40 1.51
N ILE B 718 -18.92 -12.63 1.03
CA ILE B 718 -17.97 -13.73 1.24
C ILE B 718 -17.24 -14.05 -0.07
N ASP B 719 -15.94 -14.34 0.02
CA ASP B 719 -15.20 -14.89 -1.11
C ASP B 719 -15.96 -16.07 -1.70
N SER B 720 -15.95 -16.16 -3.04
CA SER B 720 -16.35 -17.40 -3.69
C SER B 720 -15.49 -18.52 -3.14
N PRO B 721 -16.04 -19.74 -2.92
CA PRO B 721 -15.23 -20.90 -2.56
C PRO B 721 -14.09 -21.09 -3.57
N ILE B 722 -12.93 -21.52 -3.06
CA ILE B 722 -11.71 -21.60 -3.85
C ILE B 722 -11.85 -22.61 -5.00
N THR B 723 -12.73 -23.61 -4.82
CA THR B 723 -12.95 -24.63 -5.82
C THR B 723 -14.19 -24.30 -6.64
N GLY B 724 -14.77 -23.13 -6.37
CA GLY B 724 -15.89 -22.60 -7.15
C GLY B 724 -17.24 -22.87 -6.50
N ARG B 725 -18.11 -21.87 -6.54
CA ARG B 725 -19.49 -22.04 -6.10
C ARG B 725 -20.14 -23.10 -6.98
N ALA B 726 -21.08 -23.84 -6.39
CA ALA B 726 -21.59 -25.08 -6.96
C ALA B 726 -22.31 -24.83 -8.28
N TYR B 727 -22.79 -23.60 -8.50
CA TYR B 727 -23.62 -23.36 -9.66
C TYR B 727 -22.80 -23.36 -10.95
N ASP B 728 -21.65 -22.67 -10.96
CA ASP B 728 -21.01 -22.35 -12.23
C ASP B 728 -19.49 -22.38 -12.13
N GLY B 729 -18.95 -22.70 -10.94
CA GLY B 729 -17.52 -22.86 -10.75
C GLY B 729 -16.77 -21.56 -10.47
N GLU B 730 -17.52 -20.45 -10.39
N GLU B 730 -17.52 -20.44 -10.41
CA GLU B 730 -16.98 -19.13 -10.12
CA GLU B 730 -16.96 -19.13 -10.14
C GLU B 730 -16.23 -19.15 -8.79
C GLU B 730 -16.23 -19.17 -8.81
N ASN B 731 -14.94 -18.83 -8.83
CA ASN B 731 -14.07 -18.92 -7.67
C ASN B 731 -13.27 -17.63 -7.46
N TYR B 732 -13.98 -16.49 -7.49
CA TYR B 732 -13.36 -15.18 -7.52
C TYR B 732 -13.00 -14.69 -6.12
N ASN B 733 -12.06 -13.75 -6.04
CA ASN B 733 -11.84 -12.93 -4.84
C ASN B 733 -12.81 -11.74 -4.83
N VAL B 734 -14.08 -12.02 -4.51
CA VAL B 734 -15.13 -11.01 -4.51
C VAL B 734 -15.53 -10.65 -3.07
N GLY B 735 -14.91 -11.30 -2.09
CA GLY B 735 -15.38 -11.20 -0.72
C GLY B 735 -14.88 -9.94 -0.02
N PHE B 736 -15.74 -9.35 0.81
CA PHE B 736 -15.29 -8.39 1.82
C PHE B 736 -14.71 -9.12 3.02
N ILE B 737 -15.09 -10.40 3.20
CA ILE B 737 -14.47 -11.28 4.17
C ILE B 737 -14.04 -12.56 3.47
N SER B 738 -13.08 -13.28 4.06
CA SER B 738 -12.60 -14.53 3.51
C SER B 738 -13.47 -15.69 4.00
N VAL B 739 -13.12 -16.90 3.54
CA VAL B 739 -13.82 -18.14 3.83
C VAL B 739 -13.76 -18.41 5.33
N THR B 740 -12.74 -17.86 6.00
CA THR B 740 -12.53 -18.07 7.44
C THR B 740 -13.10 -16.90 8.23
N ASP B 741 -14.06 -16.19 7.63
CA ASP B 741 -14.85 -15.16 8.29
C ASP B 741 -13.94 -14.05 8.81
N ARG B 742 -12.82 -13.82 8.12
CA ARG B 742 -11.91 -12.74 8.45
C ARG B 742 -12.08 -11.61 7.44
N PRO B 743 -12.51 -10.40 7.87
CA PRO B 743 -12.56 -9.24 6.97
C PRO B 743 -11.20 -8.91 6.38
N TYR B 744 -11.19 -8.63 5.06
CA TYR B 744 -10.03 -8.07 4.42
C TYR B 744 -9.80 -6.66 4.98
N ILE B 745 -8.72 -6.53 5.76
CA ILE B 745 -8.48 -5.35 6.57
C ILE B 745 -8.45 -4.08 5.72
N GLU B 746 -7.69 -4.10 4.62
CA GLU B 746 -7.46 -2.90 3.80
C GLU B 746 -8.78 -2.43 3.20
N MET B 747 -9.60 -3.39 2.77
CA MET B 747 -10.93 -3.12 2.22
C MET B 747 -11.77 -2.40 3.27
N ILE B 748 -11.73 -2.90 4.51
CA ILE B 748 -12.56 -2.37 5.58
C ILE B 748 -12.24 -0.88 5.80
N GLU B 749 -10.95 -0.55 5.80
CA GLU B 749 -10.50 0.79 6.14
C GLU B 749 -10.83 1.77 5.02
N ALA B 750 -10.78 1.29 3.78
CA ALA B 750 -11.25 2.07 2.64
C ALA B 750 -12.76 2.29 2.75
N ALA B 751 -13.49 1.21 3.09
CA ALA B 751 -14.93 1.27 3.28
C ALA B 751 -15.28 2.32 4.34
N LYS B 752 -14.58 2.28 5.48
CA LYS B 752 -14.89 3.17 6.59
C LYS B 752 -14.67 4.63 6.16
N ALA B 753 -13.54 4.87 5.48
CA ALA B 753 -13.20 6.19 4.99
C ALA B 753 -14.28 6.70 4.03
N MET B 754 -14.64 5.86 3.05
CA MET B 754 -15.58 6.23 2.01
CA MET B 754 -15.59 6.21 2.00
C MET B 754 -16.93 6.59 2.62
N ASN B 755 -17.44 5.71 3.49
CA ASN B 755 -18.75 5.88 4.11
C ASN B 755 -18.80 7.16 4.95
N GLU B 756 -17.68 7.49 5.59
CA GLU B 756 -17.56 8.65 6.45
C GLU B 756 -17.79 9.94 5.67
N SER B 757 -17.13 10.07 4.51
CA SER B 757 -17.06 11.37 3.84
C SER B 757 -18.03 11.45 2.67
N MET B 758 -18.94 10.47 2.54
CA MET B 758 -19.68 10.33 1.30
C MET B 758 -20.75 11.42 1.12
N TYR B 759 -21.44 11.76 2.23
CA TYR B 759 -22.55 12.71 2.19
C TYR B 759 -22.04 14.13 1.93
N GLU B 760 -20.91 14.45 2.57
CA GLU B 760 -20.30 15.77 2.49
C GLU B 760 -19.67 15.95 1.12
N ARG B 761 -19.03 14.90 0.61
CA ARG B 761 -18.38 14.92 -0.70
C ARG B 761 -19.39 15.19 -1.82
N ARG B 762 -20.56 14.56 -1.72
CA ARG B 762 -21.57 14.64 -2.76
C ARG B 762 -22.26 16.00 -2.74
N PHE B 763 -22.57 16.49 -1.53
CA PHE B 763 -23.54 17.57 -1.36
C PHE B 763 -22.91 18.85 -0.83
N LYS B 764 -21.90 18.72 0.05
CA LYS B 764 -21.26 19.87 0.67
C LYS B 764 -20.14 20.40 -0.23
C1 EDO C . 33.75 -7.91 5.87
O1 EDO C . 33.33 -6.56 5.89
C2 EDO C . 32.74 -8.87 6.39
O2 EDO C . 32.32 -8.59 7.72
C1 EDO D . 27.94 2.88 9.32
O1 EDO D . 28.22 4.15 9.86
C2 EDO D . 29.16 2.11 8.97
O2 EDO D . 30.20 2.90 8.41
#